data_9M8S
#
_entry.id   9M8S
#
_cell.length_a   1.00
_cell.length_b   1.00
_cell.length_c   1.00
_cell.angle_alpha   90.00
_cell.angle_beta   90.00
_cell.angle_gamma   90.00
#
_symmetry.space_group_name_H-M   'P 1'
#
_entity_poly.entity_id   1
_entity_poly.type   'polypeptide(L)'
_entity_poly.pdbx_seq_one_letter_code
;MKRSLRKMWRPGEKKEPQGVVYEDVPDDTEDFKESLKVVFEGSAYGLQNFNKQKKLKRCDDMDTFFLHYAAAEGQIELME
KITRDSSLEVLHEMDDYGNTPLHCAVEKNQIESVKFLLSRGANPNLRNFNMMAPLHIAVQGMNNEVMKVLLEHRTIDVNL
EGENGNTAVIIACTTNNSEALQILLKKGAKPCKSNKWGCFPIHQAAFSGSKECMEIILRFGEEHGYSRQLHINFMNNGKA
TPLHLAVQNGDLEMIKMCLDNGAQIDPVEKGRCTAIHFAATQGATEIVKLMISSYSGSVDIVNTTDGCHETMLHRASLFD
HHELADYLISVGADINKIDSEGRSPLILATASASWNIVNLLLSKGAQVDIKDNFGRNFLHLTVQQPYGLKNLRPEFMQMQ
QIKELVMDEDNDGCTPLHYACRQGGPGSVNNLLGFNVSIHSKSKDKKSPLHFAASYGRINTCQRLLQDISDTRLLNEGDL
HGMTPLHLAAKNGHDKVVQLLLKKGALFLSDHNGWTALHHASMGGYTQTMKVILDTNLKCTDRLDEDGNTALHFAAREGH
AKAVALLLSHNADIVLNKQQASFLHLALHNKRKEVVLTIIRSKRWDECLKIFSHNSPGNKCPITEMIEYLPECMKVLLDF
CMLHSTEDKSCRDYYIEYNFKYLQCPLEFTKKTPTQDVIYEPLTALNAMVQNNRIELLNHPVCKEYLLMKWLAYGFRAHM
MNLGSYCLGLIPMTILVVNIKPGMAFNSTGIINETSDHSEILDTTNSYLIKTCMILVFLSSIFGYCKEAGQIFQQKRNYF
MDISNVLEWIIYTTGIIFVLPLFVEIPAHLQWQCGAIAVYFYWMNFLLYLQRFENCGIFIVMLEVILKTLLRSTVVFIFL
LLAFGLSFYILLNLQDPFSSPLLSIIQTFSMMLGDINYRESFLEPYLRNELAHPVLSFAQLVSFTIFVPIVLMNLLIGLA
VGDIAEVQKHASLKRIAMQVELHTSLEKKLPLWFLRKVDQKSTIVYPNKPRSGGMLFHIFCFLFCTGEIRQEIPNADKSL
EMEILKQKYRLKDLTFLLEKQHELIKLIIQKMEIISETEDDDSHCSFQDRFKKEQMEQRNSRWNTVLRAVKAKTHHLEP
;
_entity_poly.pdbx_strand_id   B,A,C,D
#
# COMPACT_ATOMS: atom_id res chain seq x y z
N LYS A 447 11.56 -35.66 52.48
CA LYS A 447 11.09 -35.93 51.12
C LYS A 447 10.77 -34.63 50.39
N SER A 448 9.66 -34.01 50.76
CA SER A 448 9.26 -32.75 50.14
C SER A 448 10.28 -31.63 50.32
N PRO A 449 10.86 -31.40 51.52
CA PRO A 449 11.87 -30.34 51.63
C PRO A 449 13.07 -30.53 50.70
N LEU A 450 13.51 -31.77 50.51
CA LEU A 450 14.64 -32.01 49.61
C LEU A 450 14.26 -31.65 48.18
N HIS A 451 13.06 -32.03 47.74
CA HIS A 451 12.60 -31.68 46.40
C HIS A 451 12.50 -30.17 46.24
N PHE A 452 11.98 -29.48 47.24
CA PHE A 452 11.87 -28.02 47.16
C PHE A 452 13.24 -27.37 47.10
N ALA A 453 14.18 -27.82 47.93
CA ALA A 453 15.51 -27.23 47.93
C ALA A 453 16.24 -27.48 46.61
N ALA A 454 16.14 -28.69 46.07
CA ALA A 454 16.80 -28.99 44.81
C ALA A 454 16.13 -28.25 43.66
N SER A 455 14.82 -28.01 43.76
CA SER A 455 14.11 -27.33 42.68
C SER A 455 14.60 -25.90 42.49
N TYR A 456 14.84 -25.19 43.59
CA TYR A 456 15.14 -23.76 43.54
C TYR A 456 16.57 -23.43 43.94
N GLY A 457 17.48 -24.40 43.84
CA GLY A 457 18.89 -24.15 44.04
C GLY A 457 19.30 -23.71 45.43
N ARG A 458 18.64 -24.23 46.46
CA ARG A 458 19.04 -23.96 47.84
C ARG A 458 20.11 -24.99 48.20
N ILE A 459 21.36 -24.66 47.86
CA ILE A 459 22.45 -25.62 47.99
C ILE A 459 22.75 -25.91 49.45
N ASN A 460 22.67 -24.89 50.32
CA ASN A 460 22.98 -25.10 51.72
C ASN A 460 22.01 -26.08 52.37
N THR A 461 20.72 -25.95 52.07
CA THR A 461 19.73 -26.87 52.63
C THR A 461 19.98 -28.30 52.13
N CYS A 462 20.29 -28.45 50.85
CA CYS A 462 20.57 -29.78 50.31
C CYS A 462 21.80 -30.40 50.97
N GLN A 463 22.85 -29.61 51.16
CA GLN A 463 24.07 -30.12 51.80
C GLN A 463 23.80 -30.51 53.24
N ARG A 464 23.07 -29.68 53.99
CA ARG A 464 22.81 -29.98 55.39
C ARG A 464 21.75 -31.06 55.58
N LEU A 465 20.98 -31.38 54.55
CA LEU A 465 19.99 -32.43 54.66
C LEU A 465 20.51 -33.79 54.19
N LEU A 466 21.31 -33.82 53.13
CA LEU A 466 21.81 -35.07 52.58
C LEU A 466 23.06 -35.59 53.28
N GLN A 467 23.60 -34.86 54.25
CA GLN A 467 24.79 -35.28 54.96
C GLN A 467 24.48 -36.16 56.17
N ASP A 468 23.21 -36.43 56.45
CA ASP A 468 22.85 -37.19 57.65
C ASP A 468 23.31 -38.64 57.54
N ILE A 469 23.02 -39.30 56.41
CA ILE A 469 23.32 -40.71 56.24
C ILE A 469 24.02 -40.92 54.90
N SER A 470 24.76 -42.02 54.81
CA SER A 470 25.47 -42.40 53.59
C SER A 470 24.80 -43.55 52.86
N ASP A 471 23.61 -43.97 53.29
CA ASP A 471 22.91 -45.07 52.63
C ASP A 471 22.27 -44.66 51.30
N THR A 472 22.07 -43.36 51.09
CA THR A 472 21.55 -42.82 49.83
C THR A 472 20.19 -43.43 49.48
N ARG A 473 19.21 -43.17 50.34
CA ARG A 473 17.84 -43.61 50.12
C ARG A 473 16.90 -42.47 49.76
N LEU A 474 17.39 -41.23 49.71
CA LEU A 474 16.55 -40.07 49.43
C LEU A 474 16.74 -39.50 48.03
N LEU A 475 17.95 -39.55 47.48
CA LEU A 475 18.19 -38.97 46.17
C LEU A 475 17.46 -39.72 45.07
N ASN A 476 17.26 -41.03 45.22
CA ASN A 476 16.62 -41.86 44.21
C ASN A 476 15.16 -42.05 44.60
N GLU A 477 14.35 -41.05 44.27
CA GLU A 477 12.91 -41.12 44.50
C GLU A 477 12.21 -40.12 43.60
N GLY A 478 10.94 -40.40 43.29
CA GLY A 478 10.17 -39.50 42.48
C GLY A 478 8.87 -39.07 43.12
N ASP A 479 8.75 -37.78 43.42
CA ASP A 479 7.53 -37.23 44.04
C ASP A 479 6.60 -36.81 42.91
N LEU A 480 5.69 -37.71 42.55
CA LEU A 480 4.72 -37.53 41.46
C LEU A 480 5.42 -37.52 40.11
N HIS A 481 4.88 -38.27 39.15
CA HIS A 481 5.46 -38.43 37.81
C HIS A 481 6.87 -39.01 37.86
N GLY A 482 7.26 -39.59 39.00
CA GLY A 482 8.58 -40.18 39.14
C GLY A 482 9.73 -39.21 38.96
N MET A 483 9.53 -37.93 39.26
CA MET A 483 10.53 -36.92 38.99
C MET A 483 11.57 -36.91 40.10
N THR A 484 12.80 -37.27 39.76
CA THR A 484 13.91 -37.21 40.70
C THR A 484 14.21 -35.76 41.07
N PRO A 485 14.66 -35.50 42.30
CA PRO A 485 15.11 -34.13 42.62
C PRO A 485 16.24 -33.66 41.70
N LEU A 486 17.06 -34.58 41.20
CA LEU A 486 18.02 -34.21 40.16
C LEU A 486 17.32 -33.73 38.91
N HIS A 487 16.18 -34.36 38.57
CA HIS A 487 15.38 -33.89 37.43
C HIS A 487 14.88 -32.47 37.67
N LEU A 488 14.42 -32.18 38.89
CA LEU A 488 13.97 -30.83 39.23
C LEU A 488 15.12 -29.82 39.10
N ALA A 489 16.30 -30.19 39.62
CA ALA A 489 17.44 -29.29 39.54
C ALA A 489 17.84 -29.01 38.10
N ALA A 490 17.84 -30.04 37.26
CA ALA A 490 18.16 -29.83 35.86
C ALA A 490 17.08 -29.02 35.15
N LYS A 491 15.82 -29.22 35.54
CA LYS A 491 14.71 -28.50 34.94
C LYS A 491 14.79 -27.01 35.23
N ASN A 492 15.16 -26.65 36.46
CA ASN A 492 15.28 -25.24 36.83
C ASN A 492 16.67 -24.68 36.59
N GLY A 493 17.60 -25.50 36.12
CA GLY A 493 18.93 -25.03 35.76
C GLY A 493 19.77 -24.52 36.91
N HIS A 494 20.03 -25.41 37.87
CA HIS A 494 20.85 -25.07 39.05
C HIS A 494 22.10 -25.95 39.00
N ASP A 495 23.20 -25.37 38.55
CA ASP A 495 24.42 -26.15 38.32
C ASP A 495 25.01 -26.68 39.61
N LYS A 496 25.08 -25.84 40.65
CA LYS A 496 25.79 -26.22 41.86
C LYS A 496 25.09 -27.38 42.58
N VAL A 497 23.77 -27.34 42.68
CA VAL A 497 23.07 -28.43 43.34
C VAL A 497 23.14 -29.70 42.52
N VAL A 498 23.18 -29.58 41.19
CA VAL A 498 23.37 -30.74 40.32
C VAL A 498 24.73 -31.37 40.59
N GLN A 499 25.77 -30.53 40.71
CA GLN A 499 27.11 -31.03 41.02
C GLN A 499 27.13 -31.71 42.39
N LEU A 500 26.46 -31.10 43.37
CA LEU A 500 26.42 -31.67 44.71
C LEU A 500 25.73 -33.04 44.71
N LEU A 501 24.62 -33.15 43.97
CA LEU A 501 23.93 -34.43 43.88
C LEU A 501 24.80 -35.47 43.18
N LEU A 502 25.37 -35.12 42.03
CA LEU A 502 26.14 -36.09 41.27
C LEU A 502 27.38 -36.55 42.03
N LYS A 503 28.02 -35.64 42.76
CA LYS A 503 29.21 -36.00 43.52
C LYS A 503 28.87 -37.02 44.62
N LYS A 504 27.77 -36.81 45.32
CA LYS A 504 27.40 -37.65 46.46
C LYS A 504 26.44 -38.78 46.03
N GLY A 505 26.94 -39.61 45.11
CA GLY A 505 26.26 -40.84 44.75
C GLY A 505 24.88 -40.70 44.14
N ALA A 506 24.72 -39.80 43.17
CA ALA A 506 23.46 -39.74 42.43
C ALA A 506 23.42 -40.82 41.36
N LEU A 507 22.21 -41.14 40.92
CA LEU A 507 21.99 -42.16 39.90
C LEU A 507 21.12 -41.58 38.80
N PHE A 508 21.34 -42.05 37.57
CA PHE A 508 20.59 -41.62 36.41
C PHE A 508 19.38 -42.53 36.24
N LEU A 509 18.20 -42.00 36.48
CA LEU A 509 16.96 -42.73 36.33
C LEU A 509 16.08 -42.05 35.28
N SER A 510 14.92 -42.63 35.03
CA SER A 510 13.95 -42.10 34.07
C SER A 510 12.62 -41.88 34.78
N ASP A 511 12.06 -40.70 34.61
CA ASP A 511 10.77 -40.36 35.20
C ASP A 511 9.64 -40.83 34.29
N HIS A 512 8.41 -40.40 34.58
CA HIS A 512 7.29 -40.70 33.70
C HIS A 512 7.49 -40.01 32.35
N ASN A 513 6.96 -40.64 31.30
CA ASN A 513 7.18 -40.26 29.90
C ASN A 513 8.61 -40.48 29.45
N GLY A 514 9.43 -41.16 30.24
CA GLY A 514 10.76 -41.56 29.82
C GLY A 514 11.80 -40.47 29.81
N TRP A 515 11.50 -39.29 30.35
CA TRP A 515 12.44 -38.18 30.34
C TRP A 515 13.59 -38.45 31.31
N THR A 516 14.54 -37.52 31.34
CA THR A 516 15.67 -37.60 32.26
C THR A 516 16.13 -36.18 32.57
N ALA A 517 17.25 -36.09 33.30
CA ALA A 517 17.81 -34.78 33.63
C ALA A 517 18.28 -34.04 32.38
N LEU A 518 18.90 -34.78 31.45
CA LEU A 518 19.37 -34.15 30.22
C LEU A 518 18.23 -33.60 29.39
N HIS A 519 17.09 -34.31 29.37
CA HIS A 519 15.92 -33.80 28.65
C HIS A 519 15.42 -32.49 29.24
N HIS A 520 15.36 -32.40 30.56
CA HIS A 520 14.92 -31.17 31.20
C HIS A 520 15.92 -30.04 30.97
N ALA A 521 17.21 -30.35 31.01
CA ALA A 521 18.23 -29.34 30.72
C ALA A 521 18.11 -28.84 29.28
N SER A 522 17.80 -29.74 28.34
CA SER A 522 17.58 -29.35 26.96
C SER A 522 16.34 -28.46 26.85
N MET A 523 15.27 -28.81 27.54
CA MET A 523 14.05 -28.01 27.50
C MET A 523 14.28 -26.61 28.06
N GLY A 524 15.03 -26.50 29.16
CA GLY A 524 15.33 -25.21 29.72
C GLY A 524 16.48 -24.47 29.06
N GLY A 525 17.28 -25.16 28.26
CA GLY A 525 18.40 -24.53 27.59
C GLY A 525 19.50 -24.04 28.51
N TYR A 526 19.77 -24.77 29.58
CA TYR A 526 20.83 -24.41 30.53
C TYR A 526 22.10 -25.12 30.11
N THR A 527 22.95 -24.40 29.36
CA THR A 527 24.14 -25.01 28.81
C THR A 527 25.13 -25.41 29.89
N GLN A 528 25.21 -24.65 30.97
CA GLN A 528 26.13 -24.98 32.05
C GLN A 528 25.76 -26.30 32.71
N THR A 529 24.47 -26.53 32.94
CA THR A 529 24.03 -27.81 33.49
C THR A 529 24.36 -28.96 32.55
N MET A 530 24.16 -28.75 31.24
CA MET A 530 24.54 -29.77 30.26
C MET A 530 26.03 -30.08 30.33
N LYS A 531 26.87 -29.05 30.37
CA LYS A 531 28.31 -29.30 30.34
C LYS A 531 28.78 -29.94 31.64
N VAL A 532 28.05 -29.71 32.74
CA VAL A 532 28.41 -30.31 34.01
C VAL A 532 27.91 -31.75 34.12
N ILE A 533 26.76 -32.07 33.51
CA ILE A 533 26.19 -33.40 33.63
C ILE A 533 26.69 -34.35 32.53
N LEU A 534 27.25 -33.82 31.45
CA LEU A 534 27.64 -34.65 30.32
C LEU A 534 28.94 -35.42 30.55
N ASP A 535 29.85 -34.90 31.38
CA ASP A 535 31.17 -35.50 31.54
C ASP A 535 31.29 -36.34 32.80
N THR A 536 30.23 -37.06 33.18
CA THR A 536 30.29 -37.96 34.33
C THR A 536 30.22 -39.43 33.95
N ASN A 537 29.43 -39.78 32.95
CA ASN A 537 29.33 -41.18 32.53
C ASN A 537 29.45 -41.33 31.03
N LEU A 538 29.09 -40.27 30.28
CA LEU A 538 29.01 -40.31 28.82
C LEU A 538 28.09 -41.42 28.34
N LYS A 539 27.00 -41.66 29.06
CA LYS A 539 26.02 -42.68 28.70
C LYS A 539 24.59 -42.17 28.62
N CYS A 540 24.30 -40.97 29.12
CA CYS A 540 22.96 -40.40 29.03
C CYS A 540 22.79 -39.49 27.82
N THR A 541 23.80 -39.38 26.96
CA THR A 541 23.68 -38.52 25.79
C THR A 541 22.59 -39.00 24.85
N ASP A 542 22.53 -40.30 24.60
CA ASP A 542 21.56 -40.90 23.67
C ASP A 542 20.60 -41.76 24.47
N ARG A 543 19.53 -41.14 24.97
CA ARG A 543 18.47 -41.83 25.69
C ARG A 543 17.13 -41.47 25.05
N LEU A 544 16.25 -42.47 24.93
CA LEU A 544 14.95 -42.30 24.31
C LEU A 544 13.87 -42.23 25.37
N ASP A 545 13.01 -41.23 25.26
CA ASP A 545 11.87 -41.09 26.16
C ASP A 545 10.75 -42.01 25.68
N GLU A 546 9.56 -41.86 26.28
CA GLU A 546 8.43 -42.69 25.86
C GLU A 546 8.00 -42.41 24.42
N ASP A 547 8.38 -41.25 23.87
CA ASP A 547 8.08 -40.91 22.49
C ASP A 547 9.28 -41.08 21.57
N GLY A 548 10.45 -41.37 22.11
CA GLY A 548 11.65 -41.55 21.32
C GLY A 548 12.50 -40.32 21.12
N ASN A 549 12.03 -39.15 21.56
CA ASN A 549 12.82 -37.93 21.42
C ASN A 549 14.02 -37.96 22.36
N THR A 550 15.12 -37.40 21.90
CA THR A 550 16.36 -37.31 22.67
C THR A 550 16.52 -35.89 23.20
N ALA A 551 17.67 -35.64 23.82
CA ALA A 551 17.99 -34.29 24.28
C ALA A 551 18.16 -33.32 23.12
N LEU A 552 18.73 -33.80 22.01
CA LEU A 552 18.94 -32.94 20.85
C LEU A 552 17.62 -32.45 20.28
N HIS A 553 16.61 -33.31 20.24
CA HIS A 553 15.31 -32.92 19.70
C HIS A 553 14.71 -31.76 20.50
N PHE A 554 14.70 -31.89 21.84
CA PHE A 554 14.17 -30.82 22.67
C PHE A 554 14.99 -29.55 22.55
N ALA A 555 16.32 -29.69 22.54
CA ALA A 555 17.19 -28.52 22.45
C ALA A 555 16.97 -27.76 21.15
N ALA A 556 16.80 -28.50 20.04
CA ALA A 556 16.56 -27.84 18.76
C ALA A 556 15.16 -27.27 18.67
N ARG A 557 14.16 -27.95 19.25
CA ARG A 557 12.79 -27.47 19.19
C ARG A 557 12.58 -26.21 20.01
N GLU A 558 13.20 -26.12 21.19
CA GLU A 558 12.99 -24.96 22.05
C GLU A 558 13.76 -23.73 21.59
N GLY A 559 14.65 -23.86 20.62
CA GLY A 559 15.35 -22.71 20.07
C GLY A 559 16.68 -22.38 20.73
N HIS A 560 17.25 -23.30 21.50
CA HIS A 560 18.51 -23.07 22.19
C HIS A 560 19.65 -23.46 21.27
N ALA A 561 20.15 -22.49 20.51
CA ALA A 561 21.21 -22.76 19.54
C ALA A 561 22.51 -23.14 20.23
N LYS A 562 22.87 -22.43 21.30
CA LYS A 562 24.13 -22.70 21.99
C LYS A 562 24.11 -24.08 22.65
N ALA A 563 22.98 -24.47 23.25
CA ALA A 563 22.85 -25.81 23.78
C ALA A 563 22.96 -26.86 22.68
N VAL A 564 22.36 -26.58 21.52
CA VAL A 564 22.46 -27.51 20.40
C VAL A 564 23.90 -27.67 19.95
N ALA A 565 24.64 -26.56 19.88
CA ALA A 565 26.06 -26.64 19.50
C ALA A 565 26.86 -27.43 20.53
N LEU A 566 26.60 -27.19 21.82
CA LEU A 566 27.31 -27.91 22.86
C LEU A 566 27.03 -29.40 22.79
N LEU A 567 25.77 -29.78 22.54
CA LEU A 567 25.42 -31.19 22.41
C LEU A 567 26.09 -31.81 21.19
N LEU A 568 26.01 -31.14 20.04
CA LEU A 568 26.56 -31.69 18.81
C LEU A 568 28.08 -31.86 18.91
N SER A 569 28.76 -30.89 19.52
CA SER A 569 30.21 -30.99 19.68
C SER A 569 30.58 -32.18 20.56
N HIS A 570 29.72 -32.52 21.53
CA HIS A 570 30.02 -33.62 22.43
C HIS A 570 29.46 -34.94 21.89
N ASN A 571 29.76 -35.25 20.63
CA ASN A 571 29.45 -36.52 19.99
C ASN A 571 27.98 -36.93 20.21
N ALA A 572 27.09 -36.00 19.93
CA ALA A 572 25.67 -36.30 19.98
C ALA A 572 25.28 -37.27 18.87
N ASP A 573 24.30 -38.11 19.15
CA ASP A 573 23.84 -39.13 18.21
C ASP A 573 22.49 -38.68 17.64
N ILE A 574 22.37 -38.75 16.32
CA ILE A 574 21.14 -38.35 15.63
C ILE A 574 20.29 -39.60 15.41
N VAL A 575 19.09 -39.60 15.99
CA VAL A 575 18.16 -40.71 15.88
C VAL A 575 16.80 -40.15 15.49
N LEU A 576 16.17 -40.77 14.48
CA LEU A 576 14.85 -40.36 14.07
C LEU A 576 13.83 -40.63 15.16
N ASN A 577 12.89 -39.70 15.32
CA ASN A 577 11.81 -39.86 16.28
C ASN A 577 10.86 -40.97 15.84
N LYS A 578 10.07 -41.48 16.79
CA LYS A 578 9.05 -42.47 16.46
C LYS A 578 8.07 -41.95 15.42
N GLN A 579 7.87 -40.63 15.36
CA GLN A 579 7.10 -39.97 14.33
C GLN A 579 7.90 -39.86 13.03
N GLN A 580 9.22 -40.10 13.10
CA GLN A 580 10.17 -39.87 12.00
C GLN A 580 10.35 -38.37 11.75
N ALA A 581 10.57 -37.63 12.83
CA ALA A 581 10.87 -36.20 12.80
C ALA A 581 12.20 -35.97 13.49
N SER A 582 13.24 -35.69 12.72
CA SER A 582 14.57 -35.46 13.28
C SER A 582 14.62 -34.11 14.00
N PHE A 583 15.73 -33.88 14.69
CA PHE A 583 15.89 -32.63 15.43
C PHE A 583 15.96 -31.43 14.49
N LEU A 584 16.63 -31.60 13.34
CA LEU A 584 16.65 -30.52 12.35
C LEU A 584 15.24 -30.24 11.83
N HIS A 585 14.45 -31.30 11.61
CA HIS A 585 13.08 -31.11 11.17
C HIS A 585 12.25 -30.35 12.20
N LEU A 586 12.44 -30.68 13.48
CA LEU A 586 11.72 -29.98 14.55
C LEU A 586 12.15 -28.52 14.60
N ALA A 587 13.44 -28.25 14.43
CA ALA A 587 13.91 -26.86 14.40
C ALA A 587 13.30 -26.09 13.23
N LEU A 588 13.21 -26.74 12.06
CA LEU A 588 12.64 -26.08 10.88
C LEU A 588 11.15 -25.82 11.04
N HIS A 589 10.42 -26.79 11.59
CA HIS A 589 8.97 -26.63 11.73
C HIS A 589 8.59 -25.55 12.73
N ASN A 590 9.45 -25.28 13.71
CA ASN A 590 9.21 -24.24 14.71
C ASN A 590 9.83 -22.91 14.29
N LYS A 591 10.51 -22.87 13.15
CA LYS A 591 11.08 -21.66 12.57
C LYS A 591 12.07 -21.00 13.53
N ARG A 592 13.13 -21.75 13.82
CA ARG A 592 14.25 -21.27 14.62
C ARG A 592 15.43 -21.04 13.71
N LYS A 593 15.70 -19.77 13.39
CA LYS A 593 16.74 -19.42 12.42
C LYS A 593 18.14 -19.67 12.97
N GLU A 594 18.40 -19.22 14.20
CA GLU A 594 19.74 -19.36 14.75
C GLU A 594 20.10 -20.82 15.02
N VAL A 595 19.14 -21.64 15.41
CA VAL A 595 19.40 -23.06 15.60
C VAL A 595 19.77 -23.71 14.28
N VAL A 596 19.04 -23.39 13.21
CA VAL A 596 19.34 -23.96 11.90
C VAL A 596 20.72 -23.49 11.42
N LEU A 597 21.04 -22.20 11.64
CA LEU A 597 22.34 -21.70 11.25
C LEU A 597 23.47 -22.40 12.00
N THR A 598 23.28 -22.61 13.30
CA THR A 598 24.29 -23.31 14.09
C THR A 598 24.43 -24.76 13.61
N ILE A 599 23.32 -25.40 13.27
CA ILE A 599 23.37 -26.77 12.75
C ILE A 599 24.14 -26.80 11.44
N ILE A 600 23.90 -25.83 10.55
CA ILE A 600 24.59 -25.78 9.27
C ILE A 600 26.09 -25.56 9.48
N ARG A 601 26.45 -24.63 10.36
CA ARG A 601 27.86 -24.35 10.64
C ARG A 601 28.54 -25.49 11.38
N SER A 602 27.80 -26.47 11.89
CA SER A 602 28.40 -27.59 12.61
C SER A 602 29.19 -28.46 11.64
N LYS A 603 30.21 -29.14 12.18
CA LYS A 603 31.04 -30.02 11.37
C LYS A 603 30.28 -31.25 10.88
N ARG A 604 29.13 -31.55 11.48
CA ARG A 604 28.33 -32.72 11.11
C ARG A 604 27.08 -32.33 10.33
N TRP A 605 27.14 -31.24 9.57
CA TRP A 605 25.97 -30.79 8.81
C TRP A 605 25.55 -31.82 7.78
N ASP A 606 26.52 -32.39 7.05
CA ASP A 606 26.18 -33.37 6.01
C ASP A 606 25.53 -34.60 6.62
N GLU A 607 26.06 -35.11 7.74
CA GLU A 607 25.45 -36.25 8.39
C GLU A 607 24.01 -35.95 8.79
N CYS A 608 23.79 -34.83 9.47
CA CYS A 608 22.44 -34.46 9.88
C CYS A 608 21.52 -34.31 8.67
N LEU A 609 22.07 -33.91 7.52
CA LEU A 609 21.28 -33.84 6.31
C LEU A 609 20.92 -35.23 5.78
N LYS A 610 21.82 -36.21 5.99
CA LYS A 610 21.60 -37.54 5.40
C LYS A 610 20.36 -38.23 5.97
N ILE A 611 20.22 -38.24 7.30
CA ILE A 611 19.12 -38.98 7.93
C ILE A 611 17.84 -38.16 7.83
N PHE A 612 16.88 -38.68 7.08
CA PHE A 612 15.52 -38.15 7.06
C PHE A 612 14.60 -39.22 6.48
N SER A 613 13.31 -39.08 6.74
CA SER A 613 12.33 -40.05 6.29
C SER A 613 12.11 -39.91 4.78
N HIS A 614 12.16 -41.03 4.07
CA HIS A 614 11.95 -41.04 2.63
C HIS A 614 10.52 -41.38 2.22
N ASN A 615 9.67 -41.77 3.17
CA ASN A 615 8.32 -42.20 2.85
C ASN A 615 7.24 -41.63 3.76
N SER A 616 7.60 -40.90 4.82
CA SER A 616 6.59 -40.38 5.72
C SER A 616 5.72 -39.34 5.02
N PRO A 617 4.42 -39.29 5.33
CA PRO A 617 3.55 -38.29 4.69
C PRO A 617 4.02 -36.87 4.92
N GLY A 618 4.53 -36.58 6.12
CA GLY A 618 5.18 -35.31 6.39
C GLY A 618 6.67 -35.50 6.63
N ASN A 619 7.29 -34.44 7.16
CA ASN A 619 8.69 -34.46 7.56
C ASN A 619 9.59 -34.82 6.37
N LYS A 620 9.55 -33.96 5.36
CA LYS A 620 10.19 -34.24 4.08
C LYS A 620 11.69 -33.95 4.17
N CYS A 621 12.35 -33.89 3.02
CA CYS A 621 13.78 -33.64 2.98
C CYS A 621 14.09 -32.29 3.62
N PRO A 622 15.21 -32.18 4.35
CA PRO A 622 15.51 -30.92 5.04
C PRO A 622 15.60 -29.72 4.13
N ILE A 623 16.13 -29.87 2.92
CA ILE A 623 16.28 -28.73 2.01
C ILE A 623 14.91 -28.17 1.64
N THR A 624 13.96 -29.04 1.32
CA THR A 624 12.60 -28.59 1.04
C THR A 624 11.99 -27.92 2.26
N GLU A 625 12.26 -28.44 3.45
CA GLU A 625 11.69 -27.86 4.67
C GLU A 625 12.23 -26.45 4.90
N MET A 626 13.53 -26.22 4.70
CA MET A 626 14.05 -24.88 4.90
C MET A 626 13.62 -23.94 3.78
N ILE A 627 13.44 -24.47 2.57
CA ILE A 627 12.89 -23.63 1.49
C ILE A 627 11.48 -23.17 1.85
N GLU A 628 10.68 -24.07 2.40
CA GLU A 628 9.30 -23.73 2.72
C GLU A 628 9.21 -22.80 3.92
N TYR A 629 10.03 -23.03 4.95
CA TYR A 629 9.85 -22.39 6.24
C TYR A 629 10.77 -21.19 6.45
N LEU A 630 12.08 -21.40 6.30
CA LEU A 630 13.06 -20.34 6.56
C LEU A 630 13.86 -20.03 5.30
N PRO A 631 13.41 -19.11 4.45
CA PRO A 631 14.20 -18.77 3.26
C PRO A 631 15.56 -18.18 3.57
N GLU A 632 15.69 -17.43 4.67
CA GLU A 632 16.96 -16.82 5.03
C GLU A 632 18.03 -17.86 5.37
N CYS A 633 17.65 -18.93 6.07
CA CYS A 633 18.61 -19.99 6.36
C CYS A 633 19.10 -20.65 5.07
N MET A 634 18.20 -20.87 4.12
CA MET A 634 18.60 -21.43 2.84
C MET A 634 19.48 -20.47 2.05
N LYS A 635 19.20 -19.17 2.14
CA LYS A 635 20.06 -18.19 1.49
C LYS A 635 21.47 -18.22 2.08
N VAL A 636 21.57 -18.31 3.40
CA VAL A 636 22.88 -18.41 4.05
C VAL A 636 23.58 -19.69 3.62
N LEU A 637 22.84 -20.79 3.55
CA LEU A 637 23.44 -22.07 3.13
C LEU A 637 23.95 -21.99 1.70
N LEU A 638 23.19 -21.35 0.80
CA LEU A 638 23.64 -21.19 -0.58
C LEU A 638 24.85 -20.27 -0.68
N ASP A 639 24.89 -19.21 0.13
CA ASP A 639 26.10 -18.38 0.17
C ASP A 639 27.29 -19.16 0.70
N PHE A 640 27.05 -20.12 1.60
CA PHE A 640 28.10 -21.05 1.98
C PHE A 640 28.50 -21.93 0.80
N CYS A 641 27.56 -22.24 -0.08
CA CYS A 641 27.81 -23.01 -1.29
C CYS A 641 28.24 -22.13 -2.46
N MET A 642 28.29 -20.81 -2.25
CA MET A 642 28.72 -19.90 -3.31
C MET A 642 30.14 -20.21 -3.77
N LEU A 643 31.05 -20.44 -2.83
CA LEU A 643 32.45 -20.76 -3.10
C LEU A 643 33.09 -19.64 -3.92
N HIS A 644 33.16 -18.46 -3.30
CA HIS A 644 33.81 -17.30 -3.89
C HIS A 644 35.27 -17.32 -3.45
N SER A 645 36.16 -17.72 -4.35
CA SER A 645 37.58 -17.82 -4.06
C SER A 645 38.36 -16.85 -4.93
N THR A 646 39.68 -16.81 -4.69
CA THR A 646 40.60 -15.94 -5.41
C THR A 646 40.17 -14.47 -5.31
N GLU A 647 39.86 -14.04 -4.09
CA GLU A 647 39.43 -12.66 -3.83
C GLU A 647 40.66 -11.77 -3.65
N ASP A 648 41.44 -11.68 -4.73
CA ASP A 648 42.66 -10.86 -4.77
C ASP A 648 42.56 -9.95 -5.99
N LYS A 649 41.94 -8.78 -5.79
CA LYS A 649 41.79 -7.75 -6.81
C LYS A 649 40.98 -8.22 -8.02
N SER A 650 40.55 -7.28 -8.85
CA SER A 650 39.83 -7.61 -10.09
C SER A 650 40.79 -7.58 -11.27
N CYS A 651 41.74 -8.51 -11.22
CA CYS A 651 42.80 -8.61 -12.22
C CYS A 651 42.68 -9.89 -13.05
N ARG A 652 41.44 -10.26 -13.38
CA ARG A 652 41.16 -11.45 -14.20
C ARG A 652 41.73 -12.71 -13.57
N ASP A 653 41.72 -12.76 -12.23
CA ASP A 653 42.22 -13.92 -11.50
C ASP A 653 41.09 -14.70 -10.82
N TYR A 654 39.84 -14.39 -11.14
CA TYR A 654 38.71 -15.08 -10.53
C TYR A 654 38.53 -16.46 -11.13
N TYR A 655 38.33 -17.46 -10.27
CA TYR A 655 38.00 -18.80 -10.72
C TYR A 655 36.79 -19.29 -9.91
N ILE A 656 35.84 -18.38 -9.69
CA ILE A 656 34.68 -18.69 -8.84
C ILE A 656 33.96 -19.93 -9.36
N GLU A 657 33.62 -20.82 -8.44
CA GLU A 657 33.07 -22.12 -8.77
C GLU A 657 31.70 -22.27 -8.13
N TYR A 658 30.76 -22.85 -8.86
CA TYR A 658 29.40 -23.05 -8.39
C TYR A 658 29.20 -24.53 -8.07
N ASN A 659 28.67 -24.83 -6.90
CA ASN A 659 28.37 -26.20 -6.50
C ASN A 659 26.87 -26.41 -6.43
N PHE A 660 26.42 -27.59 -6.86
CA PHE A 660 25.00 -27.86 -7.03
C PHE A 660 24.57 -29.05 -6.17
N LYS A 661 25.30 -29.33 -5.09
CA LYS A 661 24.97 -30.48 -4.26
C LYS A 661 23.64 -30.29 -3.52
N TYR A 662 23.40 -29.09 -3.00
CA TYR A 662 22.20 -28.86 -2.20
C TYR A 662 20.95 -28.63 -3.03
N LEU A 663 21.08 -28.40 -4.34
CA LEU A 663 19.94 -28.24 -5.21
C LEU A 663 19.36 -29.55 -5.71
N GLN A 664 20.02 -30.67 -5.40
CA GLN A 664 19.55 -31.99 -5.77
C GLN A 664 19.19 -32.76 -4.50
N CYS A 665 18.03 -33.40 -4.51
CA CYS A 665 17.55 -34.09 -3.32
C CYS A 665 18.53 -35.20 -2.92
N PRO A 666 18.96 -35.25 -1.66
CA PRO A 666 20.03 -36.18 -1.27
C PRO A 666 19.58 -37.58 -0.89
N LEU A 667 18.30 -37.91 -0.99
CA LEU A 667 17.87 -39.26 -0.65
C LEU A 667 18.45 -40.30 -1.60
N GLU A 668 18.47 -40.01 -2.89
CA GLU A 668 19.00 -40.93 -3.88
C GLU A 668 19.52 -40.17 -5.10
N VAL A 678 9.34 -44.71 -4.83
CA VAL A 678 8.72 -43.52 -5.37
C VAL A 678 9.29 -43.22 -6.75
N ILE A 679 9.21 -41.95 -7.17
CA ILE A 679 9.68 -41.51 -8.46
C ILE A 679 10.79 -40.48 -8.25
N TYR A 680 11.55 -40.23 -9.31
CA TYR A 680 12.65 -39.27 -9.30
C TYR A 680 12.15 -37.94 -9.84
N GLU A 681 11.93 -36.99 -8.94
CA GLU A 681 11.50 -35.66 -9.36
C GLU A 681 12.68 -34.92 -9.99
N PRO A 682 12.49 -34.27 -11.14
CA PRO A 682 13.63 -33.66 -11.85
C PRO A 682 14.35 -32.58 -11.04
N LEU A 683 13.63 -31.53 -10.65
CA LEU A 683 14.20 -30.39 -9.92
C LEU A 683 13.38 -30.19 -8.64
N THR A 684 13.77 -30.89 -7.58
CA THR A 684 13.03 -30.77 -6.32
C THR A 684 13.20 -29.39 -5.70
N ALA A 685 14.44 -28.91 -5.62
CA ALA A 685 14.70 -27.63 -4.98
C ALA A 685 14.03 -26.48 -5.72
N LEU A 686 14.15 -26.46 -7.05
CA LEU A 686 13.57 -25.37 -7.83
C LEU A 686 12.05 -25.40 -7.77
N ASN A 687 11.46 -26.59 -7.81
CA ASN A 687 10.01 -26.69 -7.67
C ASN A 687 9.55 -26.22 -6.31
N ALA A 688 10.30 -26.56 -5.26
CA ALA A 688 9.96 -26.08 -3.92
C ALA A 688 10.05 -24.56 -3.84
N MET A 689 11.09 -23.98 -4.44
CA MET A 689 11.25 -22.53 -4.42
C MET A 689 10.13 -21.83 -5.17
N VAL A 690 9.76 -22.35 -6.34
CA VAL A 690 8.73 -21.69 -7.14
C VAL A 690 7.35 -21.88 -6.52
N GLN A 691 7.12 -23.02 -5.86
CA GLN A 691 5.82 -23.27 -5.24
C GLN A 691 5.56 -22.32 -4.09
N ASN A 692 6.59 -22.02 -3.29
CA ASN A 692 6.46 -21.17 -2.13
C ASN A 692 6.75 -19.70 -2.42
N ASN A 693 6.82 -19.31 -3.71
CA ASN A 693 7.04 -17.93 -4.11
C ASN A 693 8.34 -17.37 -3.52
N ARG A 694 9.39 -18.19 -3.54
CA ARG A 694 10.71 -17.78 -3.05
C ARG A 694 11.44 -17.01 -4.15
N ILE A 695 10.92 -15.82 -4.43
CA ILE A 695 11.49 -15.01 -5.51
C ILE A 695 12.88 -14.50 -5.12
N GLU A 696 13.07 -14.15 -3.84
CA GLU A 696 14.39 -13.74 -3.37
C GLU A 696 15.36 -14.91 -3.40
N LEU A 697 14.89 -16.11 -3.08
CA LEU A 697 15.75 -17.29 -3.13
C LEU A 697 16.00 -17.75 -4.56
N LEU A 698 15.00 -17.64 -5.42
CA LEU A 698 15.16 -18.04 -6.82
C LEU A 698 16.11 -17.12 -7.58
N ASN A 699 16.27 -15.88 -7.11
CA ASN A 699 17.14 -14.92 -7.77
C ASN A 699 18.59 -15.02 -7.33
N HIS A 700 18.91 -15.97 -6.46
CA HIS A 700 20.28 -16.13 -5.99
C HIS A 700 21.18 -16.54 -7.16
N PRO A 701 22.45 -16.12 -7.16
CA PRO A 701 23.34 -16.52 -8.27
C PRO A 701 23.48 -18.02 -8.46
N VAL A 702 23.43 -18.80 -7.37
CA VAL A 702 23.55 -20.25 -7.50
C VAL A 702 22.38 -20.83 -8.29
N CYS A 703 21.16 -20.42 -7.94
CA CYS A 703 19.98 -20.91 -8.65
C CYS A 703 19.96 -20.43 -10.09
N LYS A 704 20.33 -19.17 -10.32
CA LYS A 704 20.37 -18.63 -11.68
C LYS A 704 21.37 -19.40 -12.53
N GLU A 705 22.55 -19.69 -11.98
CA GLU A 705 23.56 -20.42 -12.72
C GLU A 705 23.17 -21.88 -12.93
N TYR A 706 22.45 -22.47 -11.97
CA TYR A 706 21.93 -23.82 -12.16
C TYR A 706 20.97 -23.85 -13.34
N LEU A 707 20.05 -22.88 -13.40
CA LEU A 707 19.13 -22.81 -14.52
C LEU A 707 19.85 -22.59 -15.84
N LEU A 708 20.86 -21.72 -15.83
CA LEU A 708 21.65 -21.46 -17.04
C LEU A 708 22.38 -22.71 -17.51
N MET A 709 22.96 -23.47 -16.57
CA MET A 709 23.67 -24.69 -16.91
C MET A 709 22.72 -25.73 -17.48
N LYS A 710 21.53 -25.87 -16.88
CA LYS A 710 20.54 -26.79 -17.43
C LYS A 710 20.11 -26.36 -18.83
N TRP A 711 19.95 -25.06 -19.02
CA TRP A 711 19.68 -24.50 -20.35
C TRP A 711 20.71 -24.98 -21.36
N LEU A 712 21.97 -24.60 -21.15
CA LEU A 712 23.03 -24.98 -22.10
C LEU A 712 23.21 -26.49 -22.20
N ALA A 713 22.77 -27.24 -21.19
CA ALA A 713 22.90 -28.69 -21.25
C ALA A 713 21.90 -29.28 -22.24
N TYR A 714 20.60 -29.06 -22.01
CA TYR A 714 19.59 -29.67 -22.86
C TYR A 714 18.47 -28.74 -23.30
N GLY A 715 18.21 -27.64 -22.59
CA GLY A 715 17.05 -26.83 -22.90
C GLY A 715 17.17 -26.12 -24.23
N PHE A 716 18.36 -25.56 -24.52
CA PHE A 716 18.58 -24.90 -25.80
C PHE A 716 18.49 -25.90 -26.95
N ARG A 717 19.02 -27.11 -26.74
CA ARG A 717 18.94 -28.14 -27.78
C ARG A 717 17.49 -28.49 -28.09
N ALA A 718 16.70 -28.75 -27.05
CA ALA A 718 15.29 -29.09 -27.27
C ALA A 718 14.52 -27.93 -27.89
N HIS A 719 14.79 -26.71 -27.43
CA HIS A 719 14.13 -25.53 -27.97
C HIS A 719 14.44 -25.35 -29.45
N MET A 720 15.72 -25.51 -29.82
CA MET A 720 16.11 -25.40 -31.22
C MET A 720 15.49 -26.51 -32.06
N MET A 721 15.42 -27.72 -31.51
CA MET A 721 14.79 -28.83 -32.24
C MET A 721 13.32 -28.52 -32.52
N ASN A 722 12.59 -28.04 -31.51
CA ASN A 722 11.18 -27.73 -31.68
C ASN A 722 10.99 -26.61 -32.69
N LEU A 723 11.77 -25.53 -32.56
CA LEU A 723 11.64 -24.42 -33.49
C LEU A 723 12.02 -24.81 -34.91
N GLY A 724 13.04 -25.65 -35.09
CA GLY A 724 13.37 -26.12 -36.43
C GLY A 724 12.27 -27.00 -37.01
N SER A 725 11.69 -27.86 -36.19
CA SER A 725 10.60 -28.71 -36.67
C SER A 725 9.41 -27.87 -37.12
N TYR A 726 9.10 -26.79 -36.39
CA TYR A 726 8.01 -25.93 -36.81
C TYR A 726 8.39 -25.08 -38.02
N CYS A 727 9.62 -24.56 -38.04
CA CYS A 727 10.03 -23.69 -39.14
C CYS A 727 10.13 -24.43 -40.45
N LEU A 728 10.40 -25.74 -40.41
CA LEU A 728 10.47 -26.53 -41.64
C LEU A 728 9.19 -26.47 -42.44
N GLY A 729 8.06 -26.14 -41.80
CA GLY A 729 6.82 -25.92 -42.52
C GLY A 729 6.39 -24.47 -42.51
N LEU A 730 6.86 -23.70 -41.53
CA LEU A 730 6.49 -22.29 -41.46
C LEU A 730 7.16 -21.48 -42.56
N ILE A 731 8.44 -21.73 -42.82
CA ILE A 731 9.23 -20.91 -43.74
C ILE A 731 8.88 -21.22 -45.19
N PRO A 732 8.89 -22.49 -45.64
CA PRO A 732 8.57 -22.74 -47.05
C PRO A 732 7.21 -22.22 -47.46
N MET A 733 6.23 -22.23 -46.55
CA MET A 733 4.95 -21.60 -46.85
C MET A 733 5.11 -20.12 -47.11
N THR A 734 5.98 -19.44 -46.35
CA THR A 734 6.21 -18.01 -46.56
C THR A 734 6.85 -17.76 -47.91
N ILE A 735 7.85 -18.57 -48.30
CA ILE A 735 8.41 -18.42 -49.65
C ILE A 735 7.36 -18.68 -50.71
N LEU A 736 6.51 -19.70 -50.52
CA LEU A 736 5.47 -19.99 -51.50
C LEU A 736 4.51 -18.83 -51.65
N VAL A 737 4.14 -18.20 -50.54
CA VAL A 737 3.20 -17.07 -50.61
C VAL A 737 3.87 -15.87 -51.26
N VAL A 738 5.11 -15.56 -50.87
CA VAL A 738 5.76 -14.34 -51.34
C VAL A 738 6.11 -14.45 -52.82
N ASN A 739 6.59 -15.62 -53.26
CA ASN A 739 7.10 -15.76 -54.62
C ASN A 739 6.03 -16.10 -55.64
N ILE A 740 4.79 -16.31 -55.22
CA ILE A 740 3.68 -16.61 -56.12
C ILE A 740 2.60 -15.56 -55.95
N LYS A 741 2.13 -15.01 -57.06
CA LYS A 741 1.06 -14.02 -57.00
C LYS A 741 -0.23 -14.68 -56.54
N PRO A 742 -0.89 -14.17 -55.51
CA PRO A 742 -2.09 -14.81 -54.99
C PRO A 742 -3.20 -14.88 -56.03
N GLY A 743 -4.04 -15.89 -55.90
CA GLY A 743 -5.11 -16.12 -56.85
C GLY A 743 -4.70 -16.80 -58.12
N MET A 744 -3.50 -17.36 -58.18
CA MET A 744 -2.95 -17.95 -59.39
C MET A 744 -2.55 -19.39 -59.11
N ALA A 745 -3.01 -20.31 -59.95
CA ALA A 745 -2.78 -21.73 -59.74
C ALA A 745 -1.33 -22.10 -60.02
N PHE A 746 -0.83 -23.09 -59.28
CA PHE A 746 0.54 -23.55 -59.45
C PHE A 746 0.64 -25.02 -59.01
N ASN A 747 1.65 -25.70 -59.54
CA ASN A 747 1.92 -27.09 -59.18
C ASN A 747 3.42 -27.30 -59.19
N SER A 748 3.85 -28.57 -59.19
CA SER A 748 5.27 -28.90 -59.10
C SER A 748 6.04 -28.37 -60.31
N THR A 749 5.47 -28.50 -61.51
CA THR A 749 6.16 -28.02 -62.70
C THR A 749 6.35 -26.51 -62.66
N GLY A 750 5.33 -25.79 -62.20
CA GLY A 750 5.42 -24.34 -62.09
C GLY A 750 4.07 -23.66 -62.18
N ILE A 751 4.08 -22.38 -62.54
CA ILE A 751 2.84 -21.63 -62.70
C ILE A 751 2.09 -22.16 -63.91
N ILE A 752 0.81 -22.48 -63.72
CA ILE A 752 0.00 -23.04 -64.79
C ILE A 752 -1.09 -22.08 -65.27
N ASN A 753 -1.31 -20.96 -64.60
CA ASN A 753 -2.34 -20.01 -65.01
C ASN A 753 -1.77 -18.94 -65.92
N ILE A 761 0.44 -20.83 -70.74
CA ILE A 761 1.84 -20.47 -70.55
C ILE A 761 2.32 -20.90 -69.17
N LEU A 762 3.49 -21.54 -69.12
CA LEU A 762 4.08 -22.00 -67.88
C LEU A 762 5.36 -21.22 -67.60
N ASP A 763 5.52 -20.76 -66.36
CA ASP A 763 6.68 -19.94 -66.01
C ASP A 763 7.96 -20.76 -66.05
N THR A 764 8.03 -21.81 -65.21
CA THR A 764 9.20 -22.68 -65.13
C THR A 764 10.48 -21.90 -64.84
N THR A 765 10.36 -20.89 -63.99
CA THR A 765 11.50 -20.07 -63.57
C THR A 765 11.93 -20.37 -62.14
N ASN A 766 10.98 -20.49 -61.23
CA ASN A 766 11.23 -20.87 -59.84
C ASN A 766 10.72 -22.28 -59.56
N SER A 767 10.78 -23.15 -60.58
CA SER A 767 10.17 -24.47 -60.47
C SER A 767 10.82 -25.30 -59.37
N TYR A 768 12.15 -25.31 -59.31
CA TYR A 768 12.84 -26.08 -58.28
C TYR A 768 12.50 -25.56 -56.88
N LEU A 769 12.50 -24.24 -56.71
CA LEU A 769 12.16 -23.66 -55.41
C LEU A 769 10.73 -23.99 -55.01
N ILE A 770 9.79 -23.88 -55.95
CA ILE A 770 8.40 -24.18 -55.65
C ILE A 770 8.23 -25.64 -55.27
N LYS A 771 8.85 -26.54 -56.03
CA LYS A 771 8.72 -27.96 -55.73
C LYS A 771 9.32 -28.30 -54.37
N THR A 772 10.50 -27.74 -54.07
CA THR A 772 11.12 -27.98 -52.77
C THR A 772 10.26 -27.45 -51.64
N CYS A 773 9.69 -26.25 -51.82
CA CYS A 773 8.87 -25.65 -50.77
C CYS A 773 7.61 -26.46 -50.50
N MET A 774 6.92 -26.92 -51.56
CA MET A 774 5.72 -27.72 -51.33
C MET A 774 6.06 -29.08 -50.76
N ILE A 775 7.18 -29.68 -51.17
CA ILE A 775 7.60 -30.94 -50.57
C ILE A 775 7.84 -30.76 -49.08
N LEU A 776 8.55 -29.69 -48.72
CA LEU A 776 8.82 -29.41 -47.30
C LEU A 776 7.53 -29.17 -46.52
N VAL A 777 6.59 -28.42 -47.10
CA VAL A 777 5.33 -28.14 -46.43
C VAL A 777 4.55 -29.43 -46.21
N PHE A 778 4.47 -30.28 -47.24
CA PHE A 778 3.77 -31.55 -47.11
C PHE A 778 4.40 -32.43 -46.04
N LEU A 779 5.73 -32.54 -46.06
CA LEU A 779 6.42 -33.38 -45.08
C LEU A 779 6.22 -32.85 -43.66
N SER A 780 6.31 -31.54 -43.47
CA SER A 780 6.14 -30.96 -42.15
C SER A 780 4.70 -31.15 -41.65
N SER A 781 3.72 -31.00 -42.55
CA SER A 781 2.34 -31.21 -42.15
C SER A 781 2.08 -32.67 -41.79
N ILE A 782 2.65 -33.61 -42.54
CA ILE A 782 2.49 -35.02 -42.22
C ILE A 782 3.17 -35.33 -40.88
N PHE A 783 4.34 -34.76 -40.65
CA PHE A 783 5.04 -34.95 -39.37
C PHE A 783 4.21 -34.39 -38.21
N GLY A 784 3.59 -33.23 -38.42
CA GLY A 784 2.73 -32.68 -37.38
C GLY A 784 1.51 -33.54 -37.12
N TYR A 785 0.90 -34.08 -38.17
CA TYR A 785 -0.21 -35.01 -37.98
C TYR A 785 0.22 -36.25 -37.21
N CYS A 786 1.39 -36.80 -37.54
CA CYS A 786 1.89 -37.97 -36.83
C CYS A 786 2.16 -37.66 -35.36
N LYS A 787 2.76 -36.50 -35.09
CA LYS A 787 3.02 -36.11 -33.71
C LYS A 787 1.72 -35.85 -32.95
N GLU A 788 0.67 -35.40 -33.65
CA GLU A 788 -0.64 -35.29 -33.04
C GLU A 788 -1.20 -36.66 -32.70
N ALA A 789 -1.02 -37.64 -33.59
CA ALA A 789 -1.49 -38.99 -33.32
C ALA A 789 -0.77 -39.61 -32.14
N GLY A 790 0.55 -39.39 -32.04
CA GLY A 790 1.33 -39.94 -30.95
C GLY A 790 1.77 -38.89 -29.95
N ASP A 802 -7.64 -27.92 -26.33
CA ASP A 802 -6.71 -26.81 -26.15
C ASP A 802 -6.67 -25.95 -27.42
N ILE A 803 -6.36 -24.65 -27.25
CA ILE A 803 -6.31 -23.76 -28.40
C ILE A 803 -5.16 -24.14 -29.32
N SER A 804 -4.05 -24.62 -28.75
CA SER A 804 -2.90 -25.00 -29.56
C SER A 804 -3.24 -26.17 -30.48
N ASN A 805 -3.98 -27.15 -29.98
CA ASN A 805 -4.34 -28.30 -30.80
C ASN A 805 -5.22 -27.90 -31.97
N VAL A 806 -6.22 -27.04 -31.73
CA VAL A 806 -7.09 -26.57 -32.81
C VAL A 806 -6.29 -25.76 -33.82
N LEU A 807 -5.40 -24.88 -33.33
CA LEU A 807 -4.56 -24.09 -34.22
C LEU A 807 -3.71 -24.98 -35.11
N GLU A 808 -3.07 -25.99 -34.53
CA GLU A 808 -2.21 -26.88 -35.31
C GLU A 808 -3.03 -27.71 -36.30
N TRP A 809 -4.21 -28.16 -35.89
CA TRP A 809 -5.05 -28.94 -36.80
C TRP A 809 -5.48 -28.11 -38.01
N ILE A 810 -5.90 -26.86 -37.77
CA ILE A 810 -6.25 -25.98 -38.88
C ILE A 810 -5.05 -25.74 -39.78
N ILE A 811 -3.89 -25.51 -39.16
CA ILE A 811 -2.67 -25.26 -39.93
C ILE A 811 -2.36 -26.45 -40.84
N TYR A 812 -2.42 -27.67 -40.29
CA TYR A 812 -2.07 -28.84 -41.06
C TYR A 812 -3.09 -29.11 -42.18
N THR A 813 -4.38 -28.97 -41.88
CA THR A 813 -5.38 -29.20 -42.92
C THR A 813 -5.22 -28.20 -44.07
N THR A 814 -5.06 -26.91 -43.74
CA THR A 814 -4.93 -25.92 -44.79
C THR A 814 -3.60 -26.06 -45.52
N GLY A 815 -2.57 -26.58 -44.85
CA GLY A 815 -1.32 -26.86 -45.54
C GLY A 815 -1.45 -27.99 -46.53
N ILE A 816 -2.18 -29.05 -46.16
CA ILE A 816 -2.45 -30.13 -47.11
C ILE A 816 -3.22 -29.61 -48.31
N ILE A 817 -4.25 -28.80 -48.07
CA ILE A 817 -5.07 -28.33 -49.19
C ILE A 817 -4.27 -27.37 -50.07
N PHE A 818 -3.40 -26.55 -49.48
CA PHE A 818 -2.66 -25.57 -50.26
C PHE A 818 -1.69 -26.23 -51.23
N VAL A 819 -0.96 -27.25 -50.79
CA VAL A 819 0.05 -27.89 -51.62
C VAL A 819 -0.50 -29.18 -52.20
N LEU A 820 -1.82 -29.32 -52.16
CA LEU A 820 -2.47 -30.50 -52.76
C LEU A 820 -2.16 -30.71 -54.24
N PRO A 821 -2.03 -29.66 -55.09
CA PRO A 821 -1.73 -29.91 -56.51
C PRO A 821 -0.45 -30.71 -56.77
N LEU A 822 0.28 -31.07 -55.71
CA LEU A 822 1.41 -31.98 -55.88
C LEU A 822 0.98 -33.29 -56.51
N PHE A 823 -0.19 -33.80 -56.11
CA PHE A 823 -0.76 -35.03 -56.67
C PHE A 823 -2.02 -34.80 -57.47
N VAL A 824 -3.04 -34.17 -56.89
CA VAL A 824 -4.33 -33.96 -57.52
C VAL A 824 -4.56 -32.47 -57.69
N GLU A 825 -4.90 -32.06 -58.91
CA GLU A 825 -5.16 -30.66 -59.18
C GLU A 825 -6.45 -30.19 -58.52
N ILE A 826 -6.45 -28.93 -58.10
CA ILE A 826 -7.62 -28.32 -57.46
C ILE A 826 -7.78 -26.90 -57.99
N PRO A 827 -9.00 -26.37 -57.91
CA PRO A 827 -9.21 -24.96 -58.31
C PRO A 827 -8.34 -24.02 -57.49
N ALA A 828 -7.85 -22.98 -58.15
CA ALA A 828 -6.96 -22.03 -57.49
C ALA A 828 -7.66 -21.27 -56.37
N HIS A 829 -8.98 -21.10 -56.47
CA HIS A 829 -9.72 -20.33 -55.47
C HIS A 829 -9.62 -20.99 -54.10
N LEU A 830 -9.97 -22.27 -54.01
CA LEU A 830 -9.89 -22.98 -52.74
C LEU A 830 -8.45 -23.07 -52.26
N GLN A 831 -7.51 -23.30 -53.18
CA GLN A 831 -6.10 -23.39 -52.83
C GLN A 831 -5.63 -22.11 -52.14
N TRP A 832 -5.98 -20.95 -52.70
CA TRP A 832 -5.47 -19.71 -52.13
C TRP A 832 -6.23 -19.29 -50.88
N GLN A 833 -7.53 -19.63 -50.78
CA GLN A 833 -8.21 -19.44 -49.50
C GLN A 833 -7.52 -20.22 -48.39
N CYS A 834 -7.22 -21.50 -48.66
CA CYS A 834 -6.54 -22.31 -47.67
C CYS A 834 -5.13 -21.80 -47.41
N GLY A 835 -4.47 -21.25 -48.43
CA GLY A 835 -3.15 -20.67 -48.21
C GLY A 835 -3.17 -19.47 -47.30
N ALA A 836 -4.14 -18.57 -47.49
CA ALA A 836 -4.27 -17.43 -46.60
C ALA A 836 -4.56 -17.87 -45.17
N ILE A 837 -5.51 -18.79 -45.01
CA ILE A 837 -5.82 -19.31 -43.68
C ILE A 837 -4.58 -19.94 -43.05
N ALA A 838 -3.85 -20.73 -43.83
CA ALA A 838 -2.69 -21.44 -43.31
C ALA A 838 -1.59 -20.49 -42.87
N VAL A 839 -1.30 -19.46 -43.66
CA VAL A 839 -0.21 -18.55 -43.28
C VAL A 839 -0.61 -17.71 -42.08
N TYR A 840 -1.86 -17.23 -42.04
CA TYR A 840 -2.31 -16.47 -40.89
C TYR A 840 -2.19 -17.29 -39.60
N PHE A 841 -2.72 -18.51 -39.63
CA PHE A 841 -2.67 -19.33 -38.42
C PHE A 841 -1.26 -19.84 -38.13
N TYR A 842 -0.42 -19.99 -39.15
CA TYR A 842 0.98 -20.37 -38.93
C TYR A 842 1.69 -19.34 -38.09
N TRP A 843 1.56 -18.05 -38.44
CA TRP A 843 2.24 -17.04 -37.64
C TRP A 843 1.55 -16.82 -36.30
N MET A 844 0.22 -16.96 -36.25
CA MET A 844 -0.46 -16.91 -34.95
C MET A 844 0.02 -18.00 -34.01
N ASN A 845 0.29 -19.20 -34.55
CA ASN A 845 0.81 -20.28 -33.72
C ASN A 845 2.28 -20.11 -33.39
N PHE A 846 3.06 -19.50 -34.29
CA PHE A 846 4.43 -19.15 -33.94
C PHE A 846 4.47 -18.18 -32.78
N LEU A 847 3.46 -17.31 -32.68
CA LEU A 847 3.34 -16.46 -31.49
C LEU A 847 3.32 -17.28 -30.21
N LEU A 848 2.52 -18.35 -30.17
CA LEU A 848 2.51 -19.22 -29.00
C LEU A 848 3.81 -19.99 -28.85
N TYR A 849 4.45 -20.34 -29.98
CA TYR A 849 5.74 -21.01 -29.91
C TYR A 849 6.81 -20.13 -29.27
N LEU A 850 6.67 -18.80 -29.39
CA LEU A 850 7.63 -17.90 -28.76
C LEU A 850 7.44 -17.79 -27.25
N GLN A 851 6.37 -18.35 -26.70
CA GLN A 851 6.09 -18.17 -25.27
C GLN A 851 7.17 -18.76 -24.38
N ARG A 852 7.85 -19.82 -24.83
CA ARG A 852 8.86 -20.48 -24.02
C ARG A 852 10.22 -19.78 -24.17
N PHE A 853 10.21 -18.49 -23.81
CA PHE A 853 11.41 -17.66 -23.83
C PHE A 853 11.36 -16.72 -22.62
N GLU A 854 12.54 -16.24 -22.23
CA GLU A 854 12.64 -15.36 -21.07
C GLU A 854 12.42 -13.89 -21.40
N ASN A 855 12.33 -13.54 -22.68
CA ASN A 855 12.14 -12.15 -23.09
C ASN A 855 10.78 -11.88 -23.72
N CYS A 856 10.10 -12.92 -24.21
CA CYS A 856 8.83 -12.76 -24.90
C CYS A 856 7.66 -13.42 -24.21
N GLY A 857 7.91 -14.22 -23.16
CA GLY A 857 6.83 -14.94 -22.52
C GLY A 857 5.83 -14.04 -21.81
N ILE A 858 6.33 -13.00 -21.13
CA ILE A 858 5.44 -12.14 -20.36
C ILE A 858 4.51 -11.36 -21.29
N PHE A 859 4.97 -10.99 -22.48
CA PHE A 859 4.11 -10.30 -23.42
C PHE A 859 3.00 -11.22 -23.91
N ILE A 860 3.30 -12.50 -24.13
CA ILE A 860 2.27 -13.45 -24.51
C ILE A 860 1.27 -13.65 -23.38
N VAL A 861 1.75 -13.67 -22.13
CA VAL A 861 0.84 -13.80 -21.00
C VAL A 861 -0.09 -12.60 -20.93
N MET A 862 0.46 -11.40 -21.12
CA MET A 862 -0.37 -10.18 -21.11
C MET A 862 -1.39 -10.20 -22.25
N LEU A 863 -0.97 -10.63 -23.44
CA LEU A 863 -1.90 -10.76 -24.55
C LEU A 863 -3.02 -11.72 -24.22
N GLU A 864 -2.69 -12.86 -23.60
CA GLU A 864 -3.70 -13.85 -23.25
C GLU A 864 -4.70 -13.30 -22.25
N VAL A 865 -4.23 -12.59 -21.21
CA VAL A 865 -5.17 -12.09 -20.21
C VAL A 865 -6.05 -10.99 -20.79
N ILE A 866 -5.49 -10.13 -21.64
CA ILE A 866 -6.31 -9.09 -22.26
C ILE A 866 -7.35 -9.71 -23.19
N LEU A 867 -6.95 -10.72 -23.96
CA LEU A 867 -7.89 -11.40 -24.83
C LEU A 867 -9.01 -12.07 -24.03
N LYS A 868 -8.66 -12.68 -22.89
CA LYS A 868 -9.68 -13.33 -22.05
C LYS A 868 -10.66 -12.30 -21.53
N THR A 869 -10.18 -11.13 -21.09
CA THR A 869 -11.09 -10.09 -20.62
C THR A 869 -12.00 -9.60 -21.75
N LEU A 870 -11.45 -9.44 -22.95
CA LEU A 870 -12.27 -9.03 -24.09
C LEU A 870 -13.35 -10.06 -24.39
N LEU A 871 -13.00 -11.35 -24.37
CA LEU A 871 -14.01 -12.38 -24.60
C LEU A 871 -15.05 -12.41 -23.49
N ARG A 872 -14.65 -12.07 -22.26
CA ARG A 872 -15.64 -11.96 -21.19
C ARG A 872 -16.63 -10.83 -21.45
N SER A 873 -16.14 -9.68 -21.92
CA SER A 873 -16.99 -8.53 -22.16
C SER A 873 -17.71 -8.56 -23.50
N THR A 874 -17.42 -9.55 -24.35
CA THR A 874 -18.00 -9.57 -25.69
C THR A 874 -19.52 -9.66 -25.70
N VAL A 875 -20.15 -10.19 -24.65
CA VAL A 875 -21.62 -10.27 -24.66
C VAL A 875 -22.23 -8.88 -24.60
N VAL A 876 -21.78 -8.06 -23.64
CA VAL A 876 -22.22 -6.67 -23.57
C VAL A 876 -21.84 -5.93 -24.84
N PHE A 877 -20.64 -6.22 -25.36
CA PHE A 877 -20.21 -5.58 -26.60
C PHE A 877 -21.19 -5.84 -27.73
N ILE A 878 -21.55 -7.11 -27.96
CA ILE A 878 -22.40 -7.45 -29.09
C ILE A 878 -23.82 -6.94 -28.86
N PHE A 879 -24.28 -6.86 -27.62
CA PHE A 879 -25.61 -6.30 -27.39
C PHE A 879 -25.63 -4.80 -27.71
N LEU A 880 -24.60 -4.08 -27.27
CA LEU A 880 -24.51 -2.65 -27.63
C LEU A 880 -24.41 -2.47 -29.14
N LEU A 881 -23.60 -3.30 -29.80
CA LEU A 881 -23.46 -3.21 -31.24
C LEU A 881 -24.76 -3.52 -31.96
N LEU A 882 -25.51 -4.51 -31.46
CA LEU A 882 -26.81 -4.83 -32.07
C LEU A 882 -27.77 -3.66 -31.95
N ALA A 883 -27.84 -3.05 -30.77
CA ALA A 883 -28.73 -1.90 -30.59
C ALA A 883 -28.36 -0.77 -31.55
N PHE A 884 -27.09 -0.36 -31.55
CA PHE A 884 -26.69 0.77 -32.37
C PHE A 884 -26.77 0.44 -33.86
N GLY A 885 -26.45 -0.79 -34.23
CA GLY A 885 -26.51 -1.18 -35.63
C GLY A 885 -27.93 -1.21 -36.17
N LEU A 886 -28.88 -1.76 -35.41
CA LEU A 886 -30.27 -1.74 -35.84
C LEU A 886 -30.79 -0.32 -35.91
N SER A 887 -30.44 0.52 -34.93
CA SER A 887 -30.86 1.92 -34.98
C SER A 887 -30.31 2.62 -36.22
N PHE A 888 -29.03 2.43 -36.51
CA PHE A 888 -28.42 3.09 -37.67
C PHE A 888 -28.96 2.51 -38.97
N TYR A 889 -29.36 1.24 -38.96
CA TYR A 889 -29.91 0.60 -40.15
C TYR A 889 -31.27 1.17 -40.48
N ILE A 890 -32.11 1.39 -39.46
CA ILE A 890 -33.40 2.02 -39.72
C ILE A 890 -33.22 3.49 -40.08
N LEU A 891 -32.36 4.21 -39.35
CA LEU A 891 -32.24 5.64 -39.54
C LEU A 891 -31.52 6.00 -40.84
N LEU A 892 -30.47 5.25 -41.19
CA LEU A 892 -29.66 5.56 -42.36
C LEU A 892 -29.78 4.46 -43.40
N ASN A 893 -31.00 3.99 -43.65
CA ASN A 893 -31.20 2.86 -44.56
C ASN A 893 -30.83 3.22 -46.00
N LEU A 894 -30.89 4.49 -46.35
CA LEU A 894 -30.65 4.93 -47.73
C LEU A 894 -29.17 5.10 -48.06
N GLN A 895 -28.28 4.68 -47.17
CA GLN A 895 -26.85 4.79 -47.39
C GLN A 895 -26.25 3.39 -47.54
N ASP A 896 -25.22 3.30 -48.38
CA ASP A 896 -24.60 2.01 -48.67
C ASP A 896 -24.05 1.30 -47.44
N PRO A 897 -23.32 1.96 -46.53
CA PRO A 897 -22.82 1.23 -45.36
C PRO A 897 -23.90 0.61 -44.49
N PHE A 898 -25.08 1.24 -44.42
CA PHE A 898 -26.17 0.78 -43.57
C PHE A 898 -27.32 0.21 -44.39
N SER A 899 -27.04 -0.30 -45.58
CA SER A 899 -28.09 -0.82 -46.46
C SER A 899 -28.56 -2.21 -46.07
N SER A 900 -27.80 -2.92 -45.23
CA SER A 900 -28.13 -4.26 -44.79
C SER A 900 -27.88 -4.36 -43.30
N PRO A 901 -28.62 -5.20 -42.58
CA PRO A 901 -28.38 -5.31 -41.12
C PRO A 901 -26.97 -5.78 -40.80
N LEU A 902 -26.46 -6.79 -41.50
CA LEU A 902 -25.11 -7.27 -41.22
C LEU A 902 -24.08 -6.20 -41.53
N LEU A 903 -24.22 -5.51 -42.66
CA LEU A 903 -23.34 -4.41 -42.98
C LEU A 903 -23.45 -3.30 -41.95
N SER A 904 -24.65 -3.09 -41.40
CA SER A 904 -24.84 -2.05 -40.39
C SER A 904 -24.08 -2.38 -39.11
N ILE A 905 -24.17 -3.63 -38.64
CA ILE A 905 -23.43 -4.00 -37.44
C ILE A 905 -21.92 -3.98 -37.69
N ILE A 906 -21.50 -4.38 -38.89
CA ILE A 906 -20.07 -4.33 -39.21
C ILE A 906 -19.57 -2.89 -39.23
N GLN A 907 -20.36 -1.99 -39.80
CA GLN A 907 -19.98 -0.58 -39.84
C GLN A 907 -19.95 0.03 -38.44
N THR A 908 -20.91 -0.34 -37.59
CA THR A 908 -20.89 0.11 -36.21
C THR A 908 -19.64 -0.39 -35.48
N PHE A 909 -19.29 -1.65 -35.71
CA PHE A 909 -18.06 -2.20 -35.15
C PHE A 909 -16.85 -1.41 -35.62
N SER A 910 -16.83 -1.03 -36.91
CA SER A 910 -15.71 -0.27 -37.44
C SER A 910 -15.63 1.12 -36.81
N MET A 911 -16.77 1.80 -36.64
CA MET A 911 -16.73 3.16 -36.11
C MET A 911 -16.63 3.19 -34.58
N MET A 912 -16.69 2.03 -33.93
CA MET A 912 -16.44 2.01 -32.48
C MET A 912 -15.10 2.65 -32.12
N LEU A 913 -14.08 2.45 -32.96
CA LEU A 913 -12.74 2.93 -32.66
C LEU A 913 -12.58 4.43 -32.82
N GLY A 914 -13.67 5.18 -32.99
CA GLY A 914 -13.60 6.60 -33.16
C GLY A 914 -13.62 7.08 -34.59
N ASP A 915 -13.75 6.20 -35.56
CA ASP A 915 -13.78 6.58 -37.00
C ASP A 915 -15.19 6.77 -37.47
N ILE A 916 -15.87 7.60 -36.73
CA ILE A 916 -17.22 7.97 -37.14
C ILE A 916 -17.11 8.88 -38.35
N ASN A 917 -17.78 8.49 -39.44
CA ASN A 917 -17.79 9.29 -40.67
C ASN A 917 -18.87 10.36 -40.54
N TYR A 918 -18.63 11.30 -39.61
CA TYR A 918 -19.66 12.28 -39.29
C TYR A 918 -20.05 13.09 -40.52
N ARG A 919 -19.08 13.62 -41.25
CA ARG A 919 -19.38 14.47 -42.39
C ARG A 919 -20.15 13.70 -43.45
N GLU A 920 -19.52 12.68 -44.03
CA GLU A 920 -20.11 11.96 -45.17
C GLU A 920 -21.43 11.30 -44.81
N SER A 921 -21.56 10.76 -43.59
CA SER A 921 -22.76 10.01 -43.23
C SER A 921 -23.89 10.88 -42.70
N PHE A 922 -23.58 12.01 -42.07
CA PHE A 922 -24.61 12.81 -41.42
C PHE A 922 -24.73 14.21 -42.00
N LEU A 923 -23.63 14.94 -42.16
CA LEU A 923 -23.72 16.35 -42.50
C LEU A 923 -24.06 16.54 -43.98
N GLU A 924 -23.38 15.82 -44.85
CA GLU A 924 -23.65 15.94 -46.28
C GLU A 924 -25.07 15.50 -46.64
N PRO A 925 -25.58 14.35 -46.17
CA PRO A 925 -26.99 14.05 -46.42
C PRO A 925 -27.94 15.06 -45.82
N TYR A 926 -27.62 15.63 -44.66
CA TYR A 926 -28.51 16.60 -44.03
C TYR A 926 -28.62 17.87 -44.85
N LEU A 927 -27.48 18.39 -45.34
CA LEU A 927 -27.52 19.61 -46.13
C LEU A 927 -28.14 19.38 -47.50
N ARG A 928 -28.12 18.14 -47.98
CA ARG A 928 -28.75 17.77 -49.24
C ARG A 928 -30.18 17.25 -49.06
N ASN A 929 -30.69 17.28 -47.82
CA ASN A 929 -32.04 16.81 -47.51
C ASN A 929 -32.21 15.34 -47.86
N GLU A 930 -31.28 14.51 -47.40
CA GLU A 930 -31.33 13.07 -47.63
C GLU A 930 -31.63 12.26 -46.38
N LEU A 931 -31.50 12.86 -45.20
CA LEU A 931 -31.79 12.16 -43.96
C LEU A 931 -33.30 12.06 -43.76
N ALA A 932 -33.79 10.85 -43.49
CA ALA A 932 -35.21 10.67 -43.24
C ALA A 932 -35.61 11.26 -41.89
N HIS A 933 -34.79 11.06 -40.87
CA HIS A 933 -35.06 11.54 -39.51
C HIS A 933 -33.84 12.32 -39.04
N PRO A 934 -33.76 13.61 -39.36
CA PRO A 934 -32.53 14.37 -39.02
C PRO A 934 -32.28 14.50 -37.53
N VAL A 935 -33.28 14.93 -36.76
CA VAL A 935 -33.10 15.12 -35.32
C VAL A 935 -32.79 13.78 -34.65
N LEU A 936 -33.54 12.73 -35.02
CA LEU A 936 -33.29 11.41 -34.45
C LEU A 936 -31.90 10.91 -34.80
N SER A 937 -31.48 11.09 -36.06
CA SER A 937 -30.16 10.64 -36.48
C SER A 937 -29.06 11.38 -35.72
N PHE A 938 -29.21 12.69 -35.54
CA PHE A 938 -28.18 13.44 -34.84
C PHE A 938 -28.13 13.09 -33.35
N ALA A 939 -29.30 12.90 -32.73
CA ALA A 939 -29.33 12.47 -31.34
C ALA A 939 -28.69 11.09 -31.19
N GLN A 940 -28.97 10.18 -32.12
CA GLN A 940 -28.36 8.86 -32.07
C GLN A 940 -26.85 8.93 -32.31
N LEU A 941 -26.40 9.84 -33.17
CA LEU A 941 -24.97 10.03 -33.38
C LEU A 941 -24.29 10.51 -32.10
N VAL A 942 -24.90 11.49 -31.43
CA VAL A 942 -24.33 11.98 -30.17
C VAL A 942 -24.30 10.87 -29.12
N SER A 943 -25.39 10.11 -29.03
CA SER A 943 -25.44 9.02 -28.06
C SER A 943 -24.40 7.96 -28.36
N PHE A 944 -24.23 7.61 -29.64
CA PHE A 944 -23.23 6.62 -30.02
C PHE A 944 -21.83 7.10 -29.68
N THR A 945 -21.52 8.36 -30.02
CA THR A 945 -20.19 8.90 -29.74
C THR A 945 -19.91 8.94 -28.23
N ILE A 946 -20.92 9.29 -27.43
CA ILE A 946 -20.74 9.29 -25.99
C ILE A 946 -20.55 7.86 -25.47
N PHE A 947 -21.30 6.91 -26.01
CA PHE A 947 -21.33 5.57 -25.44
C PHE A 947 -20.15 4.72 -25.89
N VAL A 948 -20.07 4.41 -27.17
CA VAL A 948 -19.09 3.41 -27.61
C VAL A 948 -17.67 3.96 -27.58
N PRO A 949 -17.30 4.93 -28.44
CA PRO A 949 -15.87 5.27 -28.55
C PRO A 949 -15.30 5.90 -27.31
N ILE A 950 -16.12 6.52 -26.46
CA ILE A 950 -15.61 7.13 -25.25
C ILE A 950 -15.73 6.14 -24.10
N VAL A 951 -16.95 5.76 -23.74
CA VAL A 951 -17.17 4.96 -22.54
C VAL A 951 -16.62 3.55 -22.71
N LEU A 952 -16.94 2.89 -23.84
CA LEU A 952 -16.49 1.51 -24.01
C LEU A 952 -14.97 1.43 -24.12
N MET A 953 -14.36 2.33 -24.89
CA MET A 953 -12.92 2.32 -25.04
C MET A 953 -12.22 2.67 -23.72
N ASN A 954 -12.79 3.60 -22.95
CA ASN A 954 -12.22 3.91 -21.64
C ASN A 954 -12.32 2.72 -20.70
N LEU A 955 -13.44 2.01 -20.75
CA LEU A 955 -13.60 0.80 -19.95
C LEU A 955 -12.56 -0.24 -20.32
N LEU A 956 -12.36 -0.45 -21.63
CA LEU A 956 -11.38 -1.41 -22.08
C LEU A 956 -9.97 -1.01 -21.65
N ILE A 957 -9.59 0.24 -21.80
CA ILE A 957 -8.26 0.76 -21.39
C ILE A 957 -8.11 0.63 -19.90
N GLY A 958 -9.12 0.86 -19.05
CA GLY A 958 -8.97 0.66 -17.61
C GLY A 958 -8.80 -0.82 -17.26
N LEU A 959 -9.60 -1.68 -17.88
CA LEU A 959 -9.45 -3.12 -17.65
C LEU A 959 -8.06 -3.60 -18.05
N ALA A 960 -7.56 -3.12 -19.18
CA ALA A 960 -6.23 -3.53 -19.63
C ALA A 960 -5.15 -3.03 -18.69
N VAL A 961 -5.23 -1.82 -18.17
CA VAL A 961 -4.25 -1.22 -17.23
C VAL A 961 -4.32 -2.01 -15.92
N GLY A 962 -5.47 -2.50 -15.47
CA GLY A 962 -5.53 -3.37 -14.30
C GLY A 962 -4.91 -4.73 -14.57
N ASP A 963 -5.20 -5.31 -15.73
CA ASP A 963 -4.65 -6.62 -16.09
C ASP A 963 -3.13 -6.56 -16.19
N ILE A 964 -2.59 -5.53 -16.83
CA ILE A 964 -1.15 -5.39 -16.97
C ILE A 964 -0.49 -5.22 -15.61
N ALA A 965 -1.10 -4.42 -14.72
CA ALA A 965 -0.54 -4.26 -13.39
C ALA A 965 -0.54 -5.59 -12.63
N GLU A 966 -1.64 -6.34 -12.72
CA GLU A 966 -1.71 -7.62 -12.04
C GLU A 966 -0.66 -8.59 -12.57
N VAL A 967 -0.45 -8.60 -13.89
CA VAL A 967 0.56 -9.49 -14.47
C VAL A 967 1.95 -9.06 -14.05
N GLN A 968 2.21 -7.75 -14.03
CA GLN A 968 3.52 -7.24 -13.63
C GLN A 968 3.80 -7.39 -12.15
N LYS A 969 2.77 -7.64 -11.33
CA LYS A 969 3.01 -7.93 -9.92
C LYS A 969 3.92 -9.15 -9.75
N HIS A 970 3.74 -10.17 -10.59
CA HIS A 970 4.45 -11.44 -10.48
C HIS A 970 5.24 -11.75 -11.75
N ALA A 971 5.98 -10.77 -12.26
CA ALA A 971 6.67 -10.94 -13.53
C ALA A 971 7.83 -11.93 -13.41
N SER A 972 8.79 -11.63 -12.54
CA SER A 972 9.98 -12.47 -12.41
C SER A 972 9.62 -13.87 -11.93
N LEU A 973 8.70 -13.97 -10.98
CA LEU A 973 8.26 -15.28 -10.51
C LEU A 973 7.66 -16.09 -11.64
N LYS A 974 6.83 -15.46 -12.48
CA LYS A 974 6.24 -16.17 -13.61
C LYS A 974 7.30 -16.61 -14.60
N ARG A 975 8.27 -15.75 -14.90
CA ARG A 975 9.32 -16.11 -15.85
C ARG A 975 10.10 -17.33 -15.36
N ILE A 976 10.53 -17.29 -14.10
CA ILE A 976 11.28 -18.41 -13.55
C ILE A 976 10.41 -19.65 -13.48
N ALA A 977 9.11 -19.48 -13.20
CA ALA A 977 8.19 -20.62 -13.16
C ALA A 977 8.10 -21.31 -14.52
N MET A 978 7.97 -20.52 -15.59
CA MET A 978 7.93 -21.11 -16.93
C MET A 978 9.23 -21.81 -17.26
N GLN A 979 10.37 -21.19 -16.93
CA GLN A 979 11.66 -21.83 -17.20
C GLN A 979 11.77 -23.15 -16.45
N VAL A 980 11.40 -23.16 -15.17
CA VAL A 980 11.51 -24.35 -14.34
C VAL A 980 10.57 -25.44 -14.86
N GLU A 981 9.35 -25.08 -15.24
CA GLU A 981 8.41 -26.06 -15.76
C GLU A 981 8.92 -26.68 -17.06
N LEU A 982 9.46 -25.85 -17.95
CA LEU A 982 10.00 -26.36 -19.21
C LEU A 982 11.15 -27.32 -18.94
N HIS A 983 12.07 -26.95 -18.06
CA HIS A 983 13.22 -27.82 -17.78
C HIS A 983 12.77 -29.11 -17.11
N THR A 984 11.78 -29.04 -16.22
CA THR A 984 11.27 -30.23 -15.56
C THR A 984 10.63 -31.19 -16.57
N SER A 985 9.84 -30.65 -17.50
CA SER A 985 9.26 -31.49 -18.54
C SER A 985 10.33 -32.11 -19.41
N LEU A 986 11.37 -31.34 -19.75
CA LEU A 986 12.46 -31.89 -20.56
C LEU A 986 13.19 -33.01 -19.82
N GLU A 987 13.44 -32.83 -18.52
CA GLU A 987 14.07 -33.89 -17.74
C GLU A 987 13.20 -35.14 -17.70
N LYS A 988 11.90 -34.97 -17.50
CA LYS A 988 11.00 -36.13 -17.50
C LYS A 988 10.97 -36.80 -18.87
N LYS A 989 11.24 -36.04 -19.94
CA LYS A 989 11.25 -36.63 -21.28
C LYS A 989 12.48 -37.50 -21.50
N LEU A 990 13.66 -37.03 -21.10
CA LEU A 990 14.90 -37.77 -21.29
C LEU A 990 15.15 -38.70 -20.11
N PRO A 991 14.88 -40.00 -20.27
CA PRO A 991 14.82 -40.88 -19.09
C PRO A 991 16.13 -41.10 -18.34
N LEU A 992 17.16 -41.64 -19.00
CA LEU A 992 18.31 -42.18 -18.28
C LEU A 992 19.64 -41.55 -18.66
N TRP A 993 20.02 -41.57 -19.94
CA TRP A 993 21.41 -41.39 -20.29
C TRP A 993 21.81 -39.92 -20.39
N PHE A 994 20.96 -39.12 -21.05
CA PHE A 994 21.32 -37.72 -21.28
C PHE A 994 21.52 -36.97 -19.98
N LEU A 995 20.76 -37.32 -18.94
CA LEU A 995 20.91 -36.66 -17.65
C LEU A 995 22.30 -36.87 -17.07
N ARG A 996 22.74 -38.13 -16.96
CA ARG A 996 24.07 -38.40 -16.43
C ARG A 996 25.15 -37.85 -17.36
N LYS A 997 24.85 -37.76 -18.66
CA LYS A 997 25.82 -37.17 -19.59
C LYS A 997 26.00 -35.68 -19.33
N VAL A 998 24.91 -34.97 -19.01
CA VAL A 998 24.98 -33.51 -18.90
C VAL A 998 25.01 -32.99 -17.47
N ASP A 999 24.69 -33.83 -16.49
CA ASP A 999 24.80 -33.40 -15.09
C ASP A 999 26.24 -33.07 -14.75
N GLN A 1000 26.44 -31.92 -14.11
CA GLN A 1000 27.77 -31.41 -13.82
C GLN A 1000 28.08 -31.32 -12.33
N LYS A 1001 27.13 -30.84 -11.52
CA LYS A 1001 27.29 -30.58 -10.10
C LYS A 1001 28.32 -29.49 -9.83
N SER A 1002 28.90 -28.89 -10.87
CA SER A 1002 29.94 -27.88 -10.72
C SER A 1002 30.22 -27.19 -12.05
N THR A 1003 30.48 -25.88 -12.01
CA THR A 1003 30.86 -25.12 -13.19
C THR A 1003 31.68 -23.91 -12.76
N ILE A 1004 32.72 -23.60 -13.52
CA ILE A 1004 33.59 -22.45 -13.25
C ILE A 1004 33.18 -21.32 -14.19
N VAL A 1005 32.99 -20.13 -13.62
CA VAL A 1005 32.55 -18.96 -14.37
C VAL A 1005 33.59 -17.87 -14.22
N TYR A 1006 33.85 -17.14 -15.31
CA TYR A 1006 34.84 -16.08 -15.32
C TYR A 1006 34.14 -14.73 -15.51
N PRO A 1007 33.84 -14.01 -14.43
CA PRO A 1007 33.22 -12.70 -14.58
C PRO A 1007 34.07 -11.70 -15.34
N ASN A 1008 35.40 -11.77 -15.20
CA ASN A 1008 36.27 -10.82 -15.88
C ASN A 1008 36.34 -11.05 -17.38
N LYS A 1009 35.93 -12.23 -17.85
CA LYS A 1009 35.95 -12.60 -19.26
C LYS A 1009 37.35 -12.38 -19.85
N PRO A 1010 38.33 -13.23 -19.49
CA PRO A 1010 39.70 -13.07 -19.98
C PRO A 1010 39.90 -13.69 -21.36
N SER A 1039 8.68 -7.75 2.81
CA SER A 1039 9.56 -7.69 3.96
C SER A 1039 8.81 -7.18 5.19
N LEU A 1040 7.48 -7.13 5.09
CA LEU A 1040 6.63 -6.68 6.18
C LEU A 1040 6.08 -7.84 7.01
N GLU A 1041 5.63 -8.91 6.33
CA GLU A 1041 5.09 -10.05 7.04
C GLU A 1041 6.13 -10.70 7.94
N MET A 1042 7.37 -10.82 7.45
CA MET A 1042 8.43 -11.41 8.26
C MET A 1042 8.71 -10.57 9.51
N GLU A 1043 8.78 -9.25 9.36
CA GLU A 1043 9.04 -8.37 10.50
C GLU A 1043 7.90 -8.45 11.51
N ILE A 1044 6.65 -8.45 11.01
CA ILE A 1044 5.50 -8.54 11.91
C ILE A 1044 5.50 -9.87 12.65
N LEU A 1045 5.85 -10.95 11.96
CA LEU A 1045 5.89 -12.26 12.60
C LEU A 1045 7.00 -12.33 13.65
N LYS A 1046 8.14 -11.70 13.36
CA LYS A 1046 9.22 -11.64 14.36
C LYS A 1046 8.77 -10.87 15.59
N GLN A 1047 8.08 -9.74 15.39
CA GLN A 1047 7.56 -8.99 16.53
C GLN A 1047 6.57 -9.81 17.33
N LYS A 1048 5.71 -10.57 16.64
CA LYS A 1048 4.74 -11.42 17.32
C LYS A 1048 5.42 -12.50 18.14
N TYR A 1049 6.47 -13.13 17.59
CA TYR A 1049 7.23 -14.11 18.36
C TYR A 1049 7.92 -13.49 19.56
N ARG A 1050 8.48 -12.28 19.42
CA ARG A 1050 9.08 -11.61 20.56
C ARG A 1050 8.05 -11.35 21.64
N LEU A 1051 6.85 -10.91 21.25
CA LEU A 1051 5.81 -10.66 22.23
C LEU A 1051 5.33 -11.95 22.90
N LYS A 1052 5.26 -13.04 22.13
CA LYS A 1052 4.89 -14.33 22.72
C LYS A 1052 5.92 -14.78 23.74
N ASP A 1053 7.21 -14.64 23.42
CA ASP A 1053 8.26 -14.97 24.38
C ASP A 1053 8.18 -14.10 25.62
N LEU A 1054 7.91 -12.81 25.43
CA LEU A 1054 7.73 -11.91 26.58
C LEU A 1054 6.56 -12.39 27.45
N THR A 1055 5.47 -12.80 26.83
CA THR A 1055 4.32 -13.28 27.58
C THR A 1055 4.66 -14.52 28.38
N PHE A 1056 5.35 -15.48 27.76
CA PHE A 1056 5.71 -16.72 28.47
C PHE A 1056 6.63 -16.42 29.65
N LEU A 1057 7.64 -15.58 29.42
CA LEU A 1057 8.55 -15.22 30.51
C LEU A 1057 7.82 -14.46 31.61
N LEU A 1058 6.81 -13.67 31.26
CA LEU A 1058 6.05 -12.96 32.27
C LEU A 1058 5.19 -13.91 33.09
N GLU A 1059 4.61 -14.94 32.46
CA GLU A 1059 3.92 -15.96 33.24
C GLU A 1059 4.86 -16.65 34.22
N LYS A 1060 6.06 -17.03 33.75
CA LYS A 1060 7.00 -17.69 34.65
C LYS A 1060 7.42 -16.78 35.80
N GLN A 1061 7.67 -15.51 35.48
CA GLN A 1061 8.06 -14.53 36.50
C GLN A 1061 6.95 -14.31 37.52
N HIS A 1062 5.70 -14.22 37.05
CA HIS A 1062 4.57 -14.06 37.96
C HIS A 1062 4.42 -15.27 38.87
N GLU A 1063 4.61 -16.47 38.32
CA GLU A 1063 4.56 -17.67 39.16
C GLU A 1063 5.66 -17.63 40.23
N LEU A 1064 6.87 -17.22 39.84
CA LEU A 1064 7.96 -17.15 40.81
C LEU A 1064 7.67 -16.14 41.90
N ILE A 1065 7.11 -14.97 41.55
CA ILE A 1065 6.81 -13.97 42.56
C ILE A 1065 5.68 -14.45 43.48
N LYS A 1066 4.68 -15.13 42.92
CA LYS A 1066 3.64 -15.72 43.76
C LYS A 1066 4.24 -16.73 44.74
N LEU A 1067 5.21 -17.51 44.27
CA LEU A 1067 5.90 -18.43 45.17
C LEU A 1067 6.66 -17.68 46.26
N ILE A 1068 7.29 -16.56 45.90
CA ILE A 1068 8.02 -15.76 46.88
C ILE A 1068 7.07 -15.27 47.98
N ILE A 1069 5.90 -14.77 47.58
CA ILE A 1069 4.92 -14.32 48.56
C ILE A 1069 4.43 -15.48 49.40
N GLN A 1070 4.25 -16.65 48.78
CA GLN A 1070 3.71 -17.81 49.49
C GLN A 1070 4.69 -18.33 50.53
N LYS A 1071 5.99 -18.31 50.21
CA LYS A 1071 6.97 -18.99 51.06
C LYS A 1071 7.74 -18.05 51.98
N MET A 1072 7.73 -16.75 51.74
CA MET A 1072 8.44 -15.83 52.61
C MET A 1072 7.78 -15.79 53.98
N GLU A 1073 8.58 -15.49 55.01
CA GLU A 1073 8.07 -15.45 56.37
C GLU A 1073 8.10 -14.01 56.89
N ILE A 1074 7.09 -13.67 57.68
CA ILE A 1074 6.91 -12.33 58.22
C ILE A 1074 6.80 -12.44 59.74
N ILE A 1075 7.71 -11.77 60.44
CA ILE A 1075 7.71 -11.79 61.90
C ILE A 1075 7.43 -10.41 62.51
N SER A 1076 7.53 -9.33 61.74
CA SER A 1076 7.32 -7.98 62.26
C SER A 1076 5.89 -7.51 62.03
N GLU A 1077 5.43 -7.50 60.78
CA GLU A 1077 4.09 -7.02 60.45
C GLU A 1077 3.11 -8.19 60.36
N THR A 1078 2.80 -8.75 61.52
CA THR A 1078 1.79 -9.79 61.64
C THR A 1078 0.41 -9.23 61.96
N GLU A 1079 0.26 -7.91 61.99
CA GLU A 1079 -1.00 -7.25 62.32
C GLU A 1079 -1.53 -7.70 63.67
N LYS B 447 -8.71 -12.47 62.67
CA LYS B 447 -9.56 -12.04 61.57
C LYS B 447 -8.73 -11.67 60.35
N SER B 448 -8.06 -10.52 60.42
CA SER B 448 -7.22 -10.08 59.31
C SER B 448 -6.09 -11.04 59.00
N PRO B 449 -5.34 -11.59 59.97
CA PRO B 449 -4.27 -12.54 59.59
C PRO B 449 -4.78 -13.76 58.84
N LEU B 450 -5.97 -14.27 59.20
CA LEU B 450 -6.51 -15.42 58.47
C LEU B 450 -6.83 -15.04 57.03
N HIS B 451 -7.42 -13.87 56.82
CA HIS B 451 -7.72 -13.42 55.47
C HIS B 451 -6.43 -13.25 54.66
N PHE B 452 -5.40 -12.67 55.27
CA PHE B 452 -4.12 -12.49 54.56
C PHE B 452 -3.50 -13.83 54.21
N ALA B 453 -3.50 -14.78 55.14
CA ALA B 453 -2.90 -16.08 54.88
C ALA B 453 -3.66 -16.84 53.80
N ALA B 454 -4.99 -16.81 53.85
CA ALA B 454 -5.78 -17.50 52.83
C ALA B 454 -5.65 -16.82 51.47
N SER B 455 -5.44 -15.51 51.47
CA SER B 455 -5.34 -14.77 50.21
C SER B 455 -4.11 -15.19 49.42
N TYR B 456 -2.97 -15.39 50.10
CA TYR B 456 -1.70 -15.61 49.42
C TYR B 456 -1.16 -17.01 49.63
N GLY B 457 -2.03 -17.97 49.97
CA GLY B 457 -1.64 -19.36 50.02
C GLY B 457 -0.63 -19.73 51.07
N ARG B 458 -0.68 -19.09 52.23
CA ARG B 458 0.18 -19.45 53.36
C ARG B 458 -0.53 -20.56 54.13
N ILE B 459 -0.32 -21.80 53.67
CA ILE B 459 -1.07 -22.93 54.19
C ILE B 459 -0.68 -23.22 55.63
N ASN B 460 0.60 -23.08 55.96
CA ASN B 460 1.05 -23.37 57.33
C ASN B 460 0.39 -22.45 58.34
N THR B 461 0.32 -21.16 58.03
CA THR B 461 -0.33 -20.21 58.93
C THR B 461 -1.81 -20.54 59.11
N CYS B 462 -2.49 -20.87 58.01
CA CYS B 462 -3.90 -21.22 58.11
C CYS B 462 -4.11 -22.47 58.96
N GLN B 463 -3.26 -23.48 58.78
CA GLN B 463 -3.38 -24.70 59.57
C GLN B 463 -3.13 -24.44 61.04
N ARG B 464 -2.09 -23.66 61.35
CA ARG B 464 -1.76 -23.39 62.74
C ARG B 464 -2.70 -22.39 63.40
N LEU B 465 -3.48 -21.65 62.61
CA LEU B 465 -4.44 -20.70 63.18
C LEU B 465 -5.83 -21.30 63.34
N LEU B 466 -6.27 -22.12 62.39
CA LEU B 466 -7.62 -22.68 62.44
C LEU B 466 -7.71 -23.94 63.28
N GLN B 467 -6.61 -24.44 63.84
CA GLN B 467 -6.62 -25.64 64.65
C GLN B 467 -6.90 -25.35 66.12
N ASP B 468 -7.08 -24.09 66.49
CA ASP B 468 -7.26 -23.74 67.90
C ASP B 468 -8.59 -24.28 68.44
N ILE B 469 -9.69 -24.04 67.71
CA ILE B 469 -11.02 -24.41 68.17
C ILE B 469 -11.75 -25.14 67.05
N SER B 470 -12.75 -25.93 67.44
CA SER B 470 -13.58 -26.68 66.50
C SER B 470 -14.97 -26.08 66.35
N ASP B 471 -15.21 -24.90 66.92
CA ASP B 471 -16.53 -24.26 66.81
C ASP B 471 -16.77 -23.63 65.45
N THR B 472 -15.71 -23.37 64.69
CA THR B 472 -15.79 -22.84 63.32
C THR B 472 -16.56 -21.52 63.29
N ARG B 473 -16.00 -20.51 63.96
CA ARG B 473 -16.56 -19.17 63.96
C ARG B 473 -15.75 -18.18 63.13
N LEU B 474 -14.63 -18.61 62.56
CA LEU B 474 -13.74 -17.72 61.81
C LEU B 474 -13.83 -17.90 60.30
N LEU B 475 -14.05 -19.13 59.81
CA LEU B 475 -14.08 -19.36 58.38
C LEU B 475 -15.28 -18.68 57.71
N ASN B 476 -16.39 -18.54 58.43
CA ASN B 476 -17.61 -17.96 57.88
C ASN B 476 -17.69 -16.50 58.32
N GLU B 477 -16.98 -15.65 57.60
CA GLU B 477 -17.01 -14.21 57.85
C GLU B 477 -16.54 -13.48 56.61
N GLY B 478 -16.98 -12.23 56.46
CA GLY B 478 -16.57 -11.42 55.33
C GLY B 478 -15.98 -10.10 55.74
N ASP B 479 -14.69 -9.91 55.45
CA ASP B 479 -13.98 -8.66 55.77
C ASP B 479 -14.14 -7.73 54.58
N LEU B 480 -15.17 -6.86 54.66
CA LEU B 480 -15.53 -5.90 53.62
C LEU B 480 -16.05 -6.63 52.38
N HIS B 481 -17.17 -6.14 51.85
CA HIS B 481 -17.86 -6.75 50.71
C HIS B 481 -18.29 -8.18 50.99
N GLY B 482 -18.30 -8.58 52.26
CA GLY B 482 -18.71 -9.92 52.64
C GLY B 482 -17.86 -11.02 52.05
N MET B 483 -16.59 -10.76 51.77
CA MET B 483 -15.74 -11.72 51.07
C MET B 483 -15.20 -12.74 52.07
N THR B 484 -15.61 -13.99 51.91
CA THR B 484 -15.11 -15.08 52.71
C THR B 484 -13.62 -15.30 52.41
N PRO B 485 -12.82 -15.71 53.40
CA PRO B 485 -11.44 -16.10 53.09
C PRO B 485 -11.35 -17.22 52.06
N LEU B 486 -12.36 -18.09 52.00
CA LEU B 486 -12.43 -19.05 50.90
C LEU B 486 -12.57 -18.34 49.57
N HIS B 487 -13.34 -17.24 49.54
CA HIS B 487 -13.45 -16.45 48.33
C HIS B 487 -12.09 -15.86 47.93
N LEU B 488 -11.32 -15.37 48.91
CA LEU B 488 -9.99 -14.86 48.61
C LEU B 488 -9.09 -15.95 48.06
N ALA B 489 -9.13 -17.14 48.68
CA ALA B 489 -8.29 -18.24 48.22
C ALA B 489 -8.65 -18.64 46.79
N ALA B 490 -9.94 -18.71 46.48
CA ALA B 490 -10.36 -19.04 45.11
C ALA B 490 -9.97 -17.93 44.15
N LYS B 491 -10.06 -16.68 44.59
CA LYS B 491 -9.72 -15.54 43.74
C LYS B 491 -8.24 -15.56 43.36
N ASN B 492 -7.37 -15.88 44.31
CA ASN B 492 -5.95 -15.92 44.03
C ASN B 492 -5.47 -17.29 43.55
N GLY B 493 -6.36 -18.28 43.48
CA GLY B 493 -6.02 -19.58 42.93
C GLY B 493 -5.03 -20.37 43.76
N HIS B 494 -5.39 -20.67 45.00
CA HIS B 494 -4.55 -21.45 45.90
C HIS B 494 -5.29 -22.73 46.24
N ASP B 495 -4.90 -23.82 45.57
CA ASP B 495 -5.65 -25.07 45.69
C ASP B 495 -5.54 -25.68 47.09
N LYS B 496 -4.32 -25.68 47.65
CA LYS B 496 -4.10 -26.39 48.91
C LYS B 496 -4.86 -25.74 50.06
N VAL B 497 -4.85 -24.42 50.15
CA VAL B 497 -5.59 -23.76 51.22
C VAL B 497 -7.09 -23.90 51.02
N VAL B 498 -7.55 -23.96 49.77
CA VAL B 498 -8.95 -24.22 49.50
C VAL B 498 -9.34 -25.60 50.00
N GLN B 499 -8.49 -26.60 49.73
CA GLN B 499 -8.74 -27.95 50.24
C GLN B 499 -8.74 -27.98 51.76
N LEU B 500 -7.80 -27.27 52.38
CA LEU B 500 -7.73 -27.24 53.84
C LEU B 500 -9.00 -26.62 54.43
N LEU B 501 -9.48 -25.52 53.83
CA LEU B 501 -10.70 -24.90 54.31
C LEU B 501 -11.90 -25.83 54.12
N LEU B 502 -12.05 -26.40 52.93
CA LEU B 502 -13.21 -27.23 52.65
C LEU B 502 -13.24 -28.48 53.53
N LYS B 503 -12.07 -29.06 53.78
CA LYS B 503 -12.01 -30.26 54.63
C LYS B 503 -12.46 -29.95 56.06
N LYS B 504 -12.02 -28.83 56.61
CA LYS B 504 -12.31 -28.49 58.01
C LYS B 504 -13.55 -27.59 58.11
N GLY B 505 -14.67 -28.14 57.64
CA GLY B 505 -15.97 -27.52 57.85
C GLY B 505 -16.18 -26.15 57.25
N ALA B 506 -15.81 -25.96 55.99
CA ALA B 506 -16.13 -24.72 55.31
C ALA B 506 -17.57 -24.75 54.81
N LEU B 507 -18.11 -23.56 54.56
CA LEU B 507 -19.48 -23.40 54.09
C LEU B 507 -19.50 -22.52 52.86
N PHE B 508 -20.44 -22.79 51.95
CA PHE B 508 -20.59 -22.03 50.72
C PHE B 508 -21.55 -20.87 50.97
N LEU B 509 -21.01 -19.66 50.96
CA LEU B 509 -21.81 -18.46 51.17
C LEU B 509 -21.69 -17.57 49.92
N SER B 510 -22.38 -16.43 49.96
CA SER B 510 -22.36 -15.46 48.87
C SER B 510 -21.93 -14.11 49.42
N ASP B 511 -20.97 -13.49 48.76
CA ASP B 511 -20.47 -12.18 49.16
C ASP B 511 -21.36 -11.08 48.56
N HIS B 512 -20.91 -9.84 48.64
CA HIS B 512 -21.61 -8.76 47.97
C HIS B 512 -21.56 -8.95 46.46
N ASN B 513 -22.61 -8.45 45.79
CA ASN B 513 -22.86 -8.67 44.37
C ASN B 513 -23.19 -10.13 44.04
N GLY B 514 -23.41 -10.95 45.05
CA GLY B 514 -23.89 -12.31 44.84
C GLY B 514 -22.85 -13.30 44.34
N TRP B 515 -21.58 -12.93 44.31
CA TRP B 515 -20.55 -13.83 43.81
C TRP B 515 -20.30 -14.96 44.80
N THR B 516 -19.41 -15.87 44.42
CA THR B 516 -19.02 -16.99 45.27
C THR B 516 -17.59 -17.37 44.94
N ALA B 517 -17.13 -18.48 45.54
CA ALA B 517 -15.78 -18.96 45.27
C ALA B 517 -15.64 -19.42 43.82
N LEU B 518 -16.67 -20.08 43.29
CA LEU B 518 -16.62 -20.55 41.90
C LEU B 518 -16.54 -19.39 40.94
N HIS B 519 -17.23 -18.28 41.23
CA HIS B 519 -17.16 -17.11 40.37
C HIS B 519 -15.75 -16.54 40.33
N HIS B 520 -15.09 -16.46 41.49
CA HIS B 520 -13.73 -15.94 41.52
C HIS B 520 -12.76 -16.88 40.82
N ALA B 521 -12.96 -18.20 40.99
CA ALA B 521 -12.13 -19.16 40.28
C ALA B 521 -12.31 -19.04 38.77
N SER B 522 -13.54 -18.79 38.32
CA SER B 522 -13.79 -18.57 36.90
C SER B 522 -13.11 -17.30 36.41
N MET B 523 -13.18 -16.23 37.21
CA MET B 523 -12.54 -14.98 36.82
C MET B 523 -11.03 -15.13 36.72
N GLY B 524 -10.42 -15.85 37.66
CA GLY B 524 -8.98 -16.08 37.61
C GLY B 524 -8.56 -17.20 36.69
N GLY B 525 -9.49 -18.05 36.26
CA GLY B 525 -9.14 -19.15 35.36
C GLY B 525 -8.26 -20.21 35.97
N TYR B 526 -8.43 -20.49 37.26
CA TYR B 526 -7.64 -21.52 37.96
C TYR B 526 -8.40 -22.84 37.87
N THR B 527 -8.03 -23.66 36.88
CA THR B 527 -8.77 -24.90 36.63
C THR B 527 -8.61 -25.88 37.78
N GLN B 528 -7.44 -25.90 38.42
CA GLN B 528 -7.22 -26.82 39.53
C GLN B 528 -8.16 -26.51 40.69
N THR B 529 -8.33 -25.23 41.02
CA THR B 529 -9.25 -24.84 42.07
C THR B 529 -10.68 -25.24 41.72
N MET B 530 -11.07 -25.06 40.44
CA MET B 530 -12.39 -25.50 40.01
C MET B 530 -12.57 -27.00 40.20
N LYS B 531 -11.59 -27.78 39.78
CA LYS B 531 -11.74 -29.23 39.85
C LYS B 531 -11.73 -29.71 41.30
N VAL B 532 -11.08 -28.95 42.18
CA VAL B 532 -11.06 -29.33 43.60
C VAL B 532 -12.33 -28.90 44.32
N ILE B 533 -12.94 -27.78 43.92
CA ILE B 533 -14.12 -27.27 44.60
C ILE B 533 -15.41 -27.82 44.03
N LEU B 534 -15.38 -28.37 42.82
CA LEU B 534 -16.60 -28.82 42.16
C LEU B 534 -17.12 -30.15 42.69
N ASP B 535 -16.26 -31.02 43.21
CA ASP B 535 -16.65 -32.37 43.60
C ASP B 535 -16.86 -32.52 45.11
N THR B 536 -17.39 -31.49 45.76
CA THR B 536 -17.70 -31.58 47.19
C THR B 536 -19.19 -31.58 47.49
N ASN B 537 -20.00 -30.83 46.74
CA ASN B 537 -21.43 -30.79 46.98
C ASN B 537 -22.22 -30.94 45.68
N LEU B 538 -21.61 -30.56 44.56
CA LEU B 538 -22.28 -30.50 43.26
C LEU B 538 -23.53 -29.64 43.30
N LYS B 539 -23.48 -28.55 44.07
CA LYS B 539 -24.61 -27.63 44.20
C LYS B 539 -24.26 -26.18 43.91
N CYS B 540 -22.98 -25.82 43.84
CA CYS B 540 -22.57 -24.46 43.52
C CYS B 540 -22.28 -24.25 42.04
N THR B 541 -22.51 -25.27 41.21
CA THR B 541 -22.25 -25.13 39.78
C THR B 541 -23.15 -24.07 39.16
N ASP B 542 -24.42 -24.08 39.50
CA ASP B 542 -25.41 -23.17 38.92
C ASP B 542 -25.89 -22.23 40.02
N ARG B 543 -25.17 -21.13 40.21
CA ARG B 543 -25.53 -20.09 41.17
C ARG B 543 -25.57 -18.75 40.45
N LEU B 544 -26.55 -17.93 40.78
CA LEU B 544 -26.73 -16.63 40.15
C LEU B 544 -26.26 -15.53 41.09
N ASP B 545 -25.45 -14.61 40.56
CA ASP B 545 -25.00 -13.46 41.32
C ASP B 545 -26.09 -12.39 41.30
N GLU B 546 -25.77 -11.18 41.77
CA GLU B 546 -26.74 -10.10 41.77
C GLU B 546 -27.13 -9.69 40.36
N ASP B 547 -26.32 -10.01 39.36
CA ASP B 547 -26.63 -9.71 37.97
C ASP B 547 -27.11 -10.94 37.20
N GLY B 548 -27.08 -12.12 37.81
CA GLY B 548 -27.53 -13.33 37.16
C GLY B 548 -26.46 -14.12 36.45
N ASN B 549 -25.25 -13.60 36.33
CA ASN B 549 -24.17 -14.32 35.68
C ASN B 549 -23.73 -15.51 36.53
N THR B 550 -23.36 -16.60 35.86
CA THR B 550 -22.88 -17.81 36.50
C THR B 550 -21.37 -17.89 36.37
N ALA B 551 -20.81 -19.03 36.80
CA ALA B 551 -19.39 -19.28 36.63
C ALA B 551 -19.02 -19.40 35.17
N LEU B 552 -19.89 -20.02 34.36
CA LEU B 552 -19.61 -20.21 32.95
C LEU B 552 -19.49 -18.87 32.23
N HIS B 553 -20.34 -17.89 32.58
CA HIS B 553 -20.27 -16.59 31.93
C HIS B 553 -18.92 -15.93 32.16
N PHE B 554 -18.46 -15.91 33.41
CA PHE B 554 -17.16 -15.30 33.70
C PHE B 554 -16.03 -16.07 33.04
N ALA B 555 -16.09 -17.40 33.08
CA ALA B 555 -15.03 -18.21 32.49
C ALA B 555 -14.93 -17.97 30.98
N ALA B 556 -16.07 -17.87 30.30
CA ALA B 556 -16.06 -17.61 28.87
C ALA B 556 -15.65 -16.18 28.55
N ARG B 557 -16.05 -15.21 29.38
CA ARG B 557 -15.72 -13.82 29.12
C ARG B 557 -14.24 -13.53 29.32
N GLU B 558 -13.62 -14.14 30.34
CA GLU B 558 -12.22 -13.86 30.61
C GLU B 558 -11.27 -14.57 29.65
N GLY B 559 -11.77 -15.49 28.82
CA GLY B 559 -10.93 -16.14 27.83
C GLY B 559 -10.29 -17.43 28.28
N HIS B 560 -10.75 -18.03 29.37
CA HIS B 560 -10.17 -19.27 29.88
C HIS B 560 -10.87 -20.45 29.21
N ALA B 561 -10.30 -20.91 28.09
CA ALA B 561 -10.91 -21.99 27.33
C ALA B 561 -10.89 -23.31 28.11
N LYS B 562 -9.76 -23.60 28.76
CA LYS B 562 -9.64 -24.86 29.50
C LYS B 562 -10.60 -24.91 30.68
N ALA B 563 -10.74 -23.78 31.39
CA ALA B 563 -11.73 -23.72 32.47
C ALA B 563 -13.15 -23.89 31.93
N VAL B 564 -13.43 -23.31 30.76
CA VAL B 564 -14.74 -23.46 30.15
C VAL B 564 -15.01 -24.92 29.81
N ALA B 565 -14.01 -25.61 29.26
CA ALA B 565 -14.17 -27.03 28.95
C ALA B 565 -14.39 -27.85 30.21
N LEU B 566 -13.63 -27.56 31.27
CA LEU B 566 -13.80 -28.29 32.52
C LEU B 566 -15.19 -28.07 33.11
N LEU B 567 -15.68 -26.84 33.05
CA LEU B 567 -17.03 -26.56 33.55
C LEU B 567 -18.09 -27.28 32.71
N LEU B 568 -17.98 -27.18 31.38
CA LEU B 568 -18.99 -27.79 30.51
C LEU B 568 -19.01 -29.30 30.66
N SER B 569 -17.84 -29.93 30.79
CA SER B 569 -17.80 -31.38 30.97
C SER B 569 -18.47 -31.80 32.27
N HIS B 570 -18.40 -30.95 33.29
CA HIS B 570 -18.99 -31.28 34.59
C HIS B 570 -20.43 -30.80 34.68
N ASN B 571 -21.23 -31.12 33.67
CA ASN B 571 -22.68 -30.89 33.66
C ASN B 571 -23.03 -29.45 34.03
N ALA B 572 -22.35 -28.51 33.38
CA ALA B 572 -22.67 -27.10 33.58
C ALA B 572 -24.04 -26.78 32.99
N ASP B 573 -24.72 -25.83 33.62
CA ASP B 573 -26.07 -25.43 33.22
C ASP B 573 -26.00 -24.08 32.53
N ILE B 574 -26.63 -23.98 31.36
CA ILE B 574 -26.64 -22.74 30.59
C ILE B 574 -27.89 -21.96 30.93
N VAL B 575 -27.70 -20.74 31.46
CA VAL B 575 -28.79 -19.87 31.86
C VAL B 575 -28.54 -18.49 31.27
N LEU B 576 -29.56 -17.92 30.63
CA LEU B 576 -29.43 -16.59 30.09
C LEU B 576 -29.26 -15.56 31.20
N ASN B 577 -28.41 -14.57 30.95
CA ASN B 577 -28.17 -13.49 31.89
C ASN B 577 -29.41 -12.61 31.98
N LYS B 578 -29.50 -11.83 33.06
CA LYS B 578 -30.59 -10.86 33.20
C LYS B 578 -30.62 -9.87 32.05
N GLN B 579 -29.48 -9.60 31.43
CA GLN B 579 -29.38 -8.82 30.21
C GLN B 579 -29.79 -9.64 28.99
N GLN B 580 -29.90 -10.97 29.15
CA GLN B 580 -30.12 -11.91 28.05
C GLN B 580 -28.88 -12.02 27.17
N ALA B 581 -27.74 -12.20 27.82
CA ALA B 581 -26.46 -12.42 27.16
C ALA B 581 -25.88 -13.74 27.69
N SER B 582 -25.91 -14.78 26.86
CA SER B 582 -25.39 -16.08 27.26
C SER B 582 -23.87 -16.05 27.32
N PHE B 583 -23.30 -17.14 27.83
CA PHE B 583 -21.84 -17.22 27.95
C PHE B 583 -21.17 -17.26 26.59
N LEU B 584 -21.78 -17.94 25.61
CA LEU B 584 -21.25 -17.93 24.26
C LEU B 584 -21.29 -16.52 23.68
N HIS B 585 -22.37 -15.78 23.95
CA HIS B 585 -22.46 -14.40 23.47
C HIS B 585 -21.38 -13.53 24.09
N LEU B 586 -21.11 -13.71 25.38
CA LEU B 586 -20.05 -12.95 26.04
C LEU B 586 -18.69 -13.30 25.46
N ALA B 587 -18.46 -14.58 25.15
CA ALA B 587 -17.20 -14.98 24.53
C ALA B 587 -17.05 -14.36 23.15
N LEU B 588 -18.14 -14.32 22.38
CA LEU B 588 -18.08 -13.74 21.04
C LEU B 588 -17.87 -12.23 21.08
N HIS B 589 -18.54 -11.52 22.00
CA HIS B 589 -18.41 -10.08 22.06
C HIS B 589 -17.02 -9.64 22.51
N ASN B 590 -16.30 -10.47 23.26
CA ASN B 590 -14.95 -10.16 23.70
C ASN B 590 -13.90 -10.72 22.75
N LYS B 591 -14.33 -11.40 21.69
CA LYS B 591 -13.46 -11.93 20.65
C LYS B 591 -12.40 -12.88 21.22
N ARG B 592 -12.90 -13.97 21.79
CA ARG B 592 -12.06 -15.04 22.31
C ARG B 592 -12.18 -16.24 21.38
N LYS B 593 -11.18 -16.44 20.53
CA LYS B 593 -11.22 -17.47 19.50
C LYS B 593 -11.13 -18.87 20.08
N GLU B 594 -10.19 -19.10 21.01
CA GLU B 594 -10.00 -20.44 21.55
C GLU B 594 -11.18 -20.87 22.41
N VAL B 595 -11.80 -19.93 23.14
CA VAL B 595 -12.98 -20.26 23.93
C VAL B 595 -14.13 -20.69 23.01
N VAL B 596 -14.34 -19.96 21.92
CA VAL B 596 -15.39 -20.31 20.98
C VAL B 596 -15.11 -21.66 20.34
N LEU B 597 -13.85 -21.91 19.98
CA LEU B 597 -13.49 -23.20 19.38
C LEU B 597 -13.75 -24.35 20.36
N THR B 598 -13.38 -24.15 21.63
CA THR B 598 -13.62 -25.18 22.64
C THR B 598 -15.11 -25.41 22.84
N ILE B 599 -15.90 -24.32 22.81
CA ILE B 599 -17.35 -24.45 22.93
C ILE B 599 -17.92 -25.25 21.77
N ILE B 600 -17.44 -24.97 20.55
CA ILE B 600 -17.91 -25.68 19.37
C ILE B 600 -17.55 -27.16 19.45
N ARG B 601 -16.31 -27.46 19.84
CA ARG B 601 -15.87 -28.84 19.96
C ARG B 601 -16.54 -29.58 21.12
N SER B 602 -17.23 -28.86 22.01
CA SER B 602 -17.90 -29.51 23.13
C SER B 602 -19.07 -30.36 22.63
N LYS B 603 -19.39 -31.41 23.41
CA LYS B 603 -20.49 -32.29 23.06
C LYS B 603 -21.84 -31.59 23.15
N ARG B 604 -21.92 -30.45 23.83
CA ARG B 604 -23.16 -29.72 24.01
C ARG B 604 -23.23 -28.46 23.15
N TRP B 605 -22.57 -28.48 21.99
CA TRP B 605 -22.55 -27.30 21.13
C TRP B 605 -23.95 -26.96 20.64
N ASP B 606 -24.73 -27.96 20.22
CA ASP B 606 -26.07 -27.69 19.71
C ASP B 606 -26.96 -27.08 20.80
N GLU B 607 -26.90 -27.63 22.02
CA GLU B 607 -27.67 -27.05 23.12
C GLU B 607 -27.30 -25.60 23.36
N CYS B 608 -26.00 -25.31 23.49
CA CYS B 608 -25.57 -23.94 23.70
C CYS B 608 -26.00 -23.04 22.55
N LEU B 609 -26.12 -23.59 21.34
CA LEU B 609 -26.62 -22.81 20.22
C LEU B 609 -28.12 -22.53 20.36
N LYS B 610 -28.86 -23.47 20.96
CA LYS B 610 -30.32 -23.33 21.01
C LYS B 610 -30.75 -22.11 21.83
N ILE B 611 -30.20 -21.95 23.03
CA ILE B 611 -30.65 -20.88 23.93
C ILE B 611 -30.02 -19.56 23.50
N PHE B 612 -30.86 -18.63 23.06
CA PHE B 612 -30.46 -17.25 22.81
C PHE B 612 -31.72 -16.40 22.76
N SER B 613 -31.55 -15.10 22.94
CA SER B 613 -32.67 -14.18 22.97
C SER B 613 -33.20 -13.96 21.55
N HIS B 614 -34.52 -14.09 21.39
CA HIS B 614 -35.16 -13.90 20.10
C HIS B 614 -35.71 -12.49 19.90
N ASN B 615 -35.70 -11.65 20.92
CA ASN B 615 -36.29 -10.32 20.83
C ASN B 615 -35.44 -9.21 21.41
N SER B 616 -34.30 -9.52 22.04
CA SER B 616 -33.48 -8.47 22.64
C SER B 616 -32.91 -7.56 21.57
N PRO B 617 -32.80 -6.25 21.84
CA PRO B 617 -32.22 -5.35 20.82
C PRO B 617 -30.82 -5.74 20.41
N GLY B 618 -30.01 -6.22 21.35
CA GLY B 618 -28.71 -6.80 21.06
C GLY B 618 -28.70 -8.29 21.34
N ASN B 619 -27.49 -8.85 21.36
CA ASN B 619 -27.27 -10.25 21.71
C ASN B 619 -28.06 -11.17 20.79
N LYS B 620 -27.73 -11.10 19.51
CA LYS B 620 -28.50 -11.79 18.47
C LYS B 620 -28.12 -13.27 18.41
N CYS B 621 -28.54 -13.93 17.34
CA CYS B 621 -28.27 -15.35 17.19
C CYS B 621 -26.76 -15.60 17.18
N PRO B 622 -26.29 -16.69 17.78
CA PRO B 622 -24.83 -16.92 17.86
C PRO B 622 -24.14 -16.97 16.50
N ILE B 623 -24.78 -17.52 15.48
CA ILE B 623 -24.15 -17.63 14.17
C ILE B 623 -23.86 -16.25 13.60
N THR B 624 -24.84 -15.35 13.70
CA THR B 624 -24.62 -13.97 13.26
C THR B 624 -23.52 -13.30 14.07
N GLU B 625 -23.46 -13.58 15.37
CA GLU B 625 -22.43 -12.97 16.22
C GLU B 625 -21.04 -13.43 15.80
N MET B 626 -20.86 -14.72 15.52
CA MET B 626 -19.54 -15.17 15.12
C MET B 626 -19.20 -14.72 13.71
N ILE B 627 -20.21 -14.58 12.83
CA ILE B 627 -19.95 -14.01 11.51
C ILE B 627 -19.45 -12.58 11.64
N GLU B 628 -20.07 -11.80 12.53
CA GLU B 628 -19.68 -10.40 12.69
C GLU B 628 -18.33 -10.26 13.37
N TYR B 629 -18.06 -11.07 14.39
CA TYR B 629 -16.91 -10.83 15.27
C TYR B 629 -15.71 -11.70 14.93
N LEU B 630 -15.89 -13.02 14.88
CA LEU B 630 -14.77 -13.94 14.64
C LEU B 630 -15.01 -14.74 13.37
N PRO B 631 -14.57 -14.26 12.21
CA PRO B 631 -14.75 -15.06 10.98
C PRO B 631 -14.01 -16.38 11.00
N GLU B 632 -12.85 -16.44 11.67
CA GLU B 632 -12.09 -17.69 11.70
C GLU B 632 -12.82 -18.80 12.45
N CYS B 633 -13.50 -18.47 13.55
CA CYS B 633 -14.28 -19.47 14.27
C CYS B 633 -15.39 -20.01 13.40
N MET B 634 -16.05 -19.14 12.63
CA MET B 634 -17.10 -19.59 11.73
C MET B 634 -16.52 -20.43 10.60
N LYS B 635 -15.34 -20.09 10.11
CA LYS B 635 -14.69 -20.91 9.10
C LYS B 635 -14.39 -22.30 9.63
N VAL B 636 -13.89 -22.39 10.86
CA VAL B 636 -13.63 -23.70 11.47
C VAL B 636 -14.94 -24.46 11.65
N LEU B 637 -16.00 -23.77 12.06
CA LEU B 637 -17.30 -24.43 12.23
C LEU B 637 -17.82 -24.97 10.90
N LEU B 638 -17.68 -24.19 9.83
CA LEU B 638 -18.11 -24.65 8.51
C LEU B 638 -17.27 -25.82 8.02
N ASP B 639 -15.95 -25.80 8.28
CA ASP B 639 -15.12 -26.96 7.95
C ASP B 639 -15.54 -28.18 8.76
N PHE B 640 -16.03 -27.98 9.98
CA PHE B 640 -16.65 -29.07 10.72
C PHE B 640 -17.92 -29.53 10.04
N CYS B 641 -18.64 -28.60 9.39
CA CYS B 641 -19.85 -28.92 8.63
C CYS B 641 -19.53 -29.33 7.19
N MET B 642 -18.26 -29.31 6.80
CA MET B 642 -17.88 -29.71 5.45
C MET B 642 -18.28 -31.15 5.16
N LEU B 643 -18.04 -32.06 6.10
CA LEU B 643 -18.37 -33.48 5.99
C LEU B 643 -17.69 -34.08 4.75
N HIS B 644 -16.36 -34.07 4.81
CA HIS B 644 -15.54 -34.68 3.77
C HIS B 644 -15.27 -36.13 4.15
N SER B 645 -16.00 -37.04 3.52
CA SER B 645 -15.89 -38.47 3.81
C SER B 645 -15.35 -39.22 2.60
N THR B 646 -15.14 -40.52 2.79
CA THR B 646 -14.61 -41.41 1.75
C THR B 646 -13.28 -40.91 1.21
N GLU B 647 -12.38 -40.56 2.12
CA GLU B 647 -11.05 -40.05 1.76
C GLU B 647 -10.11 -41.24 1.51
N ASP B 648 -10.46 -42.03 0.51
CA ASP B 648 -9.68 -43.21 0.11
C ASP B 648 -9.38 -43.09 -1.39
N LYS B 649 -8.28 -42.40 -1.71
CA LYS B 649 -7.81 -42.22 -3.07
C LYS B 649 -8.80 -41.46 -3.95
N SER B 650 -8.34 -41.00 -5.11
CA SER B 650 -9.20 -40.30 -6.06
C SER B 650 -9.64 -41.28 -7.15
N CYS B 651 -10.40 -42.28 -6.72
CA CYS B 651 -10.88 -43.36 -7.59
C CYS B 651 -12.40 -43.31 -7.77
N ARG B 652 -12.94 -42.10 -7.90
CA ARG B 652 -14.37 -41.89 -8.11
C ARG B 652 -15.20 -42.51 -7.00
N ASP B 653 -14.67 -42.49 -5.78
CA ASP B 653 -15.37 -43.02 -4.61
C ASP B 653 -15.83 -41.93 -3.67
N TYR B 654 -15.76 -40.67 -4.08
CA TYR B 654 -16.16 -39.56 -3.22
C TYR B 654 -17.68 -39.46 -3.16
N TYR B 655 -18.22 -39.30 -1.95
CA TYR B 655 -19.64 -39.03 -1.77
C TYR B 655 -19.79 -37.84 -0.82
N ILE B 656 -18.92 -36.84 -0.99
CA ILE B 656 -18.89 -35.69 -0.10
C ILE B 656 -20.26 -35.04 -0.03
N GLU B 657 -20.68 -34.73 1.19
CA GLU B 657 -22.03 -34.24 1.46
C GLU B 657 -21.95 -32.87 2.12
N TYR B 658 -22.84 -31.98 1.72
CA TYR B 658 -22.88 -30.61 2.25
C TYR B 658 -24.09 -30.48 3.17
N ASN B 659 -23.87 -29.96 4.37
CA ASN B 659 -24.95 -29.72 5.31
C ASN B 659 -25.17 -28.22 5.48
N PHE B 660 -26.45 -27.84 5.61
CA PHE B 660 -26.85 -26.44 5.59
C PHE B 660 -27.56 -26.05 6.88
N LYS B 661 -27.30 -26.78 7.97
CA LYS B 661 -27.99 -26.50 9.23
C LYS B 661 -27.57 -25.15 9.81
N TYR B 662 -26.28 -24.82 9.76
CA TYR B 662 -25.78 -23.61 10.39
C TYR B 662 -26.01 -22.37 9.55
N LEU B 663 -26.36 -22.51 8.27
CA LEU B 663 -26.65 -21.37 7.41
C LEU B 663 -28.08 -20.87 7.55
N GLN B 664 -28.91 -21.57 8.31
CA GLN B 664 -30.29 -21.18 8.55
C GLN B 664 -30.43 -20.83 10.03
N CYS B 665 -31.09 -19.71 10.31
CA CYS B 665 -31.21 -19.24 11.69
C CYS B 665 -31.98 -20.27 12.52
N PRO B 666 -31.46 -20.68 13.68
CA PRO B 666 -32.08 -21.79 14.42
C PRO B 666 -33.20 -21.41 15.37
N LEU B 667 -33.59 -20.14 15.43
CA LEU B 667 -34.69 -19.76 16.34
C LEU B 667 -36.00 -20.43 15.94
N GLU B 668 -36.29 -20.44 14.63
CA GLU B 668 -37.53 -21.04 14.13
C GLU B 668 -37.35 -21.53 12.70
N VAL B 678 -41.83 -11.59 15.01
CA VAL B 678 -41.03 -10.91 14.00
C VAL B 678 -41.33 -11.50 12.62
N ILE B 679 -40.37 -11.35 11.70
CA ILE B 679 -40.51 -11.83 10.33
C ILE B 679 -39.44 -12.88 10.08
N TYR B 680 -39.63 -13.64 9.00
CA TYR B 680 -38.71 -14.69 8.60
C TYR B 680 -37.77 -14.14 7.53
N GLU B 681 -36.54 -13.86 7.92
CA GLU B 681 -35.55 -13.37 6.97
C GLU B 681 -35.09 -14.52 6.07
N PRO B 682 -35.03 -14.32 4.76
CA PRO B 682 -34.72 -15.44 3.84
C PRO B 682 -33.36 -16.09 4.10
N LEU B 683 -32.28 -15.31 4.00
CA LEU B 683 -30.92 -15.82 4.16
C LEU B 683 -30.23 -14.97 5.22
N THR B 684 -30.37 -15.38 6.49
CA THR B 684 -29.75 -14.62 7.58
C THR B 684 -28.23 -14.70 7.54
N ALA B 685 -27.70 -15.92 7.38
CA ALA B 685 -26.26 -16.10 7.41
C ALA B 685 -25.58 -15.40 6.24
N LEU B 686 -26.14 -15.54 5.04
CA LEU B 686 -25.53 -14.92 3.87
C LEU B 686 -25.60 -13.40 3.94
N ASN B 687 -26.72 -12.86 4.42
CA ASN B 687 -26.83 -11.42 4.61
C ASN B 687 -25.83 -10.92 5.64
N ALA B 688 -25.64 -11.66 6.72
CA ALA B 688 -24.65 -11.28 7.72
C ALA B 688 -23.24 -11.30 7.14
N MET B 689 -22.93 -12.32 6.33
CA MET B 689 -21.61 -12.41 5.72
C MET B 689 -21.36 -11.26 4.75
N VAL B 690 -22.35 -10.94 3.91
CA VAL B 690 -22.16 -9.89 2.92
C VAL B 690 -22.13 -8.52 3.58
N GLN B 691 -22.88 -8.33 4.67
CA GLN B 691 -22.91 -7.03 5.33
C GLN B 691 -21.56 -6.70 5.97
N ASN B 692 -20.90 -7.71 6.54
CA ASN B 692 -19.63 -7.51 7.23
C ASN B 692 -18.42 -7.74 6.32
N ASN B 693 -18.63 -7.81 5.00
CA ASN B 693 -17.55 -7.98 4.03
C ASN B 693 -16.73 -9.23 4.31
N ARG B 694 -17.42 -10.32 4.64
CA ARG B 694 -16.77 -11.61 4.90
C ARG B 694 -16.53 -12.32 3.57
N ILE B 695 -15.59 -11.75 2.79
CA ILE B 695 -15.30 -12.29 1.47
C ILE B 695 -14.61 -13.65 1.60
N GLU B 696 -13.73 -13.80 2.59
CA GLU B 696 -13.09 -15.10 2.82
C GLU B 696 -14.10 -16.13 3.30
N LEU B 697 -15.07 -15.71 4.11
CA LEU B 697 -16.11 -16.62 4.58
C LEU B 697 -17.13 -16.92 3.49
N LEU B 698 -17.45 -15.93 2.66
CA LEU B 698 -18.42 -16.13 1.58
C LEU B 698 -17.87 -17.04 0.49
N ASN B 699 -16.54 -17.14 0.37
CA ASN B 699 -15.92 -17.97 -0.65
C ASN B 699 -15.75 -19.42 -0.21
N HIS B 700 -16.20 -19.77 0.98
CA HIS B 700 -16.07 -21.14 1.47
C HIS B 700 -16.90 -22.07 0.58
N PRO B 701 -16.48 -23.32 0.39
CA PRO B 701 -17.26 -24.24 -0.45
C PRO B 701 -18.68 -24.47 0.04
N VAL B 702 -18.92 -24.44 1.35
CA VAL B 702 -20.27 -24.63 1.87
C VAL B 702 -21.19 -23.50 1.41
N CYS B 703 -20.74 -22.26 1.56
CA CYS B 703 -21.55 -21.11 1.15
C CYS B 703 -21.74 -21.09 -0.36
N LYS B 704 -20.69 -21.40 -1.12
CA LYS B 704 -20.79 -21.44 -2.58
C LYS B 704 -21.80 -22.49 -3.01
N GLU B 705 -21.76 -23.67 -2.40
CA GLU B 705 -22.69 -24.72 -2.76
C GLU B 705 -24.11 -24.41 -2.31
N TYR B 706 -24.26 -23.71 -1.19
CA TYR B 706 -25.58 -23.25 -0.77
C TYR B 706 -26.18 -22.31 -1.81
N LEU B 707 -25.38 -21.35 -2.27
CA LEU B 707 -25.85 -20.44 -3.31
C LEU B 707 -26.18 -21.17 -4.60
N LEU B 708 -25.34 -22.15 -4.97
CA LEU B 708 -25.60 -22.93 -6.19
C LEU B 708 -26.89 -23.74 -6.07
N MET B 709 -27.13 -24.34 -4.90
CA MET B 709 -28.35 -25.11 -4.68
C MET B 709 -29.58 -24.21 -4.73
N LYS B 710 -29.50 -23.03 -4.13
CA LYS B 710 -30.62 -22.09 -4.21
C LYS B 710 -30.87 -21.67 -5.66
N TRP B 711 -29.78 -21.44 -6.40
CA TRP B 711 -29.87 -21.16 -7.83
C TRP B 711 -30.69 -22.24 -8.53
N LEU B 712 -30.19 -23.47 -8.53
CA LEU B 712 -30.89 -24.56 -9.22
C LEU B 712 -32.28 -24.82 -8.66
N ALA B 713 -32.54 -24.40 -7.42
CA ALA B 713 -33.87 -24.60 -6.85
C ALA B 713 -34.88 -23.64 -7.48
N TYR B 714 -34.64 -22.33 -7.35
CA TYR B 714 -35.61 -21.36 -7.85
C TYR B 714 -35.02 -20.20 -8.65
N GLY B 715 -33.74 -19.89 -8.47
CA GLY B 715 -33.20 -18.70 -9.11
C GLY B 715 -33.13 -18.81 -10.61
N PHE B 716 -32.70 -19.96 -11.12
CA PHE B 716 -32.66 -20.17 -12.56
C PHE B 716 -34.06 -20.15 -13.16
N ARG B 717 -35.03 -20.73 -12.45
CA ARG B 717 -36.40 -20.73 -12.95
C ARG B 717 -36.93 -19.30 -13.05
N ALA B 718 -36.74 -18.50 -12.00
CA ALA B 718 -37.22 -17.11 -12.04
C ALA B 718 -36.49 -16.30 -13.09
N HIS B 719 -35.17 -16.51 -13.22
CA HIS B 719 -34.38 -15.79 -14.21
C HIS B 719 -34.85 -16.11 -15.63
N MET B 720 -35.09 -17.40 -15.90
CA MET B 720 -35.58 -17.81 -17.21
C MET B 720 -36.97 -17.26 -17.48
N MET B 721 -37.84 -17.24 -16.46
CA MET B 721 -39.16 -16.67 -16.63
C MET B 721 -39.09 -15.20 -17.00
N ASN B 722 -38.25 -14.44 -16.29
CA ASN B 722 -38.12 -13.01 -16.57
C ASN B 722 -37.56 -12.77 -17.97
N LEU B 723 -36.50 -13.51 -18.33
CA LEU B 723 -35.91 -13.33 -19.65
C LEU B 723 -36.86 -13.76 -20.76
N GLY B 724 -37.64 -14.82 -20.56
CA GLY B 724 -38.62 -15.18 -21.57
C GLY B 724 -39.72 -14.15 -21.71
N SER B 725 -40.18 -13.60 -20.59
CA SER B 725 -41.20 -12.55 -20.64
C SER B 725 -40.70 -11.33 -21.40
N TYR B 726 -39.43 -10.97 -21.21
CA TYR B 726 -38.89 -9.83 -21.95
C TYR B 726 -38.63 -10.19 -23.42
N CYS B 727 -38.11 -11.39 -23.67
CA CYS B 727 -37.77 -11.79 -25.03
C CYS B 727 -39.02 -11.94 -25.90
N LEU B 728 -40.17 -12.26 -25.29
CA LEU B 728 -41.39 -12.40 -26.06
C LEU B 728 -41.76 -11.12 -26.80
N GLY B 729 -41.24 -9.98 -26.36
CA GLY B 729 -41.41 -8.74 -27.09
C GLY B 729 -40.14 -8.23 -27.71
N LEU B 730 -38.99 -8.65 -27.16
CA LEU B 730 -37.71 -8.22 -27.72
C LEU B 730 -37.43 -8.87 -29.06
N ILE B 731 -37.71 -10.16 -29.19
CA ILE B 731 -37.32 -10.93 -30.38
C ILE B 731 -38.25 -10.60 -31.56
N PRO B 732 -39.58 -10.68 -31.41
CA PRO B 732 -40.45 -10.39 -32.57
C PRO B 732 -40.22 -9.01 -33.15
N MET B 733 -39.87 -8.03 -32.32
CA MET B 733 -39.51 -6.72 -32.85
C MET B 733 -38.27 -6.82 -33.74
N THR B 734 -37.30 -7.64 -33.35
CA THR B 734 -36.09 -7.81 -34.16
C THR B 734 -36.42 -8.46 -35.50
N ILE B 735 -37.26 -9.50 -35.51
CA ILE B 735 -37.69 -10.07 -36.78
C ILE B 735 -38.44 -9.05 -37.62
N LEU B 736 -39.31 -8.25 -37.00
CA LEU B 736 -40.05 -7.24 -37.74
C LEU B 736 -39.12 -6.22 -38.38
N VAL B 737 -38.09 -5.80 -37.65
CA VAL B 737 -37.16 -4.82 -38.19
C VAL B 737 -36.33 -5.43 -39.31
N VAL B 738 -35.81 -6.64 -39.10
CA VAL B 738 -34.89 -7.25 -40.06
C VAL B 738 -35.61 -7.63 -41.35
N ASN B 739 -36.82 -8.17 -41.24
CA ASN B 739 -37.52 -8.72 -42.40
C ASN B 739 -38.32 -7.67 -43.17
N ILE B 740 -38.38 -6.43 -42.70
CA ILE B 740 -39.11 -5.36 -43.37
C ILE B 740 -38.15 -4.23 -43.66
N LYS B 741 -38.16 -3.74 -44.89
CA LYS B 741 -37.29 -2.63 -45.26
C LYS B 741 -37.76 -1.36 -44.56
N PRO B 742 -36.86 -0.67 -43.84
CA PRO B 742 -37.29 0.51 -43.09
C PRO B 742 -37.85 1.60 -43.99
N GLY B 743 -38.76 2.40 -43.42
CA GLY B 743 -39.42 3.44 -44.17
C GLY B 743 -40.57 2.97 -45.02
N MET B 744 -41.04 1.75 -44.84
CA MET B 744 -42.07 1.15 -45.67
C MET B 744 -43.22 0.69 -44.80
N ALA B 745 -44.44 1.08 -45.16
CA ALA B 745 -45.61 0.78 -44.35
C ALA B 745 -45.99 -0.68 -44.45
N PHE B 746 -46.54 -1.22 -43.36
CA PHE B 746 -46.96 -2.61 -43.33
C PHE B 746 -48.07 -2.78 -42.30
N ASN B 747 -48.86 -3.83 -42.48
CA ASN B 747 -49.95 -4.15 -41.56
C ASN B 747 -50.07 -5.67 -41.49
N SER B 748 -51.19 -6.15 -40.93
CA SER B 748 -51.36 -7.59 -40.73
C SER B 748 -51.39 -8.35 -42.05
N THR B 749 -52.05 -7.80 -43.07
CA THR B 749 -52.11 -8.49 -44.36
C THR B 749 -50.72 -8.60 -44.98
N GLY B 750 -49.92 -7.54 -44.87
CA GLY B 750 -48.57 -7.56 -45.40
C GLY B 750 -48.06 -6.19 -45.76
N ILE B 751 -47.06 -6.13 -46.65
CA ILE B 751 -46.52 -4.86 -47.10
C ILE B 751 -47.56 -4.16 -47.96
N ILE B 752 -47.84 -2.89 -47.64
CA ILE B 752 -48.84 -2.12 -48.36
C ILE B 752 -48.24 -1.00 -49.20
N ASN B 753 -46.95 -0.71 -49.08
CA ASN B 753 -46.33 0.36 -49.85
C ASN B 753 -45.73 -0.18 -51.14
N ILE B 761 -49.41 -2.56 -54.67
CA ILE B 761 -48.94 -3.94 -54.67
C ILE B 761 -48.70 -4.41 -53.25
N LEU B 762 -49.20 -5.60 -52.93
CA LEU B 762 -49.04 -6.21 -51.62
C LEU B 762 -48.15 -7.43 -51.72
N ASP B 763 -47.19 -7.56 -50.80
CA ASP B 763 -46.24 -8.67 -50.84
C ASP B 763 -46.93 -9.99 -50.54
N THR B 764 -47.51 -10.10 -49.33
CA THR B 764 -48.20 -11.30 -48.89
C THR B 764 -47.30 -12.54 -48.98
N THR B 765 -46.02 -12.36 -48.65
CA THR B 765 -45.06 -13.45 -48.63
C THR B 765 -44.69 -13.88 -47.22
N ASN B 766 -44.45 -12.91 -46.34
CA ASN B 766 -44.17 -13.17 -44.92
C ASN B 766 -45.35 -12.72 -44.05
N SER B 767 -46.56 -12.84 -44.60
CA SER B 767 -47.73 -12.29 -43.92
C SER B 767 -47.98 -12.95 -42.57
N TYR B 768 -47.88 -14.29 -42.53
CA TYR B 768 -48.09 -14.99 -41.26
C TYR B 768 -47.04 -14.61 -40.23
N LEU B 769 -45.77 -14.54 -40.65
CA LEU B 769 -44.71 -14.16 -39.72
C LEU B 769 -44.90 -12.74 -39.21
N ILE B 770 -45.27 -11.82 -40.10
CA ILE B 770 -45.47 -10.43 -39.69
C ILE B 770 -46.62 -10.33 -38.70
N LYS B 771 -47.75 -10.99 -39.01
CA LYS B 771 -48.90 -10.94 -38.11
C LYS B 771 -48.57 -11.53 -36.76
N THR B 772 -47.88 -12.67 -36.73
CA THR B 772 -47.51 -13.29 -35.47
C THR B 772 -46.57 -12.38 -34.68
N CYS B 773 -45.60 -11.75 -35.35
CA CYS B 773 -44.66 -10.89 -34.66
C CYS B 773 -45.34 -9.67 -34.06
N MET B 774 -46.24 -9.03 -34.81
CA MET B 774 -46.92 -7.86 -34.24
C MET B 774 -47.88 -8.25 -33.13
N ILE B 775 -48.54 -9.41 -33.26
CA ILE B 775 -49.39 -9.87 -32.17
C ILE B 775 -48.57 -10.10 -30.90
N LEU B 776 -47.40 -10.73 -31.05
CA LEU B 776 -46.54 -10.97 -29.90
C LEU B 776 -46.04 -9.67 -29.29
N VAL B 777 -45.67 -8.70 -30.14
CA VAL B 777 -45.19 -7.42 -29.64
C VAL B 777 -46.30 -6.70 -28.88
N PHE B 778 -47.51 -6.68 -29.44
CA PHE B 778 -48.63 -6.04 -28.76
C PHE B 778 -48.93 -6.70 -27.42
N LEU B 779 -48.95 -8.03 -27.39
CA LEU B 779 -49.25 -8.74 -26.16
C LEU B 779 -48.17 -8.50 -25.10
N SER B 780 -46.91 -8.52 -25.51
CA SER B 780 -45.83 -8.29 -24.57
C SER B 780 -45.85 -6.86 -24.03
N SER B 781 -46.16 -5.89 -24.89
CA SER B 781 -46.25 -4.50 -24.43
C SER B 781 -47.41 -4.31 -23.47
N ILE B 782 -48.55 -4.94 -23.75
CA ILE B 782 -49.69 -4.86 -22.84
C ILE B 782 -49.37 -5.53 -21.51
N PHE B 783 -48.68 -6.67 -21.56
CA PHE B 783 -48.26 -7.34 -20.33
C PHE B 783 -47.30 -6.48 -19.52
N GLY B 784 -46.37 -5.80 -20.20
CA GLY B 784 -45.47 -4.90 -19.50
C GLY B 784 -46.19 -3.72 -18.88
N TYR B 785 -47.18 -3.16 -19.59
CA TYR B 785 -47.98 -2.08 -19.01
C TYR B 785 -48.74 -2.56 -17.77
N CYS B 786 -49.32 -3.77 -17.84
CA CYS B 786 -50.04 -4.30 -16.70
C CYS B 786 -49.10 -4.54 -15.51
N LYS B 787 -47.92 -5.09 -15.77
CA LYS B 787 -46.94 -5.30 -14.70
C LYS B 787 -46.46 -3.98 -14.12
N GLU B 788 -46.41 -2.92 -14.94
CA GLU B 788 -46.11 -1.59 -14.43
C GLU B 788 -47.23 -1.09 -13.52
N ALA B 789 -48.48 -1.33 -13.91
CA ALA B 789 -49.60 -0.92 -13.07
C ALA B 789 -49.61 -1.66 -11.74
N GLY B 790 -49.31 -2.96 -11.76
CA GLY B 790 -49.29 -3.76 -10.55
C GLY B 790 -47.88 -4.13 -10.10
N ASP B 802 -36.92 5.86 -11.53
CA ASP B 802 -35.79 4.99 -11.88
C ASP B 802 -35.57 4.97 -13.38
N ILE B 803 -34.33 4.73 -13.79
CA ILE B 803 -34.01 4.70 -15.21
C ILE B 803 -34.70 3.51 -15.89
N SER B 804 -34.82 2.40 -15.17
CA SER B 804 -35.47 1.22 -15.76
C SER B 804 -36.93 1.48 -16.08
N ASN B 805 -37.64 2.19 -15.19
CA ASN B 805 -39.05 2.47 -15.42
C ASN B 805 -39.23 3.35 -16.66
N VAL B 806 -38.41 4.39 -16.79
CA VAL B 806 -38.50 5.26 -17.96
C VAL B 806 -38.16 4.49 -19.23
N LEU B 807 -37.11 3.66 -19.18
CA LEU B 807 -36.74 2.85 -20.33
C LEU B 807 -37.90 1.95 -20.76
N GLU B 808 -38.52 1.26 -19.79
CA GLU B 808 -39.60 0.35 -20.11
C GLU B 808 -40.83 1.10 -20.64
N TRP B 809 -41.12 2.27 -20.08
CA TRP B 809 -42.26 3.06 -20.55
C TRP B 809 -42.05 3.51 -21.99
N ILE B 810 -40.85 4.00 -22.32
CA ILE B 810 -40.56 4.38 -23.69
C ILE B 810 -40.67 3.17 -24.61
N ILE B 811 -40.13 2.03 -24.18
CA ILE B 811 -40.19 0.81 -24.99
C ILE B 811 -41.63 0.44 -25.28
N TYR B 812 -42.48 0.44 -24.26
CA TYR B 812 -43.87 0.02 -24.45
C TYR B 812 -44.63 1.01 -25.33
N THR B 813 -44.45 2.31 -25.12
CA THR B 813 -45.15 3.29 -25.94
C THR B 813 -44.75 3.15 -27.41
N THR B 814 -43.44 3.07 -27.67
CA THR B 814 -42.99 2.96 -29.05
C THR B 814 -43.38 1.62 -29.66
N GLY B 815 -43.49 0.57 -28.85
CA GLY B 815 -43.98 -0.69 -29.35
C GLY B 815 -45.45 -0.64 -29.75
N ILE B 816 -46.27 0.04 -28.95
CA ILE B 816 -47.67 0.24 -29.33
C ILE B 816 -47.76 1.02 -30.64
N ILE B 817 -46.98 2.10 -30.76
CA ILE B 817 -47.08 2.92 -31.97
C ILE B 817 -46.57 2.15 -33.19
N PHE B 818 -45.53 1.33 -33.01
CA PHE B 818 -44.94 0.62 -34.15
C PHE B 818 -45.90 -0.39 -34.75
N VAL B 819 -46.60 -1.16 -33.91
CA VAL B 819 -47.48 -2.21 -34.38
C VAL B 819 -48.93 -1.74 -34.34
N LEU B 820 -49.10 -0.41 -34.24
CA LEU B 820 -50.46 0.16 -34.26
C LEU B 820 -51.27 -0.18 -35.50
N PRO B 821 -50.69 -0.28 -36.73
CA PRO B 821 -51.51 -0.61 -37.90
C PRO B 821 -52.28 -1.93 -37.80
N LEU B 822 -52.11 -2.66 -36.69
CA LEU B 822 -52.94 -3.83 -36.46
C LEU B 822 -54.42 -3.48 -36.45
N PHE B 823 -54.76 -2.33 -35.86
CA PHE B 823 -56.14 -1.83 -35.83
C PHE B 823 -56.33 -0.57 -36.65
N VAL B 824 -55.56 0.48 -36.38
CA VAL B 824 -55.73 1.77 -37.03
C VAL B 824 -54.47 2.08 -37.83
N GLU B 825 -54.65 2.42 -39.10
CA GLU B 825 -53.52 2.74 -39.96
C GLU B 825 -52.88 4.06 -39.54
N ILE B 826 -51.56 4.14 -39.72
CA ILE B 826 -50.80 5.34 -39.40
C ILE B 826 -49.76 5.57 -40.50
N PRO B 827 -49.30 6.80 -40.65
CA PRO B 827 -48.22 7.07 -41.62
C PRO B 827 -46.98 6.27 -41.29
N ALA B 828 -46.29 5.81 -42.35
CA ALA B 828 -45.11 4.98 -42.17
C ALA B 828 -43.98 5.73 -41.49
N HIS B 829 -43.94 7.07 -41.64
CA HIS B 829 -42.85 7.85 -41.06
C HIS B 829 -42.84 7.74 -39.54
N LEU B 830 -43.98 8.03 -38.90
CA LEU B 830 -44.06 7.93 -37.45
C LEU B 830 -43.86 6.50 -36.99
N GLN B 831 -44.41 5.54 -37.73
CA GLN B 831 -44.27 4.13 -37.39
C GLN B 831 -42.80 3.73 -37.32
N TRP B 832 -42.02 4.13 -38.33
CA TRP B 832 -40.62 3.69 -38.36
C TRP B 832 -39.74 4.50 -37.41
N GLN B 833 -40.08 5.77 -37.16
CA GLN B 833 -39.37 6.48 -36.08
C GLN B 833 -39.57 5.77 -34.75
N CYS B 834 -40.82 5.41 -34.44
CA CYS B 834 -41.08 4.70 -33.20
C CYS B 834 -40.44 3.32 -33.20
N GLY B 835 -40.35 2.67 -34.36
CA GLY B 835 -39.68 1.39 -34.43
C GLY B 835 -38.19 1.49 -34.12
N ALA B 836 -37.52 2.49 -34.68
CA ALA B 836 -36.10 2.69 -34.38
C ALA B 836 -35.91 2.97 -32.90
N ILE B 837 -36.72 3.88 -32.34
CA ILE B 837 -36.61 4.19 -30.92
C ILE B 837 -36.84 2.93 -30.09
N ALA B 838 -37.85 2.15 -30.45
CA ALA B 838 -38.21 0.96 -29.68
C ALA B 838 -37.10 -0.07 -29.71
N VAL B 839 -36.51 -0.34 -30.87
CA VAL B 839 -35.48 -1.37 -30.93
C VAL B 839 -34.21 -0.91 -30.21
N TYR B 840 -33.83 0.36 -30.37
CA TYR B 840 -32.67 0.87 -29.66
C TYR B 840 -32.85 0.73 -28.16
N PHE B 841 -33.98 1.20 -27.63
CA PHE B 841 -34.19 1.12 -26.20
C PHE B 841 -34.46 -0.30 -25.72
N TYR B 842 -34.99 -1.17 -26.58
CA TYR B 842 -35.17 -2.57 -26.23
C TYR B 842 -33.83 -3.23 -25.93
N TRP B 843 -32.84 -3.03 -26.80
CA TRP B 843 -31.55 -3.65 -26.52
C TRP B 843 -30.80 -2.94 -25.41
N MET B 844 -30.97 -1.61 -25.29
CA MET B 844 -30.39 -0.90 -24.14
C MET B 844 -30.94 -1.43 -22.82
N ASN B 845 -32.24 -1.77 -22.78
CA ASN B 845 -32.83 -2.32 -21.57
C ASN B 845 -32.45 -3.79 -21.37
N PHE B 846 -32.25 -4.54 -22.44
CA PHE B 846 -31.73 -5.89 -22.29
C PHE B 846 -30.34 -5.87 -21.67
N LEU B 847 -29.57 -4.81 -21.94
CA LEU B 847 -28.29 -4.63 -21.24
C LEU B 847 -28.48 -4.64 -19.74
N LEU B 848 -29.46 -3.89 -19.23
CA LEU B 848 -29.73 -3.90 -17.79
C LEU B 848 -30.31 -5.24 -17.34
N TYR B 849 -31.07 -5.90 -18.20
CA TYR B 849 -31.59 -7.23 -17.87
C TYR B 849 -30.46 -8.23 -17.67
N LEU B 850 -29.33 -8.05 -18.35
CA LEU B 850 -28.19 -8.94 -18.19
C LEU B 850 -27.44 -8.73 -16.87
N GLN B 851 -27.76 -7.67 -16.12
CA GLN B 851 -27.00 -7.36 -14.91
C GLN B 851 -27.09 -8.46 -13.86
N ARG B 852 -28.20 -9.19 -13.81
CA ARG B 852 -28.39 -10.23 -12.81
C ARG B 852 -27.75 -11.55 -13.25
N PHE B 853 -26.44 -11.47 -13.49
CA PHE B 853 -25.65 -12.62 -13.87
C PHE B 853 -24.28 -12.53 -13.20
N GLU B 854 -23.62 -13.66 -13.07
CA GLU B 854 -22.32 -13.71 -12.40
C GLU B 854 -21.16 -13.42 -13.33
N ASN B 855 -21.39 -13.34 -14.64
CA ASN B 855 -20.33 -13.08 -15.61
C ASN B 855 -20.43 -11.71 -16.28
N CYS B 856 -21.61 -11.10 -16.28
CA CYS B 856 -21.83 -9.84 -16.97
C CYS B 856 -22.19 -8.68 -16.03
N GLY B 857 -22.43 -8.95 -14.75
CA GLY B 857 -22.86 -7.90 -13.85
C GLY B 857 -21.79 -6.85 -13.59
N ILE B 858 -20.54 -7.29 -13.43
CA ILE B 858 -19.47 -6.34 -13.12
C ILE B 858 -19.22 -5.39 -14.27
N PHE B 859 -19.39 -5.86 -15.51
CA PHE B 859 -19.22 -4.97 -16.66
C PHE B 859 -20.31 -3.91 -16.69
N ILE B 860 -21.54 -4.28 -16.33
CA ILE B 860 -22.63 -3.30 -16.25
C ILE B 860 -22.35 -2.30 -15.14
N VAL B 861 -21.81 -2.76 -14.02
CA VAL B 861 -21.47 -1.85 -12.93
C VAL B 861 -20.41 -0.85 -13.38
N MET B 862 -19.39 -1.34 -14.08
CA MET B 862 -18.34 -0.47 -14.59
C MET B 862 -18.90 0.54 -15.59
N LEU B 863 -19.78 0.09 -16.49
CA LEU B 863 -20.42 0.99 -17.43
C LEU B 863 -21.20 2.07 -16.70
N GLU B 864 -21.93 1.69 -15.65
CA GLU B 864 -22.73 2.66 -14.90
C GLU B 864 -21.85 3.70 -14.22
N VAL B 865 -20.74 3.28 -13.62
CA VAL B 865 -19.90 4.25 -12.92
C VAL B 865 -19.21 5.19 -13.91
N ILE B 866 -18.77 4.65 -15.06
CA ILE B 866 -18.14 5.51 -16.06
C ILE B 866 -19.16 6.51 -16.62
N LEU B 867 -20.39 6.05 -16.87
CA LEU B 867 -21.43 6.94 -17.35
C LEU B 867 -21.75 8.03 -16.34
N LYS B 868 -21.78 7.67 -15.05
CA LYS B 868 -22.04 8.66 -14.01
C LYS B 868 -20.93 9.71 -13.97
N THR B 869 -19.68 9.29 -14.09
CA THR B 869 -18.58 10.26 -14.11
C THR B 869 -18.67 11.18 -15.33
N LEU B 870 -19.02 10.61 -16.49
CA LEU B 870 -19.18 11.44 -17.68
C LEU B 870 -20.31 12.47 -17.50
N LEU B 871 -21.43 12.05 -16.93
CA LEU B 871 -22.52 12.99 -16.68
C LEU B 871 -22.11 14.05 -15.66
N ARG B 872 -21.25 13.70 -14.71
CA ARG B 872 -20.73 14.69 -13.78
C ARG B 872 -19.89 15.74 -14.50
N SER B 873 -19.04 15.30 -15.43
CA SER B 873 -18.14 16.20 -16.14
C SER B 873 -18.79 16.91 -17.32
N THR B 874 -20.03 16.54 -17.66
CA THR B 874 -20.67 17.10 -18.86
C THR B 874 -20.83 18.62 -18.81
N VAL B 875 -20.87 19.25 -17.64
CA VAL B 875 -21.03 20.71 -17.60
C VAL B 875 -19.78 21.39 -18.15
N VAL B 876 -18.61 20.98 -17.64
CA VAL B 876 -17.35 21.50 -18.17
C VAL B 876 -17.21 21.12 -19.64
N PHE B 877 -17.63 19.92 -20.00
CA PHE B 877 -17.58 19.50 -21.39
C PHE B 877 -18.36 20.44 -22.29
N ILE B 878 -19.61 20.74 -21.93
CA ILE B 878 -20.45 21.56 -22.80
C ILE B 878 -19.98 23.00 -22.81
N PHE B 879 -19.39 23.48 -21.71
CA PHE B 879 -18.85 24.84 -21.76
C PHE B 879 -17.64 24.94 -22.68
N LEU B 880 -16.74 23.95 -22.62
CA LEU B 880 -15.62 23.91 -23.56
C LEU B 880 -16.10 23.80 -25.00
N LEU B 881 -17.09 22.95 -25.23
CA LEU B 881 -17.63 22.79 -26.58
C LEU B 881 -18.29 24.07 -27.07
N LEU B 882 -18.99 24.78 -26.19
CA LEU B 882 -19.61 26.04 -26.59
C LEU B 882 -18.55 27.05 -26.99
N ALA B 883 -17.50 27.18 -26.18
CA ALA B 883 -16.42 28.11 -26.52
C ALA B 883 -15.82 27.80 -27.88
N PHE B 884 -15.39 26.55 -28.07
CA PHE B 884 -14.71 26.19 -29.30
C PHE B 884 -15.65 26.22 -30.49
N GLY B 885 -16.91 25.84 -30.30
CA GLY B 885 -17.87 25.87 -31.39
C GLY B 885 -18.19 27.27 -31.85
N LEU B 886 -18.41 28.20 -30.92
CA LEU B 886 -18.65 29.58 -31.31
C LEU B 886 -17.43 30.19 -31.99
N SER B 887 -16.23 29.88 -31.47
CA SER B 887 -15.01 30.36 -32.12
C SER B 887 -14.89 29.84 -33.54
N PHE B 888 -15.13 28.54 -33.74
CA PHE B 888 -15.01 27.96 -35.07
C PHE B 888 -16.12 28.44 -35.98
N TYR B 889 -17.28 28.77 -35.42
CA TYR B 889 -18.39 29.27 -36.21
C TYR B 889 -18.10 30.66 -36.74
N ILE B 890 -17.49 31.52 -35.92
CA ILE B 890 -17.11 32.83 -36.41
C ILE B 890 -15.93 32.72 -37.38
N LEU B 891 -14.93 31.90 -37.04
CA LEU B 891 -13.71 31.86 -37.83
C LEU B 891 -13.92 31.14 -39.16
N LEU B 892 -14.69 30.04 -39.16
CA LEU B 892 -14.88 29.24 -40.35
C LEU B 892 -16.32 29.28 -40.81
N ASN B 893 -16.92 30.47 -40.83
CA ASN B 893 -18.34 30.60 -41.16
C ASN B 893 -18.63 30.24 -42.61
N LEU B 894 -17.64 30.35 -43.48
CA LEU B 894 -17.83 30.11 -44.91
C LEU B 894 -17.74 28.63 -45.30
N GLN B 895 -17.70 27.73 -44.32
CA GLN B 895 -17.62 26.30 -44.57
C GLN B 895 -18.91 25.64 -44.11
N ASP B 896 -19.30 24.59 -44.83
CA ASP B 896 -20.56 23.91 -44.54
C ASP B 896 -20.63 23.34 -43.12
N PRO B 897 -19.60 22.66 -42.59
CA PRO B 897 -19.73 22.14 -41.22
C PRO B 897 -19.96 23.21 -40.17
N PHE B 898 -19.43 24.41 -40.37
CA PHE B 898 -19.53 25.49 -39.40
C PHE B 898 -20.45 26.61 -39.88
N SER B 899 -21.42 26.28 -40.74
CA SER B 899 -22.32 27.29 -41.29
C SER B 899 -23.42 27.69 -40.32
N SER B 900 -23.66 26.92 -39.28
CA SER B 900 -24.69 27.20 -38.29
C SER B 900 -24.12 26.95 -36.91
N PRO B 901 -24.60 27.67 -35.89
CA PRO B 901 -24.06 27.44 -34.53
C PRO B 901 -24.25 26.02 -34.04
N LEU B 902 -25.45 25.45 -34.24
CA LEU B 902 -25.70 24.08 -33.80
C LEU B 902 -24.81 23.09 -34.54
N LEU B 903 -24.70 23.26 -35.86
CA LEU B 903 -23.80 22.42 -36.64
C LEU B 903 -22.35 22.60 -36.19
N SER B 904 -21.99 23.82 -35.78
CA SER B 904 -20.63 24.08 -35.31
C SER B 904 -20.33 23.33 -34.02
N ILE B 905 -21.25 23.37 -33.06
CA ILE B 905 -21.03 22.62 -31.82
C ILE B 905 -21.03 21.12 -32.07
N ILE B 906 -21.91 20.65 -32.98
CA ILE B 906 -21.92 19.22 -33.28
C ILE B 906 -20.62 18.79 -33.94
N GLN B 907 -20.08 19.62 -34.85
CA GLN B 907 -18.81 19.30 -35.50
C GLN B 907 -17.66 19.32 -34.49
N THR B 908 -17.67 20.28 -33.57
CA THR B 908 -16.67 20.31 -32.51
C THR B 908 -16.74 19.05 -31.65
N PHE B 909 -17.95 18.63 -31.30
CA PHE B 909 -18.15 17.38 -30.58
C PHE B 909 -17.58 16.20 -31.36
N SER B 910 -17.78 16.19 -32.67
CA SER B 910 -17.27 15.10 -33.50
C SER B 910 -15.74 15.08 -33.53
N MET B 911 -15.12 16.26 -33.67
CA MET B 911 -13.68 16.31 -33.77
C MET B 911 -12.98 16.22 -32.42
N MET B 912 -13.73 16.23 -31.32
CA MET B 912 -13.12 16.01 -30.01
C MET B 912 -12.32 14.71 -29.98
N LEU B 913 -12.81 13.66 -30.65
CA LEU B 913 -12.18 12.36 -30.59
C LEU B 913 -10.90 12.27 -31.40
N GLY B 914 -10.35 13.39 -31.86
CA GLY B 914 -9.13 13.39 -32.64
C GLY B 914 -9.33 13.41 -34.14
N ASP B 915 -10.54 13.49 -34.62
CA ASP B 915 -10.82 13.50 -36.09
C ASP B 915 -10.93 14.92 -36.58
N ILE B 916 -9.91 15.64 -36.27
CA ILE B 916 -9.82 17.01 -36.79
C ILE B 916 -9.52 16.93 -38.28
N ASN B 917 -10.38 17.56 -39.09
CA ASN B 917 -10.19 17.58 -40.54
C ASN B 917 -9.23 18.72 -40.88
N TYR B 918 -7.97 18.54 -40.45
CA TYR B 918 -6.99 19.61 -40.58
C TYR B 918 -6.83 20.04 -42.04
N ARG B 919 -6.62 19.07 -42.94
CA ARG B 919 -6.35 19.40 -44.32
C ARG B 919 -7.55 20.11 -44.94
N GLU B 920 -8.69 19.42 -45.03
CA GLU B 920 -9.86 19.96 -45.73
C GLU B 920 -10.36 21.27 -45.11
N SER B 921 -10.33 21.38 -43.79
CA SER B 921 -10.90 22.55 -43.13
C SER B 921 -9.95 23.72 -43.01
N PHE B 922 -8.64 23.48 -42.94
CA PHE B 922 -7.69 24.55 -42.69
C PHE B 922 -6.69 24.74 -43.82
N LEU B 923 -6.05 23.66 -44.29
CA LEU B 923 -4.93 23.83 -45.21
C LEU B 923 -5.42 24.16 -46.62
N GLU B 924 -6.42 23.42 -47.10
CA GLU B 924 -6.95 23.68 -48.43
C GLU B 924 -7.56 25.06 -48.56
N PRO B 925 -8.42 25.52 -47.64
CA PRO B 925 -8.87 26.92 -47.72
C PRO B 925 -7.74 27.92 -47.62
N TYR B 926 -6.72 27.65 -46.82
CA TYR B 926 -5.61 28.60 -46.66
C TYR B 926 -4.83 28.75 -47.96
N LEU B 927 -4.52 27.64 -48.62
CA LEU B 927 -3.77 27.72 -49.87
C LEU B 927 -4.61 28.31 -51.00
N ARG B 928 -5.93 28.22 -50.89
CA ARG B 928 -6.84 28.81 -51.86
C ARG B 928 -7.30 30.21 -51.46
N ASN B 929 -6.76 30.76 -50.36
CA ASN B 929 -7.12 32.08 -49.86
C ASN B 929 -8.61 32.18 -49.53
N GLU B 930 -9.10 31.21 -48.78
CA GLU B 930 -10.50 31.19 -48.35
C GLU B 930 -10.69 31.47 -46.87
N LEU B 931 -9.64 31.38 -46.07
CA LEU B 931 -9.75 31.65 -44.64
C LEU B 931 -9.82 33.16 -44.41
N ALA B 932 -10.82 33.59 -43.64
CA ALA B 932 -10.95 35.01 -43.33
C ALA B 932 -9.85 35.47 -42.37
N HIS B 933 -9.55 34.65 -41.36
CA HIS B 933 -8.54 34.96 -40.36
C HIS B 933 -7.57 33.79 -40.27
N PRO B 934 -6.54 33.77 -41.12
CA PRO B 934 -5.65 32.59 -41.15
C PRO B 934 -4.87 32.37 -39.87
N VAL B 935 -4.21 33.40 -39.35
CA VAL B 935 -3.41 33.24 -38.15
C VAL B 935 -4.30 32.88 -36.97
N LEU B 936 -5.44 33.57 -36.83
CA LEU B 936 -6.37 33.27 -35.74
C LEU B 936 -6.90 31.84 -35.85
N SER B 937 -7.26 31.41 -37.07
CA SER B 937 -7.78 30.08 -37.26
C SER B 937 -6.74 29.02 -36.91
N PHE B 938 -5.48 29.23 -37.31
CA PHE B 938 -4.45 28.25 -37.02
C PHE B 938 -4.11 28.21 -35.52
N ALA B 939 -4.08 29.38 -34.88
CA ALA B 939 -3.87 29.41 -33.44
C ALA B 939 -5.00 28.71 -32.70
N GLN B 940 -6.25 28.93 -33.15
CA GLN B 940 -7.38 28.25 -32.53
C GLN B 940 -7.34 26.75 -32.78
N LEU B 941 -6.88 26.33 -33.96
CA LEU B 941 -6.72 24.91 -34.24
C LEU B 941 -5.70 24.27 -33.30
N VAL B 942 -4.56 24.93 -33.12
CA VAL B 942 -3.54 24.41 -32.20
C VAL B 942 -4.09 24.35 -30.78
N SER B 943 -4.78 25.40 -30.35
CA SER B 943 -5.35 25.42 -29.00
C SER B 943 -6.38 24.31 -28.82
N PHE B 944 -7.25 24.11 -29.83
CA PHE B 944 -8.24 23.05 -29.75
C PHE B 944 -7.59 21.68 -29.67
N THR B 945 -6.59 21.43 -30.52
CA THR B 945 -5.92 20.13 -30.51
C THR B 945 -5.21 19.89 -29.17
N ILE B 946 -4.60 20.91 -28.59
CA ILE B 946 -3.98 20.76 -27.29
C ILE B 946 -5.02 20.50 -26.21
N PHE B 947 -6.15 21.21 -26.27
CA PHE B 947 -7.11 21.18 -25.17
C PHE B 947 -8.00 19.94 -25.23
N VAL B 948 -8.84 19.84 -26.25
CA VAL B 948 -9.88 18.81 -26.21
C VAL B 948 -9.30 17.41 -26.44
N PRO B 949 -8.78 17.07 -27.63
CA PRO B 949 -8.44 15.66 -27.89
C PRO B 949 -7.30 15.13 -27.05
N ILE B 950 -6.44 16.00 -26.55
CA ILE B 950 -5.32 15.55 -25.73
C ILE B 950 -5.73 15.62 -24.27
N VAL B 951 -5.98 16.84 -23.76
CA VAL B 951 -6.18 17.03 -22.34
C VAL B 951 -7.50 16.42 -21.88
N LEU B 952 -8.60 16.69 -22.61
CA LEU B 952 -9.89 16.16 -22.17
C LEU B 952 -9.93 14.64 -22.25
N MET B 953 -9.42 14.06 -23.33
CA MET B 953 -9.43 12.62 -23.47
C MET B 953 -8.51 11.96 -22.44
N ASN B 954 -7.36 12.58 -22.14
CA ASN B 954 -6.48 12.05 -21.11
C ASN B 954 -7.15 12.12 -19.74
N LEU B 955 -7.86 13.20 -19.46
CA LEU B 955 -8.62 13.31 -18.22
C LEU B 955 -9.67 12.21 -18.11
N LEU B 956 -10.41 11.99 -19.20
CA LEU B 956 -11.43 10.94 -19.19
C LEU B 956 -10.81 9.57 -18.99
N ILE B 957 -9.72 9.25 -19.67
CA ILE B 957 -9.02 7.95 -19.54
C ILE B 957 -8.47 7.82 -18.13
N GLY B 958 -7.94 8.84 -17.46
CA GLY B 958 -7.51 8.71 -16.08
C GLY B 958 -8.66 8.48 -15.13
N LEU B 959 -9.76 9.22 -15.31
CA LEU B 959 -10.94 9.01 -14.47
C LEU B 959 -11.47 7.60 -14.64
N ALA B 960 -11.52 7.10 -15.87
CA ALA B 960 -12.00 5.75 -16.11
C ALA B 960 -11.09 4.71 -15.47
N VAL B 961 -9.79 4.86 -15.54
CA VAL B 961 -8.79 3.91 -14.95
C VAL B 961 -8.93 3.96 -13.44
N GLY B 962 -9.23 5.10 -12.81
CA GLY B 962 -9.52 5.14 -11.37
C GLY B 962 -10.82 4.44 -11.03
N ASP B 963 -11.86 4.69 -11.83
CA ASP B 963 -13.16 4.06 -11.58
C ASP B 963 -13.09 2.54 -11.71
N ILE B 964 -12.40 2.05 -12.74
CA ILE B 964 -12.28 0.61 -12.93
C ILE B 964 -11.49 -0.01 -11.79
N ALA B 965 -10.42 0.65 -11.34
CA ALA B 965 -9.66 0.12 -10.21
C ALA B 965 -10.53 0.07 -8.95
N GLU B 966 -11.30 1.12 -8.69
CA GLU B 966 -12.16 1.14 -7.51
C GLU B 966 -13.21 0.04 -7.58
N VAL B 967 -13.78 -0.19 -8.78
CA VAL B 967 -14.78 -1.24 -8.92
C VAL B 967 -14.14 -2.61 -8.73
N GLN B 968 -12.95 -2.81 -9.28
CA GLN B 968 -12.25 -4.08 -9.16
C GLN B 968 -11.72 -4.35 -7.76
N LYS B 969 -11.65 -3.32 -6.91
CA LYS B 969 -11.28 -3.55 -5.52
C LYS B 969 -12.26 -4.51 -4.84
N HIS B 970 -13.54 -4.40 -5.16
CA HIS B 970 -14.61 -5.16 -4.51
C HIS B 970 -15.40 -5.99 -5.53
N ALA B 971 -14.70 -6.69 -6.42
CA ALA B 971 -15.38 -7.41 -7.49
C ALA B 971 -16.15 -8.61 -6.95
N SER B 972 -15.45 -9.55 -6.30
CA SER B 972 -16.09 -10.77 -5.83
C SER B 972 -17.17 -10.47 -4.80
N LEU B 973 -16.90 -9.54 -3.89
CA LEU B 973 -17.88 -9.16 -2.89
C LEU B 973 -19.13 -8.62 -3.55
N LYS B 974 -18.96 -7.77 -4.57
CA LYS B 974 -20.12 -7.23 -5.28
C LYS B 974 -20.91 -8.33 -5.99
N ARG B 975 -20.21 -9.26 -6.64
CA ARG B 975 -20.89 -10.34 -7.35
C ARG B 975 -21.73 -11.17 -6.38
N ILE B 976 -21.13 -11.59 -5.27
CA ILE B 976 -21.87 -12.38 -4.30
C ILE B 976 -22.99 -11.56 -3.68
N ALA B 977 -22.79 -10.25 -3.50
CA ALA B 977 -23.84 -9.40 -2.95
C ALA B 977 -25.05 -9.36 -3.88
N MET B 978 -24.81 -9.21 -5.18
CA MET B 978 -25.93 -9.21 -6.13
C MET B 978 -26.63 -10.56 -6.14
N GLN B 979 -25.87 -11.66 -6.13
CA GLN B 979 -26.51 -12.97 -6.09
C GLN B 979 -27.36 -13.15 -4.85
N VAL B 980 -26.83 -12.75 -3.69
CA VAL B 980 -27.54 -12.91 -2.43
C VAL B 980 -28.79 -12.03 -2.41
N GLU B 981 -28.69 -10.80 -2.90
CA GLU B 981 -29.86 -9.92 -2.93
C GLU B 981 -30.94 -10.48 -3.84
N LEU B 982 -30.56 -10.99 -5.02
CA LEU B 982 -31.53 -11.57 -5.92
C LEU B 982 -32.23 -12.77 -5.28
N HIS B 983 -31.46 -13.66 -4.66
CA HIS B 983 -32.07 -14.83 -4.03
C HIS B 983 -32.95 -14.44 -2.86
N THR B 984 -32.55 -13.44 -2.08
CA THR B 984 -33.38 -12.97 -0.97
C THR B 984 -34.70 -12.41 -1.46
N SER B 985 -34.66 -11.60 -2.53
CA SER B 985 -35.89 -11.07 -3.09
C SER B 985 -36.79 -12.19 -3.60
N LEU B 986 -36.19 -13.20 -4.26
CA LEU B 986 -36.98 -14.32 -4.76
C LEU B 986 -37.62 -15.09 -3.62
N GLU B 987 -36.89 -15.31 -2.52
CA GLU B 987 -37.46 -15.99 -1.37
C GLU B 987 -38.62 -15.18 -0.78
N LYS B 988 -38.44 -13.86 -0.66
CA LYS B 988 -39.53 -13.03 -0.16
C LYS B 988 -40.73 -13.04 -1.10
N LYS B 989 -40.50 -13.29 -2.39
CA LYS B 989 -41.61 -13.35 -3.33
C LYS B 989 -42.43 -14.62 -3.17
N LEU B 990 -41.77 -15.78 -3.02
CA LEU B 990 -42.46 -17.06 -2.89
C LEU B 990 -42.77 -17.33 -1.42
N PRO B 991 -44.02 -17.13 -0.98
CA PRO B 991 -44.31 -17.09 0.45
C PRO B 991 -44.11 -18.41 1.21
N LEU B 992 -44.83 -19.47 0.84
CA LEU B 992 -44.94 -20.63 1.73
C LEU B 992 -44.47 -21.93 1.09
N TRP B 993 -45.02 -22.33 -0.06
CA TRP B 993 -44.95 -23.73 -0.46
C TRP B 993 -43.65 -24.04 -1.18
N PHE B 994 -43.25 -23.18 -2.12
CA PHE B 994 -42.09 -23.46 -2.95
C PHE B 994 -40.82 -23.61 -2.10
N LEU B 995 -40.74 -22.85 -0.99
CA LEU B 995 -39.57 -22.95 -0.13
C LEU B 995 -39.43 -24.34 0.48
N ARG B 996 -40.50 -24.84 1.11
CA ARG B 996 -40.45 -26.18 1.69
C ARG B 996 -40.30 -27.24 0.62
N LYS B 997 -40.79 -26.95 -0.59
CA LYS B 997 -40.62 -27.91 -1.68
C LYS B 997 -39.16 -28.01 -2.11
N VAL B 998 -38.44 -26.89 -2.12
CA VAL B 998 -37.07 -26.87 -2.66
C VAL B 998 -35.99 -26.86 -1.60
N ASP B 999 -36.32 -26.57 -0.33
CA ASP B 999 -35.33 -26.63 0.72
C ASP B 999 -34.81 -28.05 0.88
N GLN B 1000 -33.49 -28.18 0.96
CA GLN B 1000 -32.83 -29.48 1.00
C GLN B 1000 -32.10 -29.76 2.29
N LYS B 1001 -31.37 -28.78 2.82
CA LYS B 1001 -30.50 -28.90 3.98
C LYS B 1001 -29.35 -29.88 3.76
N SER B 1002 -29.23 -30.45 2.55
CA SER B 1002 -28.21 -31.43 2.24
C SER B 1002 -28.15 -31.70 0.74
N THR B 1003 -26.94 -31.89 0.20
CA THR B 1003 -26.75 -32.26 -1.20
C THR B 1003 -25.44 -33.00 -1.34
N ILE B 1004 -25.42 -34.04 -2.18
CA ILE B 1004 -24.24 -34.85 -2.43
C ILE B 1004 -23.65 -34.40 -3.76
N VAL B 1005 -22.34 -34.14 -3.77
CA VAL B 1005 -21.64 -33.65 -4.95
C VAL B 1005 -20.54 -34.64 -5.29
N TYR B 1006 -20.35 -34.88 -6.60
CA TYR B 1006 -19.35 -35.82 -7.07
C TYR B 1006 -18.25 -35.06 -7.81
N PRO B 1007 -17.15 -34.71 -7.15
CA PRO B 1007 -16.05 -34.02 -7.87
C PRO B 1007 -15.45 -34.84 -8.99
N ASN B 1008 -15.39 -36.17 -8.84
CA ASN B 1008 -14.78 -37.00 -9.86
C ASN B 1008 -15.64 -37.10 -11.12
N LYS B 1009 -16.93 -36.75 -11.03
CA LYS B 1009 -17.87 -36.83 -12.14
C LYS B 1009 -17.86 -38.21 -12.77
N PRO B 1010 -18.41 -39.23 -12.09
CA PRO B 1010 -18.42 -40.60 -12.61
C PRO B 1010 -19.56 -40.86 -13.59
N SER B 1039 -5.31 -9.01 5.83
CA SER B 1039 -4.71 -9.87 6.84
C SER B 1039 -3.75 -9.08 7.73
N LEU B 1040 -3.82 -7.75 7.63
CA LEU B 1040 -2.98 -6.85 8.42
C LEU B 1040 -3.69 -6.34 9.67
N GLU B 1041 -4.97 -5.97 9.53
CA GLU B 1041 -5.72 -5.46 10.68
C GLU B 1041 -5.86 -6.53 11.76
N MET B 1042 -6.12 -7.77 11.36
CA MET B 1042 -6.24 -8.86 12.34
C MET B 1042 -4.93 -9.07 13.09
N GLU B 1043 -3.81 -9.08 12.38
CA GLU B 1043 -2.51 -9.27 13.03
C GLU B 1043 -2.20 -8.13 13.98
N ILE B 1044 -2.48 -6.90 13.55
CA ILE B 1044 -2.23 -5.74 14.40
C ILE B 1044 -3.10 -5.79 15.64
N LEU B 1045 -4.36 -6.20 15.48
CA LEU B 1045 -5.26 -6.30 16.63
C LEU B 1045 -4.81 -7.38 17.59
N LYS B 1046 -4.31 -8.50 17.05
CA LYS B 1046 -3.77 -9.56 17.91
C LYS B 1046 -2.56 -9.05 18.70
N GLN B 1047 -1.67 -8.30 18.04
CA GLN B 1047 -0.52 -7.74 18.74
C GLN B 1047 -0.97 -6.77 19.83
N LYS B 1048 -1.98 -5.96 19.53
CA LYS B 1048 -2.50 -5.02 20.53
C LYS B 1048 -3.10 -5.75 21.73
N TYR B 1049 -3.84 -6.83 21.50
CA TYR B 1049 -4.35 -7.62 22.62
C TYR B 1049 -3.23 -8.27 23.43
N ARG B 1050 -2.19 -8.76 22.76
CA ARG B 1050 -1.06 -9.33 23.49
C ARG B 1050 -0.40 -8.26 24.36
N LEU B 1051 -0.23 -7.06 23.82
CA LEU B 1051 0.36 -5.98 24.61
C LEU B 1051 -0.54 -5.56 25.77
N LYS B 1052 -1.85 -5.55 25.57
CA LYS B 1052 -2.77 -5.23 26.65
C LYS B 1052 -2.69 -6.28 27.77
N ASP B 1053 -2.63 -7.55 27.39
CA ASP B 1053 -2.47 -8.60 28.40
C ASP B 1053 -1.14 -8.46 29.14
N LEU B 1054 -0.07 -8.14 28.42
CA LEU B 1054 1.22 -7.89 29.07
C LEU B 1054 1.11 -6.74 30.06
N THR B 1055 0.41 -5.67 29.68
CA THR B 1055 0.25 -4.53 30.57
C THR B 1055 -0.51 -4.93 31.84
N PHE B 1056 -1.60 -5.67 31.70
CA PHE B 1056 -2.38 -6.08 32.86
C PHE B 1056 -1.55 -6.98 33.78
N LEU B 1057 -0.84 -7.95 33.21
CA LEU B 1057 0.00 -8.82 34.02
C LEU B 1057 1.12 -8.04 34.70
N LEU B 1058 1.63 -6.98 34.04
CA LEU B 1058 2.67 -6.17 34.65
C LEU B 1058 2.12 -5.35 35.81
N GLU B 1059 0.90 -4.83 35.69
CA GLU B 1059 0.27 -4.18 36.86
C GLU B 1059 0.14 -5.14 38.02
N LYS B 1060 -0.35 -6.36 37.75
CA LYS B 1060 -0.52 -7.32 38.84
C LYS B 1060 0.83 -7.67 39.47
N GLN B 1061 1.85 -7.87 38.64
CA GLN B 1061 3.19 -8.20 39.13
C GLN B 1061 3.77 -7.06 39.96
N HIS B 1062 3.59 -5.82 39.51
CA HIS B 1062 4.07 -4.67 40.26
C HIS B 1062 3.36 -4.56 41.61
N GLU B 1063 2.06 -4.81 41.65
CA GLU B 1063 1.35 -4.81 42.91
C GLU B 1063 1.89 -5.89 43.85
N LEU B 1064 2.16 -7.09 43.31
CA LEU B 1064 2.69 -8.17 44.14
C LEU B 1064 4.07 -7.81 44.70
N ILE B 1065 4.92 -7.19 43.87
CA ILE B 1065 6.26 -6.83 44.35
C ILE B 1065 6.17 -5.71 45.40
N LYS B 1066 5.26 -4.76 45.20
CA LYS B 1066 5.05 -3.73 46.22
C LYS B 1066 4.60 -4.36 47.53
N LEU B 1067 3.73 -5.37 47.46
CA LEU B 1067 3.34 -6.10 48.65
C LEU B 1067 4.52 -6.80 49.30
N ILE B 1068 5.40 -7.38 48.48
CA ILE B 1068 6.59 -8.06 49.01
C ILE B 1068 7.45 -7.07 49.79
N ILE B 1069 7.66 -5.89 49.23
CA ILE B 1069 8.46 -4.87 49.92
C ILE B 1069 7.74 -4.42 51.19
N GLN B 1070 6.41 -4.30 51.14
CA GLN B 1070 5.66 -3.81 52.28
C GLN B 1070 5.69 -4.80 53.44
N LYS B 1071 5.64 -6.10 53.14
CA LYS B 1071 5.44 -7.10 54.18
C LYS B 1071 6.73 -7.81 54.61
N MET B 1072 7.79 -7.74 53.81
CA MET B 1072 9.04 -8.39 54.20
C MET B 1072 9.63 -7.71 55.42
N GLU B 1073 10.37 -8.47 56.21
CA GLU B 1073 10.99 -7.95 57.42
C GLU B 1073 12.51 -7.89 57.27
N ILE B 1074 13.11 -6.85 57.84
CA ILE B 1074 14.54 -6.60 57.75
C ILE B 1074 15.09 -6.48 59.16
N ILE B 1075 16.05 -7.35 59.50
CA ILE B 1075 16.66 -7.32 60.82
C ILE B 1075 18.15 -6.97 60.77
N SER B 1076 18.79 -7.03 59.60
CA SER B 1076 20.22 -6.74 59.49
C SER B 1076 20.48 -5.29 59.09
N GLU B 1077 19.92 -4.85 57.97
CA GLU B 1077 20.14 -3.49 57.47
C GLU B 1077 18.98 -2.58 57.91
N THR B 1078 18.98 -2.28 59.20
CA THR B 1078 18.04 -1.32 59.76
C THR B 1078 18.61 0.10 59.81
N GLU B 1079 19.80 0.31 59.27
CA GLU B 1079 20.49 1.60 59.28
C GLU B 1079 20.64 2.13 60.71
N LYS C 447 15.51 9.07 61.93
CA LYS C 447 15.38 9.93 60.76
C LYS C 447 15.22 9.09 59.50
N SER C 448 16.33 8.49 59.05
CA SER C 448 16.29 7.65 57.86
C SER C 448 15.34 6.47 57.99
N PRO C 449 15.30 5.71 59.09
CA PRO C 449 14.33 4.59 59.16
C PRO C 449 12.89 5.04 59.01
N LEU C 450 12.53 6.20 59.57
CA LEU C 450 11.16 6.68 59.42
C LEU C 450 10.85 6.99 57.96
N HIS C 451 11.79 7.63 57.26
CA HIS C 451 11.59 7.93 55.85
C HIS C 451 11.45 6.65 55.04
N PHE C 452 12.29 5.64 55.33
CA PHE C 452 12.21 4.38 54.62
C PHE C 452 10.88 3.68 54.86
N ALA C 453 10.44 3.64 56.12
CA ALA C 453 9.18 2.98 56.45
C ALA C 453 8.00 3.68 55.81
N ALA C 454 7.97 5.01 55.84
CA ALA C 454 6.87 5.75 55.23
C ALA C 454 6.90 5.64 53.71
N SER C 455 8.10 5.49 53.14
CA SER C 455 8.22 5.41 51.69
C SER C 455 7.55 4.15 51.14
N TYR C 456 7.73 3.01 51.83
CA TYR C 456 7.30 1.72 51.30
C TYR C 456 6.15 1.11 52.11
N GLY C 457 5.40 1.94 52.83
CA GLY C 457 4.18 1.49 53.47
C GLY C 457 4.36 0.47 54.59
N ARG C 458 5.44 0.57 55.35
CA ARG C 458 5.64 -0.29 56.51
C ARG C 458 4.94 0.38 57.69
N ILE C 459 3.65 0.10 57.81
CA ILE C 459 2.81 0.81 58.78
C ILE C 459 3.19 0.43 60.20
N ASN C 460 3.53 -0.85 60.44
CA ASN C 460 3.88 -1.28 61.78
C ASN C 460 5.12 -0.57 62.30
N THR C 461 6.14 -0.43 61.46
CA THR C 461 7.35 0.28 61.86
C THR C 461 7.06 1.74 62.17
N CYS C 462 6.25 2.39 61.34
CA CYS C 462 5.90 3.79 61.59
C CYS C 462 5.14 3.94 62.90
N GLN C 463 4.19 3.04 63.16
CA GLN C 463 3.44 3.12 64.41
C GLN C 463 4.32 2.89 65.62
N ARG C 464 5.21 1.90 65.55
CA ARG C 464 6.08 1.61 66.69
C ARG C 464 7.21 2.61 66.85
N LEU C 465 7.49 3.42 65.82
CA LEU C 465 8.55 4.42 65.93
C LEU C 465 8.01 5.78 66.35
N LEU C 466 6.84 6.17 65.85
CA LEU C 466 6.28 7.48 66.14
C LEU C 466 5.51 7.54 67.46
N GLN C 467 5.37 6.41 68.15
CA GLN C 467 4.64 6.37 69.42
C GLN C 467 5.52 6.69 70.62
N ASP C 468 6.82 6.95 70.41
CA ASP C 468 7.72 7.17 71.53
C ASP C 468 7.40 8.47 72.26
N ILE C 469 7.25 9.57 71.51
CA ILE C 469 7.04 10.89 72.08
C ILE C 469 5.86 11.57 71.39
N SER C 470 5.27 12.53 72.09
CA SER C 470 4.15 13.30 71.58
C SER C 470 4.55 14.73 71.19
N ASP C 471 5.85 15.04 71.20
CA ASP C 471 6.31 16.38 70.85
C ASP C 471 6.27 16.63 69.34
N THR C 472 6.23 15.56 68.54
CA THR C 472 6.11 15.66 67.07
C THR C 472 7.24 16.49 66.47
N ARG C 473 8.47 15.98 66.64
CA ARG C 473 9.66 16.61 66.06
C ARG C 473 10.22 15.83 64.88
N LEU C 474 9.65 14.68 64.54
CA LEU C 474 10.16 13.84 63.48
C LEU C 474 9.35 13.89 62.19
N LEU C 475 8.02 14.04 62.29
CA LEU C 475 7.18 14.04 61.10
C LEU C 475 7.44 15.26 60.21
N ASN C 476 7.83 16.39 60.80
CA ASN C 476 8.06 17.63 60.07
C ASN C 476 9.56 17.78 59.83
N GLU C 477 10.04 17.11 58.79
CA GLU C 477 11.45 17.21 58.41
C GLU C 477 11.58 16.75 56.97
N GLY C 478 12.62 17.25 56.30
CA GLY C 478 12.89 16.88 54.93
C GLY C 478 14.29 16.34 54.71
N ASP C 479 14.39 15.06 54.36
CA ASP C 479 15.68 14.43 54.11
C ASP C 479 16.01 14.61 52.63
N LEU C 480 16.76 15.68 52.33
CA LEU C 480 17.15 16.05 50.98
C LEU C 480 15.94 16.53 50.19
N HIS C 481 16.08 17.67 49.49
CA HIS C 481 15.01 18.31 48.74
C HIS C 481 13.82 18.68 49.62
N GLY C 482 14.01 18.69 50.94
CA GLY C 482 12.96 19.03 51.86
C GLY C 482 11.74 18.12 51.81
N MET C 483 11.93 16.86 51.43
CA MET C 483 10.80 15.96 51.21
C MET C 483 10.35 15.38 52.55
N THR C 484 9.13 15.73 52.95
CA THR C 484 8.52 15.18 54.14
C THR C 484 8.28 13.68 53.96
N PRO C 485 8.37 12.88 55.03
CA PRO C 485 7.95 11.48 54.90
C PRO C 485 6.52 11.32 54.46
N LEU C 486 5.64 12.28 54.78
CA LEU C 486 4.30 12.28 54.22
C LEU C 486 4.36 12.45 52.70
N HIS C 487 5.29 13.27 52.21
CA HIS C 487 5.48 13.39 50.77
C HIS C 487 5.90 12.06 50.15
N LEU C 488 6.81 11.34 50.81
CA LEU C 488 7.21 10.02 50.32
C LEU C 488 6.03 9.06 50.29
N ALA C 489 5.23 9.05 51.35
CA ALA C 489 4.08 8.15 51.41
C ALA C 489 3.07 8.47 50.31
N ALA C 490 2.81 9.75 50.06
CA ALA C 490 1.91 10.12 48.98
C ALA C 490 2.51 9.79 47.62
N LYS C 491 3.83 9.93 47.48
CA LYS C 491 4.48 9.64 46.21
C LYS C 491 4.39 8.16 45.87
N ASN C 492 4.56 7.29 46.86
CA ASN C 492 4.47 5.85 46.61
C ASN C 492 3.06 5.31 46.78
N GLY C 493 2.09 6.16 47.15
CA GLY C 493 0.70 5.74 47.22
C GLY C 493 0.40 4.72 48.29
N HIS C 494 0.64 5.09 49.55
CA HIS C 494 0.38 4.23 50.69
C HIS C 494 -0.67 4.91 51.56
N ASP C 495 -1.92 4.46 51.43
CA ASP C 495 -3.04 5.14 52.08
C ASP C 495 -2.96 5.03 53.61
N LYS C 496 -2.66 3.82 54.11
CA LYS C 496 -2.74 3.60 55.55
C LYS C 496 -1.70 4.40 56.31
N VAL C 497 -0.46 4.45 55.81
CA VAL C 497 0.56 5.23 56.50
C VAL C 497 0.26 6.72 56.39
N VAL C 498 -0.36 7.16 55.29
CA VAL C 498 -0.77 8.56 55.17
C VAL C 498 -1.83 8.87 56.22
N GLN C 499 -2.79 7.97 56.41
CA GLN C 499 -3.80 8.16 57.44
C GLN C 499 -3.18 8.19 58.84
N LEU C 500 -2.22 7.29 59.09
CA LEU C 500 -1.56 7.26 60.39
C LEU C 500 -0.80 8.55 60.65
N LEU C 501 -0.10 9.07 59.64
CA LEU C 501 0.61 10.34 59.81
C LEU C 501 -0.36 11.48 60.05
N LEU C 502 -1.41 11.59 59.22
CA LEU C 502 -2.34 12.71 59.35
C LEU C 502 -3.07 12.68 60.68
N LYS C 503 -3.44 11.50 61.16
CA LYS C 503 -4.13 11.38 62.43
C LYS C 503 -3.27 11.87 63.58
N LYS C 504 -1.99 11.50 63.59
CA LYS C 504 -1.10 11.83 64.70
C LYS C 504 -0.31 13.11 64.42
N GLY C 505 -1.06 14.19 64.23
CA GLY C 505 -0.49 15.52 64.17
C GLY C 505 0.48 15.79 63.05
N ALA C 506 0.12 15.40 61.82
CA ALA C 506 0.93 15.78 60.67
C ALA C 506 0.61 17.22 60.25
N LEU C 507 1.56 17.80 59.51
CA LEU C 507 1.41 19.17 59.02
C LEU C 507 1.68 19.21 57.52
N PHE C 508 0.99 20.12 56.84
CA PHE C 508 1.12 20.29 55.40
C PHE C 508 2.23 21.31 55.13
N LEU C 509 3.35 20.84 54.60
CA LEU C 509 4.48 21.69 54.25
C LEU C 509 4.74 21.60 52.76
N SER C 510 5.75 22.34 52.29
CA SER C 510 6.16 22.35 50.90
C SER C 510 7.63 22.00 50.81
N ASP C 511 7.95 21.05 49.93
CA ASP C 511 9.32 20.63 49.71
C ASP C 511 10.00 21.56 48.70
N HIS C 512 11.18 21.17 48.24
CA HIS C 512 11.83 21.92 47.17
C HIS C 512 11.01 21.83 45.89
N ASN C 513 11.10 22.89 45.08
CA ASN C 513 10.28 23.11 43.90
C ASN C 513 8.82 23.35 44.24
N GLY C 514 8.49 23.56 45.51
CA GLY C 514 7.16 23.96 45.91
C GLY C 514 6.11 22.88 45.88
N TRP C 515 6.49 21.62 45.69
CA TRP C 515 5.52 20.54 45.62
C TRP C 515 4.93 20.26 47.00
N THR C 516 4.00 19.30 47.05
CA THR C 516 3.39 18.88 48.30
C THR C 516 2.96 17.42 48.15
N ALA C 517 2.25 16.93 49.16
CA ALA C 517 1.77 15.56 49.12
C ALA C 517 0.74 15.37 48.02
N LEU C 518 -0.14 16.36 47.83
CA LEU C 518 -1.16 16.26 46.79
C LEU C 518 -0.53 16.22 45.40
N HIS C 519 0.56 16.98 45.20
CA HIS C 519 1.25 16.95 43.92
C HIS C 519 1.81 15.56 43.62
N HIS C 520 2.42 14.93 44.63
CA HIS C 520 2.97 13.60 44.43
C HIS C 520 1.87 12.57 44.20
N ALA C 521 0.75 12.71 44.92
CA ALA C 521 -0.39 11.82 44.69
C ALA C 521 -0.94 11.98 43.27
N SER C 522 -0.98 13.22 42.78
CA SER C 522 -1.40 13.46 41.41
C SER C 522 -0.44 12.83 40.41
N MET C 523 0.87 12.97 40.66
CA MET C 523 1.86 12.38 39.76
C MET C 523 1.75 10.86 39.73
N GLY C 524 1.54 10.22 40.88
CA GLY C 524 1.39 8.79 40.92
C GLY C 524 0.00 8.28 40.58
N GLY C 525 -1.00 9.17 40.56
CA GLY C 525 -2.36 8.77 40.24
C GLY C 525 -3.00 7.84 41.24
N TYR C 526 -2.72 8.02 42.53
CA TYR C 526 -3.29 7.18 43.59
C TYR C 526 -4.55 7.88 44.09
N THR C 527 -5.70 7.46 43.55
CA THR C 527 -6.96 8.12 43.86
C THR C 527 -7.34 7.95 45.33
N GLN C 528 -7.02 6.79 45.90
CA GLN C 528 -7.35 6.54 47.31
C GLN C 528 -6.62 7.51 48.22
N THR C 529 -5.33 7.74 47.96
CA THR C 529 -4.58 8.70 48.75
C THR C 529 -5.16 10.10 48.61
N MET C 530 -5.57 10.48 47.39
CA MET C 530 -6.22 11.77 47.20
C MET C 530 -7.49 11.88 48.02
N LYS C 531 -8.34 10.85 47.98
CA LYS C 531 -9.62 10.94 48.68
C LYS C 531 -9.41 10.93 50.18
N VAL C 532 -8.31 10.33 50.65
CA VAL C 532 -8.04 10.31 52.08
C VAL C 532 -7.41 11.61 52.56
N ILE C 533 -6.60 12.27 51.72
CA ILE C 533 -5.90 13.48 52.12
C ILE C 533 -6.73 14.74 51.86
N LEU C 534 -7.74 14.67 50.99
CA LEU C 534 -8.50 15.85 50.61
C LEU C 534 -9.48 16.31 51.66
N ASP C 535 -10.00 15.42 52.51
CA ASP C 535 -11.06 15.75 53.45
C ASP C 535 -10.55 15.97 54.87
N THR C 536 -9.36 16.56 55.02
CA THR C 536 -8.84 16.89 56.34
C THR C 536 -8.80 18.38 56.63
N ASN C 537 -8.48 19.21 55.63
CA ASN C 537 -8.43 20.65 55.83
C ASN C 537 -9.15 21.41 54.74
N LEU C 538 -9.26 20.79 53.56
CA LEU C 538 -9.81 21.44 52.37
C LEU C 538 -9.07 22.74 52.05
N LYS C 539 -7.76 22.76 52.26
CA LYS C 539 -6.94 23.93 51.99
C LYS C 539 -5.74 23.65 51.09
N CYS C 540 -5.39 22.39 50.86
CA CYS C 540 -4.27 22.04 49.99
C CYS C 540 -4.72 21.74 48.56
N THR C 541 -6.00 21.91 48.25
CA THR C 541 -6.49 21.63 46.91
C THR C 541 -5.85 22.56 45.88
N ASP C 542 -5.77 23.85 46.20
CA ASP C 542 -5.24 24.87 45.30
C ASP C 542 -3.95 25.41 45.89
N ARG C 543 -2.84 24.75 45.57
CA ARG C 543 -1.51 25.17 45.99
C ARG C 543 -0.62 25.25 44.76
N LEU C 544 0.22 26.28 44.71
CA LEU C 544 1.10 26.53 43.58
C LEU C 544 2.52 26.13 43.94
N ASP C 545 3.16 25.35 43.07
CA ASP C 545 4.54 24.97 43.25
C ASP C 545 5.45 26.11 42.78
N GLU C 546 6.75 25.85 42.67
CA GLU C 546 7.68 26.88 42.21
C GLU C 546 7.41 27.27 40.76
N ASP C 547 6.73 26.42 39.98
CA ASP C 547 6.38 26.72 38.61
C ASP C 547 4.92 27.13 38.45
N GLY C 548 4.12 27.06 39.52
CA GLY C 548 2.73 27.43 39.46
C GLY C 548 1.76 26.31 39.16
N ASN C 549 2.25 25.12 38.82
CA ASN C 549 1.37 24.00 38.53
C ASN C 549 0.69 23.52 39.80
N THR C 550 -0.57 23.10 39.68
CA THR C 550 -1.35 22.57 40.77
C THR C 550 -1.41 21.04 40.68
N ALA C 551 -2.22 20.45 41.56
CA ALA C 551 -2.44 19.01 41.51
C ALA C 551 -3.17 18.61 40.23
N LEU C 552 -4.12 19.44 39.78
CA LEU C 552 -4.89 19.13 38.59
C LEU C 552 -3.99 19.06 37.36
N HIS C 553 -3.00 19.95 37.27
CA HIS C 553 -2.10 19.96 36.12
C HIS C 553 -1.35 18.63 36.01
N PHE C 554 -0.76 18.19 37.13
CA PHE C 554 -0.02 16.93 37.12
C PHE C 554 -0.95 15.75 36.86
N ALA C 555 -2.13 15.75 37.47
CA ALA C 555 -3.05 14.64 37.28
C ALA C 555 -3.49 14.54 35.82
N ALA C 556 -3.74 15.67 35.16
CA ALA C 556 -4.14 15.64 33.76
C ALA C 556 -2.97 15.29 32.86
N ARG C 557 -1.76 15.77 33.19
CA ARG C 557 -0.61 15.50 32.35
C ARG C 557 -0.18 14.04 32.39
N GLU C 558 -0.26 13.40 33.57
CA GLU C 558 0.18 12.01 33.68
C GLU C 558 -0.83 11.02 33.12
N GLY C 559 -2.03 11.46 32.77
CA GLY C 559 -3.00 10.58 32.16
C GLY C 559 -3.94 9.87 33.11
N HIS C 560 -4.04 10.33 34.36
CA HIS C 560 -4.90 9.70 35.35
C HIS C 560 -6.29 10.33 35.27
N ALA C 561 -7.15 9.72 34.46
CA ALA C 561 -8.49 10.27 34.24
C ALA C 561 -9.34 10.19 35.51
N LYS C 562 -9.25 9.06 36.23
CA LYS C 562 -10.07 8.90 37.42
C LYS C 562 -9.64 9.86 38.53
N ALA C 563 -8.33 10.08 38.68
CA ALA C 563 -7.86 11.08 39.63
C ALA C 563 -8.31 12.48 39.23
N VAL C 564 -8.31 12.77 37.93
CA VAL C 564 -8.77 14.07 37.45
C VAL C 564 -10.25 14.26 37.79
N ALA C 565 -11.06 13.21 37.58
CA ALA C 565 -12.48 13.30 37.90
C ALA C 565 -12.69 13.50 39.40
N LEU C 566 -11.92 12.77 40.23
CA LEU C 566 -12.05 12.92 41.67
C LEU C 566 -11.67 14.33 42.11
N LEU C 567 -10.61 14.89 41.53
CA LEU C 567 -10.21 16.25 41.88
C LEU C 567 -11.27 17.26 41.43
N LEU C 568 -11.75 17.14 40.20
CA LEU C 568 -12.72 18.10 39.69
C LEU C 568 -14.03 18.06 40.48
N SER C 569 -14.48 16.86 40.86
CA SER C 569 -15.70 16.74 41.64
C SER C 569 -15.55 17.41 43.00
N HIS C 570 -14.33 17.40 43.56
CA HIS C 570 -14.10 18.00 44.87
C HIS C 570 -13.70 19.46 44.75
N ASN C 571 -14.48 20.23 43.99
CA ASN C 571 -14.34 21.69 43.89
C ASN C 571 -12.90 22.11 43.61
N ALA C 572 -12.31 21.47 42.60
CA ALA C 572 -10.96 21.86 42.17
C ALA C 572 -11.00 23.24 41.52
N ASP C 573 -9.91 23.98 41.67
CA ASP C 573 -9.79 25.33 41.15
C ASP C 573 -8.87 25.31 39.93
N ILE C 574 -9.32 25.93 38.85
CA ILE C 574 -8.54 25.98 37.61
C ILE C 574 -7.75 27.29 37.59
N VAL C 575 -6.42 27.16 37.55
CA VAL C 575 -5.52 28.30 37.53
C VAL C 575 -4.52 28.10 36.39
N LEU C 576 -4.33 29.14 35.59
CA LEU C 576 -3.35 29.07 34.51
C LEU C 576 -1.95 28.96 35.07
N ASN C 577 -1.12 28.15 34.40
CA ASN C 577 0.26 27.99 34.79
C ASN C 577 1.05 29.28 34.48
N LYS C 578 2.20 29.42 35.14
CA LYS C 578 3.09 30.55 34.84
C LYS C 578 3.47 30.61 33.38
N GLN C 579 3.50 29.47 32.69
CA GLN C 579 3.68 29.39 31.25
C GLN C 579 2.39 29.75 30.51
N GLN C 580 1.27 29.80 31.23
CA GLN C 580 -0.08 29.96 30.66
C GLN C 580 -0.50 28.70 29.90
N ALA C 581 -0.32 27.56 30.56
CA ALA C 581 -0.73 26.25 30.05
C ALA C 581 -1.66 25.62 31.09
N SER C 582 -2.96 25.59 30.79
CA SER C 582 -3.92 25.01 31.72
C SER C 582 -3.80 23.49 31.74
N PHE C 583 -4.53 22.87 32.68
CA PHE C 583 -4.48 21.42 32.82
C PHE C 583 -5.07 20.73 31.59
N LEU C 584 -6.14 21.29 31.02
CA LEU C 584 -6.68 20.74 29.79
C LEU C 584 -5.67 20.84 28.66
N HIS C 585 -4.95 21.96 28.59
CA HIS C 585 -3.92 22.12 27.56
C HIS C 585 -2.82 21.08 27.73
N LEU C 586 -2.40 20.82 28.97
CA LEU C 586 -1.38 19.82 29.21
C LEU C 586 -1.87 18.43 28.84
N ALA C 587 -3.15 18.13 29.12
CA ALA C 587 -3.71 16.84 28.73
C ALA C 587 -3.74 16.70 27.20
N LEU C 588 -4.10 17.78 26.50
CA LEU C 588 -4.16 17.73 25.05
C LEU C 588 -2.77 17.59 24.42
N HIS C 589 -1.77 18.31 24.95
CA HIS C 589 -0.43 18.25 24.38
C HIS C 589 0.23 16.88 24.58
N ASN C 590 -0.16 16.14 25.62
CA ASN C 590 0.38 14.81 25.86
C ASN C 590 -0.48 13.72 25.25
N LYS C 591 -1.58 14.10 24.59
CA LYS C 591 -2.46 13.19 23.87
C LYS C 591 -3.02 12.10 24.79
N ARG C 592 -3.77 12.55 25.78
CA ARG C 592 -4.48 11.67 26.70
C ARG C 592 -5.96 11.72 26.39
N LYS C 593 -6.45 10.69 25.70
CA LYS C 593 -7.83 10.68 25.22
C LYS C 593 -8.84 10.52 26.36
N GLU C 594 -8.59 9.58 27.29
CA GLU C 594 -9.55 9.35 28.36
C GLU C 594 -9.62 10.52 29.33
N VAL C 595 -8.49 11.19 29.58
CA VAL C 595 -8.51 12.37 30.43
C VAL C 595 -9.36 13.47 29.82
N VAL C 596 -9.18 13.70 28.51
CA VAL C 596 -9.96 14.72 27.82
C VAL C 596 -11.44 14.37 27.82
N LEU C 597 -11.75 13.09 27.61
CA LEU C 597 -13.15 12.67 27.63
C LEU C 597 -13.77 12.87 29.00
N THR C 598 -13.02 12.54 30.07
CA THR C 598 -13.53 12.74 31.41
C THR C 598 -13.71 14.23 31.71
N ILE C 599 -12.80 15.06 31.22
CA ILE C 599 -12.93 16.51 31.39
C ILE C 599 -14.19 17.02 30.69
N ILE C 600 -14.44 16.53 29.47
CA ILE C 600 -15.62 16.96 28.73
C ILE C 600 -16.89 16.52 29.43
N ARG C 601 -16.92 15.27 29.91
CA ARG C 601 -18.10 14.77 30.62
C ARG C 601 -18.30 15.42 31.99
N SER C 602 -17.30 16.16 32.48
CA SER C 602 -17.43 16.81 33.77
C SER C 602 -18.47 17.93 33.71
N LYS C 603 -19.08 18.22 34.85
CA LYS C 603 -20.08 19.27 34.93
C LYS C 603 -19.49 20.65 34.72
N ARG C 604 -18.17 20.79 34.85
CA ARG C 604 -17.50 22.08 34.69
C ARG C 604 -16.75 22.18 33.37
N TRP C 605 -17.24 21.51 32.33
CA TRP C 605 -16.55 21.53 31.04
C TRP C 605 -16.51 22.94 30.46
N ASP C 606 -17.63 23.67 30.53
CA ASP C 606 -17.68 25.01 29.97
C ASP C 606 -16.70 25.94 30.68
N GLU C 607 -16.66 25.87 32.02
CA GLU C 607 -15.72 26.69 32.76
C GLU C 607 -14.29 26.40 32.35
N CYS C 608 -13.90 25.12 32.34
CA CYS C 608 -12.56 24.75 31.92
C CYS C 608 -12.25 25.21 30.50
N LEU C 609 -13.28 25.28 29.65
CA LEU C 609 -13.09 25.81 28.30
C LEU C 609 -12.87 27.31 28.32
N LYS C 610 -13.48 28.02 29.27
CA LYS C 610 -13.41 29.49 29.26
C LYS C 610 -11.99 30.00 29.49
N ILE C 611 -11.28 29.46 30.48
CA ILE C 611 -9.96 29.97 30.84
C ILE C 611 -8.93 29.40 29.88
N PHE C 612 -8.32 30.28 29.08
CA PHE C 612 -7.17 29.95 28.26
C PHE C 612 -6.50 31.25 27.85
N SER C 613 -5.23 31.14 27.45
CA SER C 613 -4.44 32.31 27.07
C SER C 613 -4.90 32.83 25.71
N HIS C 614 -5.14 34.13 25.62
CA HIS C 614 -5.57 34.77 24.39
C HIS C 614 -4.42 35.38 23.60
N ASN C 615 -3.21 35.42 24.16
CA ASN C 615 -2.09 36.08 23.51
C ASN C 615 -0.79 35.29 23.54
N SER C 616 -0.73 34.15 24.23
CA SER C 616 0.51 33.40 24.32
C SER C 616 0.89 32.85 22.94
N PRO C 617 2.19 32.80 22.62
CA PRO C 617 2.59 32.26 21.31
C PRO C 617 2.13 30.83 21.10
N GLY C 618 2.14 30.01 22.15
CA GLY C 618 1.56 28.69 22.12
C GLY C 618 0.35 28.61 23.03
N ASN C 619 -0.09 27.37 23.27
CA ASN C 619 -1.18 27.08 24.20
C ASN C 619 -2.46 27.81 23.78
N LYS C 620 -2.94 27.47 22.59
CA LYS C 620 -4.03 28.18 21.96
C LYS C 620 -5.37 27.74 22.55
N CYS C 621 -6.46 28.11 21.88
CA CYS C 621 -7.79 27.76 22.35
C CYS C 621 -7.94 26.25 22.43
N PRO C 622 -8.63 25.73 23.45
CA PRO C 622 -8.73 24.26 23.61
C PRO C 622 -9.32 23.55 22.41
N ILE C 623 -10.31 24.15 21.73
CA ILE C 623 -10.95 23.49 20.58
C ILE C 623 -9.93 23.26 19.47
N THR C 624 -9.12 24.28 19.18
CA THR C 624 -8.07 24.13 18.19
C THR C 624 -7.05 23.07 18.62
N GLU C 625 -6.73 23.02 19.91
CA GLU C 625 -5.78 22.04 20.40
C GLU C 625 -6.29 20.62 20.21
N MET C 626 -7.57 20.37 20.52
CA MET C 626 -8.09 19.02 20.34
C MET C 626 -8.27 18.68 18.87
N ILE C 627 -8.57 19.69 18.03
CA ILE C 627 -8.62 19.44 16.59
C ILE C 627 -7.25 19.01 16.09
N GLU C 628 -6.20 19.68 16.55
CA GLU C 628 -4.86 19.36 16.09
C GLU C 628 -4.37 18.03 16.63
N TYR C 629 -4.64 17.73 17.90
CA TYR C 629 -3.98 16.62 18.58
C TYR C 629 -4.85 15.37 18.64
N LEU C 630 -6.06 15.49 19.16
CA LEU C 630 -6.93 14.33 19.34
C LEU C 630 -8.22 14.49 18.55
N PRO C 631 -8.27 14.06 17.30
CA PRO C 631 -9.53 14.18 16.52
C PRO C 631 -10.67 13.38 17.12
N GLU C 632 -10.39 12.22 17.74
CA GLU C 632 -11.45 11.41 18.31
C GLU C 632 -12.16 12.10 19.47
N CYS C 633 -11.42 12.80 20.32
CA CYS C 633 -12.05 13.54 21.41
C CYS C 633 -12.98 14.62 20.86
N MET C 634 -12.55 15.31 19.80
CA MET C 634 -13.40 16.32 19.18
C MET C 634 -14.62 15.70 18.54
N LYS C 635 -14.47 14.51 17.94
CA LYS C 635 -15.61 13.81 17.37
C LYS C 635 -16.63 13.45 18.46
N VAL C 636 -16.14 12.97 19.60
CA VAL C 636 -17.03 12.66 20.71
C VAL C 636 -17.72 13.93 21.21
N LEU C 637 -16.97 15.03 21.30
CA LEU C 637 -17.56 16.29 21.74
C LEU C 637 -18.64 16.77 20.78
N LEU C 638 -18.40 16.64 19.48
CA LEU C 638 -19.41 17.03 18.49
C LEU C 638 -20.63 16.13 18.55
N ASP C 639 -20.44 14.82 18.76
CA ASP C 639 -21.58 13.94 18.96
C ASP C 639 -22.35 14.31 20.22
N PHE C 640 -21.65 14.82 21.24
CA PHE C 640 -22.34 15.39 22.39
C PHE C 640 -23.12 16.63 21.98
N CYS C 641 -22.61 17.38 21.01
CA CYS C 641 -23.29 18.56 20.47
C CYS C 641 -24.25 18.20 19.34
N MET C 642 -24.35 16.93 18.98
CA MET C 642 -25.27 16.51 17.93
C MET C 642 -26.71 16.84 18.29
N LEU C 643 -27.10 16.56 19.54
CA LEU C 643 -28.45 16.82 20.05
C LEU C 643 -29.50 16.09 19.20
N HIS C 644 -29.40 14.77 19.23
CA HIS C 644 -30.36 13.90 18.55
C HIS C 644 -31.48 13.58 19.53
N SER C 645 -32.62 14.24 19.36
CA SER C 645 -33.77 14.07 20.24
C SER C 645 -34.94 13.48 19.47
N THR C 646 -36.01 13.21 20.21
CA THR C 646 -37.25 12.62 19.65
C THR C 646 -36.95 11.31 18.94
N GLU C 647 -36.19 10.44 19.61
CA GLU C 647 -35.83 9.13 19.05
C GLU C 647 -36.95 8.13 19.34
N ASP C 648 -38.13 8.43 18.76
CA ASP C 648 -39.32 7.58 18.91
C ASP C 648 -39.85 7.26 17.52
N LYS C 649 -39.32 6.20 16.92
CA LYS C 649 -39.72 5.71 15.60
C LYS C 649 -39.46 6.72 14.49
N SER C 650 -39.52 6.27 13.25
CA SER C 650 -39.36 7.14 12.09
C SER C 650 -40.73 7.52 11.54
N CYS C 651 -41.49 8.25 12.37
CA CYS C 651 -42.85 8.65 12.06
C CYS C 651 -42.96 10.16 11.88
N ARG C 652 -41.95 10.77 11.24
CA ARG C 652 -41.93 12.21 10.97
C ARG C 652 -42.06 13.03 12.25
N ASP C 653 -41.48 12.52 13.34
CA ASP C 653 -41.49 13.20 14.62
C ASP C 653 -40.11 13.73 15.00
N TYR C 654 -39.15 13.71 14.08
CA TYR C 654 -37.81 14.18 14.38
C TYR C 654 -37.77 15.70 14.40
N TYR C 655 -37.12 16.26 15.42
CA TYR C 655 -36.87 17.69 15.49
C TYR C 655 -35.41 17.93 15.82
N ILE C 656 -34.54 17.11 15.22
CA ILE C 656 -33.11 17.15 15.53
C ILE C 656 -32.56 18.55 15.32
N GLU C 657 -31.78 19.00 16.29
CA GLU C 657 -31.29 20.38 16.33
C GLU C 657 -29.76 20.37 16.34
N TYR C 658 -29.18 21.29 15.59
CA TYR C 658 -27.73 21.41 15.48
C TYR C 658 -27.27 22.64 16.25
N ASN C 659 -26.26 22.47 17.10
CA ASN C 659 -25.69 23.57 17.87
C ASN C 659 -24.29 23.87 17.36
N PHE C 660 -23.95 25.16 17.32
CA PHE C 660 -22.72 25.62 16.70
C PHE C 660 -21.85 26.38 17.70
N LYS C 661 -22.02 26.11 18.99
CA LYS C 661 -21.25 26.83 20.01
C LYS C 661 -19.77 26.48 19.95
N TYR C 662 -19.44 25.21 19.76
CA TYR C 662 -18.05 24.78 19.79
C TYR C 662 -17.30 25.05 18.49
N LEU C 663 -18.01 25.37 17.40
CA LEU C 663 -17.36 25.70 16.15
C LEU C 663 -16.92 27.16 16.07
N GLN C 664 -17.26 27.97 17.05
CA GLN C 664 -16.88 29.37 17.12
C GLN C 664 -15.93 29.55 18.29
N CYS C 665 -14.83 30.25 18.06
CA CYS C 665 -13.82 30.43 19.11
C CYS C 665 -14.42 31.17 20.29
N PRO C 666 -14.27 30.64 21.52
CA PRO C 666 -14.97 31.21 22.67
C PRO C 666 -14.27 32.37 23.37
N LEU C 667 -13.13 32.82 22.88
CA LEU C 667 -12.45 33.95 23.55
C LEU C 667 -13.28 35.22 23.47
N GLU C 668 -13.88 35.49 22.31
CA GLU C 668 -14.69 36.69 22.13
C GLU C 668 -15.75 36.47 21.05
N VAL C 678 -6.03 41.46 18.85
CA VAL C 678 -5.83 40.68 17.64
C VAL C 678 -6.96 40.93 16.65
N ILE C 679 -7.18 39.97 15.75
CA ILE C 679 -8.22 40.06 14.73
C ILE C 679 -9.21 38.94 14.95
N TYR C 680 -10.37 39.07 14.30
CA TYR C 680 -11.45 38.09 14.39
C TYR C 680 -11.37 37.17 13.18
N GLU C 681 -10.88 35.95 13.40
CA GLU C 681 -10.81 34.98 12.33
C GLU C 681 -12.21 34.44 12.02
N PRO C 682 -12.60 34.38 10.75
CA PRO C 682 -13.98 33.99 10.41
C PRO C 682 -14.39 32.62 10.91
N LEU C 683 -13.67 31.57 10.49
CA LEU C 683 -13.99 30.19 10.83
C LEU C 683 -12.73 29.55 11.42
N THR C 684 -12.55 29.70 12.74
CA THR C 684 -11.37 29.14 13.38
C THR C 684 -11.39 27.61 13.37
N ALA C 685 -12.52 27.03 13.75
CA ALA C 685 -12.60 25.57 13.85
C ALA C 685 -12.44 24.91 12.48
N LEU C 686 -13.12 25.44 11.47
CA LEU C 686 -13.04 24.85 10.14
C LEU C 686 -11.64 24.99 9.55
N ASN C 687 -11.01 26.14 9.75
CA ASN C 687 -9.63 26.32 9.29
C ASN C 687 -8.69 25.36 10.00
N ALA C 688 -8.88 25.16 11.31
CA ALA C 688 -8.05 24.20 12.02
C ALA C 688 -8.25 22.78 11.49
N MET C 689 -9.50 22.41 11.20
CA MET C 689 -9.78 21.08 10.70
C MET C 689 -9.16 20.87 9.31
N VAL C 690 -9.28 21.86 8.43
CA VAL C 690 -8.75 21.70 7.08
C VAL C 690 -7.23 21.76 7.08
N GLN C 691 -6.63 22.53 7.98
CA GLN C 691 -5.17 22.63 8.02
C GLN C 691 -4.54 21.31 8.45
N ASN C 692 -5.16 20.60 9.39
CA ASN C 692 -4.62 19.36 9.91
C ASN C 692 -5.16 18.13 9.18
N ASN C 693 -5.80 18.31 8.03
CA ASN C 693 -6.32 17.21 7.22
C ASN C 693 -7.29 16.34 8.01
N ARG C 694 -8.17 16.98 8.78
CA ARG C 694 -9.17 16.27 9.57
C ARG C 694 -10.38 15.97 8.68
N ILE C 695 -10.15 15.06 7.72
CA ILE C 695 -11.21 14.71 6.77
C ILE C 695 -12.34 13.96 7.47
N GLU C 696 -11.99 13.09 8.41
CA GLU C 696 -13.02 12.40 9.18
C GLU C 696 -13.80 13.37 10.08
N LEU C 697 -13.11 14.37 10.63
CA LEU C 697 -13.78 15.36 11.45
C LEU C 697 -14.59 16.35 10.61
N LEU C 698 -14.06 16.71 9.43
CA LEU C 698 -14.76 17.65 8.56
C LEU C 698 -16.02 17.04 7.97
N ASN C 699 -16.10 15.71 7.89
CA ASN C 699 -17.25 15.03 7.33
C ASN C 699 -18.36 14.79 8.35
N HIS C 700 -18.19 15.25 9.58
CA HIS C 700 -19.20 15.06 10.60
C HIS C 700 -20.46 15.83 10.23
N PRO C 701 -21.66 15.34 10.58
CA PRO C 701 -22.88 16.07 10.23
C PRO C 701 -22.94 17.48 10.79
N VAL C 702 -22.36 17.74 11.95
CA VAL C 702 -22.38 19.09 12.51
C VAL C 702 -21.60 20.05 11.62
N CYS C 703 -20.40 19.67 11.21
CA CYS C 703 -19.60 20.53 10.34
C CYS C 703 -20.25 20.70 8.98
N LYS C 704 -20.79 19.62 8.42
CA LYS C 704 -21.46 19.70 7.13
C LYS C 704 -22.64 20.65 7.19
N GLU C 705 -23.43 20.56 8.27
CA GLU C 705 -24.59 21.42 8.40
C GLU C 705 -24.18 22.86 8.67
N TYR C 706 -23.08 23.07 9.40
CA TYR C 706 -22.55 24.42 9.58
C TYR C 706 -22.18 25.05 8.24
N LEU C 707 -21.48 24.28 7.39
CA LEU C 707 -21.13 24.78 6.07
C LEU C 707 -22.37 25.05 5.23
N LEU C 708 -23.36 24.17 5.31
CA LEU C 708 -24.61 24.37 4.55
C LEU C 708 -25.35 25.62 5.02
N MET C 709 -25.39 25.84 6.33
CA MET C 709 -26.06 27.02 6.87
C MET C 709 -25.33 28.31 6.45
N LYS C 710 -24.00 28.30 6.48
CA LYS C 710 -23.26 29.46 6.01
C LYS C 710 -23.51 29.70 4.52
N TRP C 711 -23.57 28.61 3.74
CA TRP C 711 -23.95 28.70 2.34
C TRP C 711 -25.26 29.45 2.18
N LEU C 712 -26.35 28.90 2.72
CA LEU C 712 -27.66 29.52 2.57
C LEU C 712 -27.72 30.91 3.20
N ALA C 713 -26.82 31.22 4.14
CA ALA C 713 -26.82 32.54 4.74
C ALA C 713 -26.28 33.58 3.77
N TYR C 714 -25.04 33.40 3.31
CA TYR C 714 -24.42 34.42 2.45
C TYR C 714 -23.70 33.88 1.23
N GLY C 715 -23.28 32.60 1.23
CA GLY C 715 -22.45 32.11 0.15
C GLY C 715 -23.21 32.03 -1.16
N PHE C 716 -24.44 31.52 -1.12
CA PHE C 716 -25.25 31.45 -2.33
C PHE C 716 -25.56 32.84 -2.86
N ARG C 717 -25.83 33.79 -1.98
CA ARG C 717 -26.10 35.16 -2.42
C ARG C 717 -24.89 35.76 -3.12
N ALA C 718 -23.71 35.62 -2.53
CA ALA C 718 -22.50 36.16 -3.15
C ALA C 718 -22.19 35.46 -4.46
N HIS C 719 -22.36 34.14 -4.50
CA HIS C 719 -22.11 33.37 -5.71
C HIS C 719 -23.04 33.80 -6.83
N MET C 720 -24.33 33.96 -6.53
CA MET C 720 -25.29 34.41 -7.52
C MET C 720 -24.98 35.82 -7.99
N MET C 721 -24.56 36.70 -7.08
CA MET C 721 -24.20 38.06 -7.47
C MET C 721 -23.03 38.05 -8.45
N ASN C 722 -21.99 37.26 -8.14
CA ASN C 722 -20.82 37.19 -9.02
C ASN C 722 -21.19 36.62 -10.38
N LEU C 723 -21.95 35.53 -10.39
CA LEU C 723 -22.34 34.92 -11.66
C LEU C 723 -23.25 35.83 -12.47
N GLY C 724 -24.15 36.56 -11.82
CA GLY C 724 -24.97 37.51 -12.57
C GLY C 724 -24.16 38.65 -13.14
N SER C 725 -23.19 39.16 -12.36
CA SER C 725 -22.33 40.23 -12.86
C SER C 725 -21.53 39.77 -14.08
N TYR C 726 -21.06 38.53 -14.07
CA TYR C 726 -20.34 38.03 -15.24
C TYR C 726 -21.27 37.74 -16.40
N CYS C 727 -22.45 37.15 -16.11
CA CYS C 727 -23.37 36.77 -17.17
C CYS C 727 -23.95 37.99 -17.88
N LEU C 728 -24.03 39.13 -17.19
CA LEU C 728 -24.55 40.34 -17.80
C LEU C 728 -23.74 40.76 -19.03
N GLY C 729 -22.49 40.31 -19.13
CA GLY C 729 -21.71 40.53 -20.32
C GLY C 729 -21.47 39.27 -21.11
N LEU C 730 -21.54 38.11 -20.44
CA LEU C 730 -21.32 36.85 -21.14
C LEU C 730 -22.47 36.51 -22.07
N ILE C 731 -23.71 36.71 -21.63
CA ILE C 731 -24.89 36.29 -22.36
C ILE C 731 -25.16 37.21 -23.56
N PRO C 732 -25.23 38.53 -23.38
CA PRO C 732 -25.52 39.39 -24.55
C PRO C 732 -24.53 39.24 -25.67
N MET C 733 -23.26 38.95 -25.36
CA MET C 733 -22.29 38.63 -26.39
C MET C 733 -22.71 37.38 -27.17
N THR C 734 -23.22 36.37 -26.46
CA THR C 734 -23.66 35.15 -27.13
C THR C 734 -24.85 35.41 -28.06
N ILE C 735 -25.82 36.21 -27.60
CA ILE C 735 -26.92 36.59 -28.50
C ILE C 735 -26.40 37.38 -29.70
N LEU C 736 -25.46 38.30 -29.47
CA LEU C 736 -24.91 39.08 -30.58
C LEU C 736 -24.22 38.19 -31.60
N VAL C 737 -23.47 37.19 -31.14
CA VAL C 737 -22.78 36.29 -32.05
C VAL C 737 -23.78 35.41 -32.80
N VAL C 738 -24.75 34.84 -32.09
CA VAL C 738 -25.66 33.88 -32.70
C VAL C 738 -26.60 34.56 -33.69
N ASN C 739 -27.10 35.75 -33.34
CA ASN C 739 -28.13 36.39 -34.15
C ASN C 739 -27.57 37.24 -35.29
N ILE C 740 -26.24 37.38 -35.40
CA ILE C 740 -25.61 38.14 -36.47
C ILE C 740 -24.67 37.22 -37.22
N LYS C 741 -24.77 37.24 -38.55
CA LYS C 741 -23.88 36.42 -39.37
C LYS C 741 -22.45 36.96 -39.28
N PRO C 742 -21.48 36.12 -38.95
CA PRO C 742 -20.11 36.61 -38.77
C PRO C 742 -19.55 37.21 -40.05
N GLY C 743 -18.64 38.16 -39.89
CA GLY C 743 -18.05 38.86 -41.00
C GLY C 743 -18.90 39.98 -41.56
N MET C 744 -19.96 40.38 -40.87
CA MET C 744 -20.90 41.37 -41.36
C MET C 744 -21.00 42.51 -40.35
N ALA C 745 -20.86 43.75 -40.83
CA ALA C 745 -20.83 44.91 -39.97
C ALA C 745 -22.22 45.22 -39.42
N PHE C 746 -22.26 45.76 -38.21
CA PHE C 746 -23.51 46.11 -37.56
C PHE C 746 -23.27 47.24 -36.56
N ASN C 747 -24.34 47.97 -36.27
CA ASN C 747 -24.29 49.05 -35.29
C ASN C 747 -25.63 49.10 -34.56
N SER C 748 -25.88 50.20 -33.85
CA SER C 748 -27.09 50.31 -33.04
C SER C 748 -28.35 50.27 -33.90
N THR C 749 -28.34 50.95 -35.05
CA THR C 749 -29.51 50.95 -35.91
C THR C 749 -29.80 49.55 -36.43
N GLY C 750 -28.77 48.80 -36.79
CA GLY C 750 -28.95 47.45 -37.28
C GLY C 750 -27.85 46.99 -38.20
N ILE C 751 -28.13 45.99 -39.03
CA ILE C 751 -27.15 45.51 -40.00
C ILE C 751 -26.94 46.56 -41.07
N ILE C 752 -25.68 46.90 -41.32
CA ILE C 752 -25.35 47.93 -42.31
C ILE C 752 -24.68 47.37 -43.54
N ASN C 753 -24.30 46.10 -43.57
CA ASN C 753 -23.64 45.53 -44.73
C ASN C 753 -24.66 44.88 -45.68
N ILE C 761 -28.52 48.38 -47.79
CA ILE C 761 -29.73 47.85 -47.20
C ILE C 761 -29.53 47.60 -45.71
N LEU C 762 -30.49 48.05 -44.91
CA LEU C 762 -30.44 47.89 -43.46
C LEU C 762 -31.56 46.94 -43.03
N ASP C 763 -31.21 45.98 -42.15
CA ASP C 763 -32.18 44.98 -41.72
C ASP C 763 -33.27 45.62 -40.86
N THR C 764 -32.88 46.20 -39.72
CA THR C 764 -33.81 46.85 -38.79
C THR C 764 -34.91 45.89 -38.35
N THR C 765 -34.55 44.63 -38.14
CA THR C 765 -35.48 43.61 -37.66
C THR C 765 -35.22 43.23 -36.20
N ASN C 766 -33.96 43.06 -35.83
CA ASN C 766 -33.56 42.79 -34.45
C ASN C 766 -32.85 44.00 -33.85
N SER C 767 -33.24 45.20 -34.28
CA SER C 767 -32.51 46.40 -33.90
C SER C 767 -32.54 46.63 -32.38
N TYR C 768 -33.71 46.48 -31.77
CA TYR C 768 -33.81 46.67 -30.32
C TYR C 768 -32.97 45.66 -29.57
N LEU C 769 -33.03 44.39 -29.98
CA LEU C 769 -32.23 43.36 -29.32
C LEU C 769 -30.74 43.63 -29.48
N ILE C 770 -30.31 44.02 -30.68
CA ILE C 770 -28.89 44.30 -30.91
C ILE C 770 -28.44 45.48 -30.05
N LYS C 771 -29.22 46.55 -30.03
CA LYS C 771 -28.84 47.73 -29.24
C LYS C 771 -28.77 47.39 -27.77
N THR C 772 -29.75 46.65 -27.25
CA THR C 772 -29.74 46.26 -25.85
C THR C 772 -28.54 45.39 -25.54
N CYS C 773 -28.21 44.44 -26.43
CA CYS C 773 -27.10 43.54 -26.18
C CYS C 773 -25.77 44.29 -26.17
N MET C 774 -25.56 45.21 -27.12
CA MET C 774 -24.30 45.95 -27.11
C MET C 774 -24.21 46.91 -25.92
N ILE C 775 -25.34 47.52 -25.54
CA ILE C 775 -25.34 48.36 -24.34
C ILE C 775 -24.95 47.55 -23.11
N LEU C 776 -25.53 46.35 -22.98
CA LEU C 776 -25.19 45.50 -21.85
C LEU C 776 -23.73 45.07 -21.87
N VAL C 777 -23.21 44.73 -23.05
CA VAL C 777 -21.81 44.32 -23.16
C VAL C 777 -20.89 45.48 -22.79
N PHE C 778 -21.17 46.68 -23.28
CA PHE C 778 -20.37 47.84 -22.95
C PHE C 778 -20.39 48.13 -21.46
N LEU C 779 -21.58 48.09 -20.85
CA LEU C 779 -21.70 48.37 -19.42
C LEU C 779 -20.97 47.32 -18.59
N SER C 780 -21.10 46.05 -18.96
CA SER C 780 -20.42 45.00 -18.21
C SER C 780 -18.91 45.10 -18.35
N SER C 781 -18.43 45.44 -19.54
CA SER C 781 -16.99 45.60 -19.73
C SER C 781 -16.46 46.79 -18.93
N ILE C 782 -17.21 47.89 -18.90
CA ILE C 782 -16.78 49.04 -18.11
C ILE C 782 -16.79 48.70 -16.63
N PHE C 783 -17.81 47.97 -16.18
CA PHE C 783 -17.86 47.54 -14.79
C PHE C 783 -16.68 46.63 -14.44
N GLY C 784 -16.33 45.74 -15.35
CA GLY C 784 -15.17 44.88 -15.12
C GLY C 784 -13.87 45.67 -15.06
N TYR C 785 -13.72 46.67 -15.94
CA TYR C 785 -12.55 47.53 -15.88
C TYR C 785 -12.48 48.29 -14.56
N CYS C 786 -13.62 48.81 -14.09
CA CYS C 786 -13.65 49.52 -12.82
C CYS C 786 -13.30 48.59 -11.66
N LYS C 787 -13.84 47.37 -11.67
CA LYS C 787 -13.52 46.41 -10.62
C LYS C 787 -12.05 46.00 -10.67
N GLU C 788 -11.45 45.99 -11.87
CA GLU C 788 -10.02 45.76 -11.98
C GLU C 788 -9.24 46.91 -11.37
N ALA C 789 -9.69 48.14 -11.61
CA ALA C 789 -9.01 49.30 -11.02
C ALA C 789 -9.10 49.29 -9.50
N GLY C 790 -10.26 48.93 -8.96
CA GLY C 790 -10.45 48.89 -7.52
C GLY C 790 -10.52 47.48 -6.97
N ASP C 802 -1.60 36.99 -12.67
CA ASP C 802 -2.47 35.82 -12.61
C ASP C 802 -3.13 35.57 -13.95
N ILE C 803 -3.46 34.31 -14.23
CA ILE C 803 -4.10 33.97 -15.51
C ILE C 803 -5.49 34.59 -15.60
N SER C 804 -6.19 34.67 -14.46
CA SER C 804 -7.54 35.24 -14.47
C SER C 804 -7.51 36.71 -14.87
N ASN C 805 -6.53 37.47 -14.36
CA ASN C 805 -6.44 38.89 -14.70
C ASN C 805 -6.19 39.09 -16.18
N VAL C 806 -5.27 38.32 -16.76
CA VAL C 806 -5.00 38.43 -18.19
C VAL C 806 -6.23 38.04 -19.00
N LEU C 807 -6.90 36.96 -18.61
CA LEU C 807 -8.11 36.53 -19.29
C LEU C 807 -9.17 37.64 -19.27
N GLU C 808 -9.40 38.23 -18.11
CA GLU C 808 -10.42 39.27 -18.00
C GLU C 808 -10.02 40.52 -18.78
N TRP C 809 -8.74 40.87 -18.78
CA TRP C 809 -8.30 42.04 -19.54
C TRP C 809 -8.50 41.84 -21.03
N ILE C 810 -8.15 40.65 -21.55
CA ILE C 810 -8.39 40.36 -22.96
C ILE C 810 -9.88 40.40 -23.27
N ILE C 811 -10.69 39.82 -22.38
CA ILE C 811 -12.14 39.79 -22.58
C ILE C 811 -12.67 41.22 -22.68
N TYR C 812 -12.27 42.09 -21.75
CA TYR C 812 -12.80 43.45 -21.73
C TYR C 812 -12.34 44.24 -22.94
N THR C 813 -11.06 44.13 -23.32
CA THR C 813 -10.58 44.87 -24.48
C THR C 813 -11.31 44.43 -25.75
N THR C 814 -11.44 43.12 -25.95
CA THR C 814 -12.11 42.64 -27.15
C THR C 814 -13.60 42.95 -27.12
N GLY C 815 -14.20 43.03 -25.92
CA GLY C 815 -15.57 43.45 -25.82
C GLY C 815 -15.77 44.90 -26.20
N ILE C 816 -14.85 45.77 -25.77
CA ILE C 816 -14.91 47.17 -26.19
C ILE C 816 -14.78 47.28 -27.70
N ILE C 817 -13.83 46.56 -28.29
CA ILE C 817 -13.62 46.68 -29.74
C ILE C 817 -14.82 46.10 -30.51
N PHE C 818 -15.42 45.03 -29.99
CA PHE C 818 -16.52 44.39 -30.71
C PHE C 818 -17.74 45.30 -30.80
N VAL C 819 -18.10 45.96 -29.71
CA VAL C 819 -19.31 46.79 -29.68
C VAL C 819 -18.93 48.26 -29.84
N LEU C 820 -17.70 48.51 -30.32
CA LEU C 820 -17.27 49.87 -30.57
C LEU C 820 -18.16 50.65 -31.54
N PRO C 821 -18.74 50.05 -32.61
CA PRO C 821 -19.60 50.83 -33.51
C PRO C 821 -20.77 51.54 -32.85
N LEU C 822 -20.94 51.36 -31.53
CA LEU C 822 -21.94 52.13 -30.81
C LEU C 822 -21.68 53.63 -30.95
N PHE C 823 -20.41 54.03 -30.91
CA PHE C 823 -20.03 55.43 -31.09
C PHE C 823 -19.25 55.68 -32.37
N VAL C 824 -18.15 54.96 -32.59
CA VAL C 824 -17.28 55.18 -33.73
C VAL C 824 -17.28 53.92 -34.59
N GLU C 825 -17.55 54.10 -35.89
CA GLU C 825 -17.58 52.98 -36.81
C GLU C 825 -16.17 52.41 -37.01
N ILE C 826 -16.11 51.10 -37.21
CA ILE C 826 -14.85 50.39 -37.46
C ILE C 826 -15.07 49.35 -38.54
N PRO C 827 -14.00 48.95 -39.23
CA PRO C 827 -14.13 47.88 -40.21
C PRO C 827 -14.64 46.59 -39.58
N ALA C 828 -15.47 45.87 -40.34
CA ALA C 828 -16.09 44.65 -39.83
C ALA C 828 -15.05 43.56 -39.55
N HIS C 829 -13.93 43.59 -40.27
CA HIS C 829 -12.91 42.55 -40.10
C HIS C 829 -12.36 42.55 -38.68
N LEU C 830 -11.87 43.71 -38.22
CA LEU C 830 -11.33 43.81 -36.87
C LEU C 830 -12.42 43.55 -35.83
N GLN C 831 -13.63 44.05 -36.09
CA GLN C 831 -14.74 43.84 -35.17
C GLN C 831 -15.00 42.37 -34.94
N TRP C 832 -15.04 41.58 -36.03
CA TRP C 832 -15.37 40.17 -35.87
C TRP C 832 -14.19 39.35 -35.38
N GLN C 833 -12.95 39.73 -35.69
CA GLN C 833 -11.81 39.09 -35.05
C GLN C 833 -11.89 39.27 -33.54
N CYS C 834 -12.14 40.50 -33.09
CA CYS C 834 -12.25 40.76 -31.66
C CYS C 834 -13.46 40.04 -31.06
N GLY C 835 -14.54 39.91 -31.83
CA GLY C 835 -15.69 39.18 -31.34
C GLY C 835 -15.40 37.70 -31.11
N ALA C 836 -14.70 37.07 -32.06
CA ALA C 836 -14.32 35.67 -31.89
C ALA C 836 -13.41 35.50 -30.68
N ILE C 837 -12.39 36.37 -30.56
CA ILE C 837 -11.49 36.31 -29.41
C ILE C 837 -12.27 36.48 -28.12
N ALA C 838 -13.19 37.45 -28.09
CA ALA C 838 -13.94 37.76 -26.88
C ALA C 838 -14.83 36.61 -26.46
N VAL C 839 -15.54 35.98 -27.41
CA VAL C 839 -16.44 34.90 -27.03
C VAL C 839 -15.65 33.67 -26.57
N TYR C 840 -14.56 33.35 -27.27
CA TYR C 840 -13.73 32.22 -26.87
C TYR C 840 -13.22 32.41 -25.45
N PHE C 841 -12.62 33.58 -25.17
CA PHE C 841 -12.08 33.81 -23.84
C PHE C 841 -13.17 34.02 -22.80
N TYR C 842 -14.35 34.49 -23.20
CA TYR C 842 -15.47 34.60 -22.27
C TYR C 842 -15.86 33.24 -21.72
N TRP C 843 -16.02 32.25 -22.60
CA TRP C 843 -16.39 30.94 -22.08
C TRP C 843 -15.21 30.23 -21.39
N MET C 844 -13.99 30.47 -21.86
CA MET C 844 -12.82 29.94 -21.14
C MET C 844 -12.75 30.49 -19.72
N ASN C 845 -13.10 31.77 -19.53
CA ASN C 845 -13.10 32.35 -18.19
C ASN C 845 -14.31 31.91 -17.37
N PHE C 846 -15.45 31.66 -18.03
CA PHE C 846 -16.57 31.07 -17.31
C PHE C 846 -16.21 29.69 -16.77
N LEU C 847 -15.33 28.97 -17.47
CA LEU C 847 -14.82 27.72 -16.93
C LEU C 847 -14.17 27.92 -15.56
N LEU C 848 -13.33 28.95 -15.43
CA LEU C 848 -12.73 29.24 -14.13
C LEU C 848 -13.76 29.76 -13.13
N TYR C 849 -14.78 30.47 -13.62
CA TYR C 849 -15.85 30.93 -12.74
C TYR C 849 -16.62 29.75 -12.13
N LEU C 850 -16.68 28.63 -12.84
CA LEU C 850 -17.35 27.44 -12.31
C LEU C 850 -16.56 26.73 -11.22
N GLN C 851 -15.31 27.11 -10.99
CA GLN C 851 -14.46 26.39 -10.05
C GLN C 851 -15.00 26.44 -8.63
N ARG C 852 -15.68 27.52 -8.25
CA ARG C 852 -16.20 27.67 -6.89
C ARG C 852 -17.54 26.96 -6.73
N PHE C 853 -17.51 25.66 -6.98
CA PHE C 853 -18.67 24.79 -6.84
C PHE C 853 -18.21 23.45 -6.28
N GLU C 854 -19.16 22.73 -5.67
CA GLU C 854 -18.85 21.45 -5.07
C GLU C 854 -18.93 20.28 -6.04
N ASN C 855 -19.43 20.51 -7.25
CA ASN C 855 -19.57 19.44 -8.25
C ASN C 855 -18.64 19.59 -9.44
N CYS C 856 -18.13 20.80 -9.69
CA CYS C 856 -17.31 21.07 -10.86
C CYS C 856 -15.89 21.50 -10.52
N GLY C 857 -15.59 21.75 -9.24
CA GLY C 857 -14.27 22.25 -8.88
C GLY C 857 -13.16 21.23 -9.12
N ILE C 858 -13.41 19.96 -8.79
CA ILE C 858 -12.38 18.94 -8.92
C ILE C 858 -12.02 18.72 -10.38
N PHE C 859 -12.98 18.85 -11.29
CA PHE C 859 -12.67 18.71 -12.72
C PHE C 859 -11.79 19.85 -13.20
N ILE C 860 -12.03 21.06 -12.70
CA ILE C 860 -11.17 22.19 -13.04
C ILE C 860 -9.77 22.00 -12.48
N VAL C 861 -9.67 21.44 -11.28
CA VAL C 861 -8.35 21.16 -10.69
C VAL C 861 -7.60 20.15 -11.54
N MET C 862 -8.30 19.09 -11.97
CA MET C 862 -7.68 18.08 -12.81
C MET C 862 -7.24 18.67 -14.15
N LEU C 863 -8.08 19.51 -14.75
CA LEU C 863 -7.70 20.18 -15.99
C LEU C 863 -6.46 21.03 -15.79
N GLU C 864 -6.39 21.76 -14.68
CA GLU C 864 -5.23 22.60 -14.42
C GLU C 864 -3.95 21.79 -14.27
N VAL C 865 -4.00 20.67 -13.54
CA VAL C 865 -2.78 19.89 -13.34
C VAL C 865 -2.35 19.23 -14.64
N ILE C 866 -3.30 18.75 -15.45
CA ILE C 866 -2.93 18.15 -16.73
C ILE C 866 -2.33 19.20 -17.66
N LEU C 867 -2.91 20.40 -17.68
CA LEU C 867 -2.37 21.48 -18.49
C LEU C 867 -0.96 21.86 -18.04
N LYS C 868 -0.73 21.90 -16.73
CA LYS C 868 0.60 22.22 -16.22
C LYS C 868 1.62 21.18 -16.65
N THR C 869 1.24 19.90 -16.58
CA THR C 869 2.16 18.85 -17.03
C THR C 869 2.46 18.96 -18.53
N LEU C 870 1.43 19.27 -19.33
CA LEU C 870 1.65 19.45 -20.76
C LEU C 870 2.59 20.63 -21.04
N LEU C 871 2.41 21.74 -20.32
CA LEU C 871 3.32 22.87 -20.51
C LEU C 871 4.73 22.53 -20.05
N ARG C 872 4.86 21.67 -19.05
CA ARG C 872 6.20 21.21 -18.65
C ARG C 872 6.87 20.41 -19.75
N SER C 873 6.11 19.53 -20.40
CA SER C 873 6.65 18.66 -21.44
C SER C 873 6.74 19.33 -22.82
N THR C 874 6.21 20.55 -22.96
CA THR C 874 6.16 21.19 -24.26
C THR C 874 7.54 21.41 -24.88
N VAL C 875 8.61 21.52 -24.09
CA VAL C 875 9.93 21.74 -24.69
C VAL C 875 10.36 20.52 -25.48
N VAL C 876 10.28 19.35 -24.87
CA VAL C 876 10.58 18.11 -25.58
C VAL C 876 9.62 17.92 -26.74
N PHE C 877 8.35 18.28 -26.53
CA PHE C 877 7.37 18.18 -27.60
C PHE C 877 7.80 19.00 -28.82
N ILE C 878 8.15 20.26 -28.62
CA ILE C 878 8.46 21.12 -29.75
C ILE C 878 9.78 20.72 -30.39
N PHE C 879 10.72 20.17 -29.62
CA PHE C 879 11.96 19.70 -30.25
C PHE C 879 11.69 18.48 -31.14
N LEU C 880 10.88 17.54 -30.65
CA LEU C 880 10.51 16.40 -31.49
C LEU C 880 9.75 16.86 -32.73
N LEU C 881 8.83 17.81 -32.57
CA LEU C 881 8.07 18.31 -33.70
C LEU C 881 8.98 19.02 -34.70
N LEU C 882 9.97 19.78 -34.21
CA LEU C 882 10.89 20.44 -35.12
C LEU C 882 11.69 19.43 -35.92
N ALA C 883 12.20 18.40 -35.26
CA ALA C 883 12.96 17.37 -35.98
C ALA C 883 12.11 16.72 -37.06
N PHE C 884 10.93 16.24 -36.69
CA PHE C 884 10.11 15.51 -37.66
C PHE C 884 9.57 16.44 -38.74
N GLY C 885 9.25 17.68 -38.38
CA GLY C 885 8.75 18.62 -39.38
C GLY C 885 9.79 19.00 -40.40
N LEU C 886 11.02 19.28 -39.96
CA LEU C 886 12.09 19.58 -40.91
C LEU C 886 12.40 18.38 -41.79
N SER C 887 12.41 17.17 -41.20
CA SER C 887 12.63 15.98 -42.00
C SER C 887 11.55 15.81 -43.06
N PHE C 888 10.28 15.98 -42.67
CA PHE C 888 9.18 15.81 -43.62
C PHE C 888 9.16 16.93 -44.64
N TYR C 889 9.65 18.11 -44.27
CA TYR C 889 9.69 19.24 -45.19
C TYR C 889 10.73 19.00 -46.28
N ILE C 890 11.89 18.45 -45.91
CA ILE C 890 12.88 18.12 -46.93
C ILE C 890 12.42 16.93 -47.76
N LEU C 891 11.88 15.89 -47.11
CA LEU C 891 11.55 14.66 -47.81
C LEU C 891 10.32 14.81 -48.69
N LEU C 892 9.30 15.53 -48.21
CA LEU C 892 8.05 15.66 -48.94
C LEU C 892 7.81 17.11 -49.36
N ASN C 893 8.85 17.76 -49.88
CA ASN C 893 8.75 19.17 -50.23
C ASN C 893 7.78 19.42 -51.37
N LEU C 894 7.55 18.42 -52.22
CA LEU C 894 6.71 18.58 -53.40
C LEU C 894 5.22 18.42 -53.11
N GLN C 895 4.83 18.34 -51.83
CA GLN C 895 3.44 18.19 -51.44
C GLN C 895 2.98 19.45 -50.72
N ASP C 896 1.70 19.79 -50.92
CA ASP C 896 1.15 21.01 -50.35
C ASP C 896 1.25 21.08 -48.83
N PRO C 897 0.92 20.03 -48.07
CA PRO C 897 1.04 20.15 -46.60
C PRO C 897 2.44 20.45 -46.12
N PHE C 898 3.47 19.97 -46.82
CA PHE C 898 4.86 20.14 -46.41
C PHE C 898 5.61 21.11 -47.34
N SER C 899 4.89 22.04 -47.95
CA SER C 899 5.51 22.98 -48.88
C SER C 899 6.24 24.12 -48.19
N SER C 900 5.98 24.34 -46.90
CA SER C 900 6.61 25.39 -46.12
C SER C 900 7.02 24.83 -44.77
N PRO C 901 8.08 25.37 -44.16
CA PRO C 901 8.49 24.83 -42.84
C PRO C 901 7.41 24.98 -41.79
N LEU C 902 6.76 26.13 -41.71
CA LEU C 902 5.71 26.32 -40.71
C LEU C 902 4.54 25.37 -40.96
N LEU C 903 4.12 25.25 -42.23
CA LEU C 903 3.08 24.29 -42.56
C LEU C 903 3.51 22.87 -42.25
N SER C 904 4.80 22.57 -42.41
CA SER C 904 5.30 21.23 -42.12
C SER C 904 5.20 20.92 -40.63
N ILE C 905 5.60 21.85 -39.77
CA ILE C 905 5.48 21.61 -38.33
C ILE C 905 4.02 21.55 -37.90
N ILE C 906 3.17 22.37 -38.51
CA ILE C 906 1.74 22.33 -38.17
C ILE C 906 1.14 20.98 -38.59
N GLN C 907 1.53 20.48 -39.76
CA GLN C 907 1.01 19.19 -40.22
C GLN C 907 1.53 18.05 -39.34
N THR C 908 2.79 18.13 -38.91
CA THR C 908 3.32 17.13 -37.98
C THR C 908 2.56 17.16 -36.66
N PHE C 909 2.26 18.36 -36.16
CA PHE C 909 1.46 18.50 -34.96
C PHE C 909 0.08 17.87 -35.15
N SER C 910 -0.52 18.06 -36.33
CA SER C 910 -1.83 17.48 -36.60
C SER C 910 -1.77 15.95 -36.64
N MET C 911 -0.74 15.38 -37.28
CA MET C 911 -0.68 13.93 -37.40
C MET C 911 -0.12 13.26 -36.15
N MET C 912 0.32 14.03 -35.16
CA MET C 912 0.72 13.42 -33.89
C MET C 912 -0.40 12.56 -33.31
N LEU C 913 -1.65 13.00 -33.46
CA LEU C 913 -2.78 12.31 -32.84
C LEU C 913 -3.13 11.00 -33.53
N GLY C 914 -2.30 10.51 -34.44
CA GLY C 914 -2.57 9.28 -35.15
C GLY C 914 -3.22 9.45 -36.50
N ASP C 915 -3.43 10.66 -36.97
CA ASP C 915 -4.05 10.92 -38.29
C ASP C 915 -3.01 11.09 -39.35
N ILE C 916 -2.16 10.10 -39.40
CA ILE C 916 -1.15 10.07 -40.45
C ILE C 916 -1.86 9.75 -41.76
N ASN C 917 -1.69 10.62 -42.76
CA ASN C 917 -2.28 10.41 -44.08
C ASN C 917 -1.36 9.50 -44.89
N TYR C 918 -1.27 8.24 -44.43
CA TYR C 918 -0.31 7.32 -45.02
C TYR C 918 -0.56 7.15 -46.52
N ARG C 919 -1.80 6.88 -46.91
CA ARG C 919 -2.10 6.61 -48.30
C ARG C 919 -1.78 7.83 -49.16
N GLU C 920 -2.50 8.94 -48.93
CA GLU C 920 -2.38 10.11 -49.79
C GLU C 920 -0.96 10.69 -49.79
N SER C 921 -0.28 10.68 -48.65
CA SER C 921 1.02 11.32 -48.56
C SER C 921 2.17 10.43 -48.97
N PHE C 922 2.06 9.11 -48.81
CA PHE C 922 3.18 8.22 -49.06
C PHE C 922 2.90 7.21 -50.17
N LEU C 923 1.77 6.51 -50.13
CA LEU C 923 1.57 5.39 -51.04
C LEU C 923 1.23 5.87 -52.45
N GLU C 924 0.31 6.82 -52.55
CA GLU C 924 -0.06 7.35 -53.86
C GLU C 924 1.10 8.02 -54.57
N PRO C 925 1.87 8.92 -53.93
CA PRO C 925 3.06 9.44 -54.61
C PRO C 925 4.08 8.36 -54.97
N TYR C 926 4.23 7.33 -54.12
CA TYR C 926 5.20 6.28 -54.41
C TYR C 926 4.82 5.49 -55.65
N LEU C 927 3.55 5.11 -55.77
CA LEU C 927 3.11 4.35 -56.93
C LEU C 927 3.11 5.19 -58.20
N ARG C 928 3.01 6.51 -58.05
CA ARG C 928 3.08 7.44 -59.18
C ARG C 928 4.49 7.97 -59.41
N ASN C 929 5.48 7.47 -58.66
CA ASN C 929 6.88 7.90 -58.80
C ASN C 929 7.03 9.40 -58.53
N GLU C 930 6.46 9.86 -57.41
CA GLU C 930 6.55 11.27 -57.02
C GLU C 930 7.44 11.50 -55.81
N LEU C 931 7.76 10.45 -55.05
CA LEU C 931 8.62 10.59 -53.89
C LEU C 931 10.07 10.75 -54.32
N ALA C 932 10.74 11.78 -53.82
CA ALA C 932 12.15 11.97 -54.15
C ALA C 932 13.03 10.91 -53.49
N HIS C 933 12.75 10.59 -52.23
CA HIS C 933 13.52 9.60 -51.46
C HIS C 933 12.55 8.58 -50.89
N PRO C 934 12.21 7.54 -51.65
CA PRO C 934 11.18 6.60 -51.18
C PRO C 934 11.57 5.83 -49.92
N VAL C 935 12.75 5.22 -49.92
CA VAL C 935 13.18 4.43 -48.76
C VAL C 935 13.33 5.32 -47.53
N LEU C 936 13.94 6.50 -47.71
CA LEU C 936 14.09 7.43 -46.60
C LEU C 936 12.75 7.89 -46.07
N SER C 937 11.81 8.21 -46.98
CA SER C 937 10.50 8.67 -46.55
C SER C 937 9.75 7.58 -45.79
N PHE C 938 9.84 6.33 -46.25
CA PHE C 938 9.13 5.25 -45.58
C PHE C 938 9.76 4.94 -44.22
N ALA C 939 11.10 4.98 -44.14
CA ALA C 939 11.76 4.79 -42.85
C ALA C 939 11.39 5.90 -41.88
N GLN C 940 11.32 7.13 -42.37
CA GLN C 940 10.93 8.25 -41.51
C GLN C 940 9.47 8.13 -41.09
N LEU C 941 8.61 7.62 -41.97
CA LEU C 941 7.21 7.41 -41.61
C LEU C 941 7.10 6.36 -40.50
N VAL C 942 7.83 5.26 -40.62
CA VAL C 942 7.81 4.24 -39.58
C VAL C 942 8.34 4.79 -38.26
N SER C 943 9.45 5.55 -38.33
CA SER C 943 10.02 6.14 -37.12
C SER C 943 9.05 7.12 -36.47
N PHE C 944 8.38 7.96 -37.28
CA PHE C 944 7.42 8.90 -36.75
C PHE C 944 6.25 8.18 -36.08
N THR C 945 5.70 7.16 -36.75
CA THR C 945 4.58 6.42 -36.18
C THR C 945 4.97 5.73 -34.87
N ILE C 946 6.18 5.17 -34.80
CA ILE C 946 6.63 4.56 -33.57
C ILE C 946 6.83 5.61 -32.47
N PHE C 947 7.37 6.77 -32.83
CA PHE C 947 7.77 7.74 -31.82
C PHE C 947 6.60 8.58 -31.33
N VAL C 948 6.01 9.40 -32.19
CA VAL C 948 5.05 10.39 -31.70
C VAL C 948 3.72 9.73 -31.31
N PRO C 949 2.93 9.17 -32.24
CA PRO C 949 1.56 8.77 -31.86
C PRO C 949 1.51 7.62 -30.89
N ILE C 950 2.55 6.80 -30.82
CA ILE C 950 2.55 5.68 -29.89
C ILE C 950 3.24 6.12 -28.60
N VAL C 951 4.53 6.43 -28.67
CA VAL C 951 5.31 6.66 -27.47
C VAL C 951 4.89 7.96 -26.78
N LEU C 952 4.77 9.06 -27.55
CA LEU C 952 4.43 10.33 -26.91
C LEU C 952 3.01 10.30 -26.33
N MET C 953 2.06 9.74 -27.06
CA MET C 953 0.70 9.67 -26.55
C MET C 953 0.60 8.74 -25.35
N ASN C 954 1.34 7.63 -25.35
CA ASN C 954 1.36 6.74 -24.19
C ASN C 954 1.97 7.43 -22.99
N LEU C 955 3.03 8.21 -23.21
CA LEU C 955 3.63 8.98 -22.13
C LEU C 955 2.64 9.98 -21.54
N LEU C 956 1.92 10.70 -22.42
CA LEU C 956 0.93 11.66 -21.96
C LEU C 956 -0.18 10.97 -21.18
N ILE C 957 -0.71 9.86 -21.66
CA ILE C 957 -1.78 9.10 -20.99
C ILE C 957 -1.27 8.57 -19.67
N GLY C 958 -0.02 8.10 -19.52
CA GLY C 958 0.48 7.68 -18.21
C GLY C 958 0.63 8.84 -17.24
N LEU C 959 1.16 9.97 -17.72
CA LEU C 959 1.27 11.15 -16.87
C LEU C 959 -0.10 11.61 -16.40
N ALA C 960 -1.08 11.61 -17.29
CA ALA C 960 -2.43 12.03 -16.92
C ALA C 960 -3.04 11.08 -15.91
N VAL C 961 -2.87 9.78 -16.03
CA VAL C 961 -3.42 8.74 -15.11
C VAL C 961 -2.72 8.92 -13.76
N GLY C 962 -1.44 9.28 -13.68
CA GLY C 962 -0.80 9.59 -12.41
C GLY C 962 -1.34 10.87 -11.79
N ASP C 963 -1.52 11.91 -12.61
CA ASP C 963 -2.04 13.17 -12.11
C ASP C 963 -3.46 13.03 -11.56
N ILE C 964 -4.31 12.30 -12.28
CA ILE C 964 -5.69 12.10 -11.83
C ILE C 964 -5.71 11.31 -10.53
N ALA C 965 -4.87 10.27 -10.43
CA ALA C 965 -4.81 9.51 -9.17
C ALA C 965 -4.36 10.38 -8.01
N GLU C 966 -3.34 11.21 -8.24
CA GLU C 966 -2.85 12.10 -7.18
C GLU C 966 -3.93 13.10 -6.76
N VAL C 967 -4.67 13.63 -7.72
CA VAL C 967 -5.74 14.57 -7.40
C VAL C 967 -6.86 13.88 -6.63
N GLN C 968 -7.21 12.66 -7.05
CA GLN C 968 -8.27 11.90 -6.40
C GLN C 968 -7.88 11.39 -5.02
N LYS C 969 -6.58 11.38 -4.70
CA LYS C 969 -6.17 11.02 -3.34
C LYS C 969 -6.78 11.96 -2.31
N HIS C 970 -6.88 13.25 -2.63
CA HIS C 970 -7.34 14.28 -1.72
C HIS C 970 -8.57 15.01 -2.27
N ALA C 971 -9.55 14.26 -2.77
CA ALA C 971 -10.69 14.89 -3.42
C ALA C 971 -11.58 15.62 -2.41
N SER C 972 -12.11 14.88 -1.43
CA SER C 972 -13.04 15.47 -0.47
C SER C 972 -12.37 16.57 0.34
N LEU C 973 -11.13 16.36 0.75
CA LEU C 973 -10.40 17.38 1.50
C LEU C 973 -10.26 18.65 0.68
N LYS C 974 -9.94 18.51 -0.61
CA LYS C 974 -9.82 19.68 -1.47
C LYS C 974 -11.15 20.39 -1.63
N ARG C 975 -12.24 19.64 -1.83
CA ARG C 975 -13.55 20.26 -1.98
C ARG C 975 -13.92 21.07 -0.76
N ILE C 976 -13.79 20.47 0.43
CA ILE C 976 -14.11 21.19 1.65
C ILE C 976 -13.16 22.36 1.87
N ALA C 977 -11.90 22.22 1.45
CA ALA C 977 -10.94 23.31 1.58
C ALA C 977 -11.37 24.51 0.74
N MET C 978 -11.79 24.26 -0.51
CA MET C 978 -12.26 25.36 -1.34
C MET C 978 -13.51 26.01 -0.76
N GLN C 979 -14.46 25.19 -0.27
CA GLN C 979 -15.66 25.77 0.32
C GLN C 979 -15.32 26.62 1.54
N VAL C 980 -14.43 26.12 2.40
CA VAL C 980 -14.06 26.85 3.61
C VAL C 980 -13.33 28.14 3.25
N GLU C 981 -12.43 28.10 2.27
CA GLU C 981 -11.71 29.30 1.88
C GLU C 981 -12.66 30.34 1.30
N LEU C 982 -13.61 29.91 0.47
CA LEU C 982 -14.58 30.85 -0.10
C LEU C 982 -15.41 31.50 1.01
N HIS C 983 -15.90 30.70 1.96
CA HIS C 983 -16.72 31.25 3.03
C HIS C 983 -15.90 32.18 3.93
N THR C 984 -14.64 31.83 4.18
CA THR C 984 -13.78 32.70 4.99
C THR C 984 -13.54 34.04 4.32
N SER C 985 -13.28 34.02 3.01
CA SER C 985 -13.12 35.28 2.28
C SER C 985 -14.39 36.10 2.30
N LEU C 986 -15.54 35.44 2.15
CA LEU C 986 -16.82 36.17 2.18
C LEU C 986 -17.05 36.79 3.55
N GLU C 987 -16.73 36.07 4.63
CA GLU C 987 -16.87 36.64 5.97
C GLU C 987 -15.95 37.82 6.16
N LYS C 988 -14.70 37.73 5.69
CA LYS C 988 -13.79 38.85 5.79
C LYS C 988 -14.27 40.04 4.97
N LYS C 989 -15.05 39.78 3.90
CA LYS C 989 -15.56 40.86 3.08
C LYS C 989 -16.68 41.63 3.79
N LEU C 990 -17.62 40.91 4.42
CA LEU C 990 -18.74 41.55 5.10
C LEU C 990 -18.37 41.87 6.54
N PRO C 991 -18.07 43.12 6.85
CA PRO C 991 -17.42 43.43 8.14
C PRO C 991 -18.26 43.19 9.39
N LEU C 992 -19.41 43.85 9.53
CA LEU C 992 -20.08 43.92 10.83
C LEU C 992 -21.50 43.38 10.82
N TRP C 993 -22.39 43.90 9.96
CA TRP C 993 -23.81 43.75 10.20
C TRP C 993 -24.35 42.42 9.68
N PHE C 994 -23.95 42.05 8.46
CA PHE C 994 -24.52 40.85 7.82
C PHE C 994 -24.21 39.61 8.65
N LEU C 995 -23.05 39.57 9.31
CA LEU C 995 -22.70 38.41 10.13
C LEU C 995 -23.69 38.22 11.27
N ARG C 996 -23.91 39.27 12.07
CA ARG C 996 -24.86 39.16 13.17
C ARG C 996 -26.27 38.95 12.67
N LYS C 997 -26.57 39.43 11.46
CA LYS C 997 -27.89 39.19 10.88
C LYS C 997 -28.09 37.73 10.53
N VAL C 998 -27.05 37.06 10.02
CA VAL C 998 -27.21 35.70 9.53
C VAL C 998 -26.68 34.62 10.47
N ASP C 999 -25.88 35.00 11.48
CA ASP C 999 -25.43 34.02 12.46
C ASP C 999 -26.61 33.43 13.21
N GLN C 1000 -26.64 32.11 13.33
CA GLN C 1000 -27.75 31.39 13.92
C GLN C 1000 -27.40 30.66 15.21
N LYS C 1001 -26.26 29.99 15.25
CA LYS C 1001 -25.82 29.12 16.34
C LYS C 1001 -26.74 27.93 16.56
N SER C 1002 -27.76 27.77 15.72
CA SER C 1002 -28.74 26.69 15.86
C SER C 1002 -29.62 26.60 14.62
N THR C 1003 -29.97 25.38 14.21
CA THR C 1003 -30.89 25.15 13.11
C THR C 1003 -31.56 23.80 13.29
N ILE C 1004 -32.86 23.72 12.99
CA ILE C 1004 -33.64 22.49 13.10
C ILE C 1004 -33.78 21.90 11.71
N VAL C 1005 -33.48 20.61 11.57
CA VAL C 1005 -33.52 19.92 10.29
C VAL C 1005 -34.51 18.76 10.41
N TYR C 1006 -35.28 18.54 9.34
CA TYR C 1006 -36.28 17.48 9.31
C TYR C 1006 -35.86 16.42 8.31
N PRO C 1007 -35.20 15.34 8.75
CA PRO C 1007 -34.84 14.27 7.79
C PRO C 1007 -36.02 13.60 7.13
N ASN C 1008 -37.15 13.49 7.84
CA ASN C 1008 -38.32 12.83 7.27
C ASN C 1008 -38.99 13.65 6.19
N LYS C 1009 -38.71 14.96 6.14
CA LYS C 1009 -39.31 15.89 5.16
C LYS C 1009 -40.82 15.80 5.21
N PRO C 1010 -41.47 16.31 6.26
CA PRO C 1010 -42.93 16.24 6.39
C PRO C 1010 -43.65 17.36 5.63
N SER C 1039 -5.85 4.97 9.20
CA SER C 1039 -6.15 4.35 10.48
C SER C 1039 -5.01 3.44 10.92
N LEU C 1040 -3.86 3.57 10.26
CA LEU C 1040 -2.67 2.79 10.59
C LEU C 1040 -1.71 3.55 11.49
N GLU C 1041 -1.49 4.83 11.21
CA GLU C 1041 -0.58 5.63 12.03
C GLU C 1041 -1.08 5.73 13.47
N MET C 1042 -2.39 5.92 13.65
CA MET C 1042 -2.93 6.01 15.00
C MET C 1042 -2.74 4.70 15.77
N GLU C 1043 -3.01 3.57 15.12
CA GLU C 1043 -2.83 2.27 15.78
C GLU C 1043 -1.36 2.04 16.13
N ILE C 1044 -0.45 2.37 15.21
CA ILE C 1044 0.97 2.18 15.47
C ILE C 1044 1.42 3.07 16.63
N LEU C 1045 0.92 4.30 16.68
CA LEU C 1045 1.27 5.22 17.75
C LEU C 1045 0.74 4.73 19.09
N LYS C 1046 -0.48 4.16 19.09
CA LYS C 1046 -1.03 3.59 20.32
C LYS C 1046 -0.17 2.42 20.79
N GLN C 1047 0.26 1.56 19.87
CA GLN C 1047 1.13 0.45 20.25
C GLN C 1047 2.45 0.96 20.81
N LYS C 1048 3.00 2.01 20.20
CA LYS C 1048 4.25 2.58 20.69
C LYS C 1048 4.09 3.16 22.09
N TYR C 1049 2.98 3.85 22.36
CA TYR C 1049 2.73 4.34 23.72
C TYR C 1049 2.55 3.20 24.72
N ARG C 1050 1.87 2.12 24.32
CA ARG C 1050 1.73 0.98 25.21
C ARG C 1050 3.11 0.39 25.54
N LEU C 1051 3.97 0.27 24.53
CA LEU C 1051 5.31 -0.26 24.76
C LEU C 1051 6.14 0.67 25.64
N LYS C 1052 5.99 1.99 25.45
CA LYS C 1052 6.71 2.94 26.30
C LYS C 1052 6.25 2.83 27.76
N ASP C 1053 4.95 2.70 27.98
CA ASP C 1053 4.45 2.49 29.34
C ASP C 1053 4.96 1.19 29.93
N LEU C 1054 5.00 0.13 29.13
CA LEU C 1054 5.56 -1.14 29.60
C LEU C 1054 7.02 -0.96 30.00
N THR C 1055 7.78 -0.22 29.19
CA THR C 1055 9.19 0.02 29.51
C THR C 1055 9.34 0.77 30.82
N PHE C 1056 8.56 1.82 31.02
CA PHE C 1056 8.65 2.61 32.26
C PHE C 1056 8.29 1.75 33.47
N LEU C 1057 7.20 0.98 33.37
CA LEU C 1057 6.82 0.12 34.48
C LEU C 1057 7.87 -0.95 34.73
N LEU C 1058 8.56 -1.42 33.68
CA LEU C 1058 9.60 -2.41 33.88
C LEU C 1058 10.82 -1.82 34.57
N GLU C 1059 11.18 -0.56 34.25
CA GLU C 1059 12.23 0.10 35.01
C GLU C 1059 11.86 0.22 36.48
N LYS C 1060 10.63 0.64 36.78
CA LYS C 1060 10.23 0.77 38.18
C LYS C 1060 10.25 -0.58 38.89
N GLN C 1061 9.77 -1.62 38.22
CA GLN C 1061 9.75 -2.96 38.79
C GLN C 1061 11.16 -3.48 39.04
N HIS C 1062 12.08 -3.24 38.09
CA HIS C 1062 13.46 -3.65 38.27
C HIS C 1062 14.10 -2.93 39.45
N GLU C 1063 13.82 -1.63 39.59
CA GLU C 1063 14.34 -0.90 40.75
C GLU C 1063 13.81 -1.48 42.04
N LEU C 1064 12.52 -1.81 42.08
CA LEU C 1064 11.93 -2.38 43.30
C LEU C 1064 12.57 -3.74 43.63
N ILE C 1065 12.79 -4.57 42.62
CA ILE C 1065 13.41 -5.88 42.88
C ILE C 1065 14.85 -5.72 43.34
N LYS C 1066 15.58 -4.77 42.75
CA LYS C 1066 16.93 -4.50 43.23
C LYS C 1066 16.92 -4.05 44.68
N LEU C 1067 15.93 -3.23 45.05
CA LEU C 1067 15.77 -2.86 46.45
C LEU C 1067 15.48 -4.07 47.34
N ILE C 1068 14.66 -4.99 46.84
CA ILE C 1068 14.34 -6.20 47.61
C ILE C 1068 15.60 -7.00 47.87
N ILE C 1069 16.43 -7.16 46.85
CA ILE C 1069 17.69 -7.89 47.03
C ILE C 1069 18.62 -7.14 47.98
N GLN C 1070 18.62 -5.81 47.90
CA GLN C 1070 19.52 -5.01 48.71
C GLN C 1070 19.13 -5.08 50.19
N LYS C 1071 17.83 -5.09 50.48
CA LYS C 1071 17.38 -4.93 51.86
C LYS C 1071 16.99 -6.24 52.53
N MET C 1072 16.76 -7.31 51.79
CA MET C 1072 16.41 -8.58 52.41
C MET C 1072 17.58 -9.12 53.21
N GLU C 1073 17.28 -9.89 54.25
CA GLU C 1073 18.30 -10.46 55.11
C GLU C 1073 18.36 -11.98 54.93
N ILE C 1074 19.58 -12.50 54.99
CA ILE C 1074 19.83 -13.92 54.79
C ILE C 1074 20.58 -14.45 56.01
N ILE C 1075 20.00 -15.44 56.68
CA ILE C 1075 20.63 -16.05 57.85
C ILE C 1075 21.00 -17.50 57.65
N SER C 1076 20.47 -18.18 56.61
CA SER C 1076 20.75 -19.59 56.38
C SER C 1076 21.90 -19.78 55.39
N GLU C 1077 21.77 -19.21 54.19
CA GLU C 1077 22.79 -19.37 53.15
C GLU C 1077 23.74 -18.18 53.15
N THR C 1078 24.58 -18.13 54.19
CA THR C 1078 25.64 -17.14 54.29
C THR C 1078 26.96 -17.64 53.72
N GLU C 1079 26.97 -18.83 53.12
CA GLU C 1079 28.18 -19.45 52.58
C GLU C 1079 29.28 -19.56 53.63
N LYS D 447 35.81 -14.13 51.74
CA LYS D 447 36.06 -13.97 50.32
C LYS D 447 34.75 -13.88 49.54
N SER D 448 34.07 -15.01 49.40
CA SER D 448 32.80 -15.03 48.68
C SER D 448 31.74 -14.15 49.32
N PRO D 449 31.54 -14.13 50.65
CA PRO D 449 30.52 -13.22 51.20
C PRO D 449 30.78 -11.75 50.88
N LEU D 450 32.04 -11.33 50.88
CA LEU D 450 32.35 -9.93 50.56
C LEU D 450 31.97 -9.63 49.10
N HIS D 451 32.30 -10.55 48.19
CA HIS D 451 31.94 -10.36 46.79
C HIS D 451 30.43 -10.30 46.62
N PHE D 452 29.69 -11.18 47.31
CA PHE D 452 28.24 -11.17 47.22
C PHE D 452 27.65 -9.87 47.75
N ALA D 453 28.15 -9.41 48.90
CA ALA D 453 27.63 -8.19 49.50
C ALA D 453 27.92 -6.97 48.63
N ALA D 454 29.14 -6.89 48.07
CA ALA D 454 29.47 -5.76 47.21
C ALA D 454 28.71 -5.81 45.90
N SER D 455 28.40 -7.03 45.44
CA SER D 455 27.70 -7.17 44.16
C SER D 455 26.29 -6.59 44.22
N TYR D 456 25.58 -6.80 45.33
CA TYR D 456 24.17 -6.44 45.42
C TYR D 456 23.91 -5.32 46.42
N GLY D 457 24.93 -4.51 46.71
CA GLY D 457 24.75 -3.30 47.50
C GLY D 457 24.32 -3.52 48.94
N ARG D 458 24.81 -4.59 49.58
CA ARG D 458 24.54 -4.82 51.00
C ARG D 458 25.61 -4.06 51.78
N ILE D 459 25.35 -2.77 52.01
CA ILE D 459 26.37 -1.89 52.59
C ILE D 459 26.66 -2.27 54.03
N ASN D 460 25.63 -2.67 54.79
CA ASN D 460 25.84 -3.01 56.19
C ASN D 460 26.77 -4.21 56.34
N THR D 461 26.58 -5.24 55.51
CA THR D 461 27.45 -6.41 55.57
C THR D 461 28.88 -6.04 55.21
N CYS D 462 29.07 -5.21 54.18
CA CYS D 462 30.42 -4.80 53.80
C CYS D 462 31.09 -4.01 54.92
N GLN D 463 30.34 -3.10 55.56
CA GLN D 463 30.92 -2.31 56.65
C GLN D 463 31.28 -3.20 57.83
N ARG D 464 30.41 -4.14 58.20
CA ARG D 464 30.68 -5.00 59.34
C ARG D 464 31.71 -6.08 59.04
N LEU D 465 32.01 -6.34 57.77
CA LEU D 465 33.00 -7.34 57.42
C LEU D 465 34.38 -6.73 57.20
N LEU D 466 34.46 -5.55 56.60
CA LEU D 466 35.74 -4.92 56.30
C LEU D 466 36.32 -4.13 57.47
N GLN D 467 35.60 -4.03 58.59
CA GLN D 467 36.08 -3.28 59.74
C GLN D 467 36.93 -4.13 60.68
N ASP D 468 37.14 -5.41 60.37
CA ASP D 468 37.87 -6.29 61.27
C ASP D 468 39.34 -5.90 61.37
N ILE D 469 39.99 -5.71 60.21
CA ILE D 469 41.42 -5.43 60.17
C ILE D 469 41.67 -4.23 59.26
N SER D 470 42.81 -3.58 59.48
CA SER D 470 43.23 -2.43 58.69
C SER D 470 44.37 -2.77 57.72
N ASP D 471 44.71 -4.05 57.58
CA ASP D 471 45.78 -4.44 56.67
C ASP D 471 45.35 -4.42 55.21
N THR D 472 44.04 -4.45 54.94
CA THR D 472 43.49 -4.34 53.59
C THR D 472 44.03 -5.44 52.68
N ARG D 473 43.71 -6.69 53.04
CA ARG D 473 44.08 -7.84 52.24
C ARG D 473 42.90 -8.48 51.52
N LEU D 474 41.69 -7.95 51.70
CA LEU D 474 40.50 -8.53 51.10
C LEU D 474 39.95 -7.73 49.93
N LEU D 475 40.06 -6.40 49.96
CA LEU D 475 39.49 -5.58 48.90
C LEU D 475 40.22 -5.80 47.57
N ASN D 476 41.51 -6.11 47.61
CA ASN D 476 42.32 -6.29 46.41
C ASN D 476 42.43 -7.78 46.12
N GLU D 477 41.40 -8.32 45.48
CA GLU D 477 41.39 -9.72 45.07
C GLU D 477 40.36 -9.90 43.97
N GLY D 478 40.58 -10.93 43.14
CA GLY D 478 39.65 -11.22 42.07
C GLY D 478 39.16 -12.65 42.11
N ASP D 479 37.86 -12.83 42.33
CA ASP D 479 37.24 -14.16 42.37
C ASP D 479 36.77 -14.49 40.97
N LEU D 480 37.64 -15.20 40.22
CA LEU D 480 37.42 -15.59 38.83
C LEU D 480 37.44 -14.37 37.92
N HIS D 481 38.17 -14.48 36.81
CA HIS D 481 38.37 -13.38 35.85
C HIS D 481 39.02 -12.16 36.50
N GLY D 482 39.61 -12.33 37.68
CA GLY D 482 40.27 -11.24 38.37
C GLY D 482 39.37 -10.08 38.72
N MET D 483 38.08 -10.33 38.93
CA MET D 483 37.11 -9.26 39.13
C MET D 483 37.15 -8.80 40.59
N THR D 484 37.57 -7.57 40.81
CA THR D 484 37.57 -6.97 42.14
C THR D 484 36.13 -6.79 42.62
N PRO D 485 35.89 -6.92 43.93
CA PRO D 485 34.54 -6.57 44.42
C PRO D 485 34.13 -5.14 44.11
N LEU D 486 35.09 -4.23 43.99
CA LEU D 486 34.79 -2.90 43.48
C LEU D 486 34.27 -2.96 42.05
N HIS D 487 34.85 -3.87 41.24
CA HIS D 487 34.34 -4.06 39.89
C HIS D 487 32.90 -4.56 39.91
N LEU D 488 32.59 -5.49 40.81
CA LEU D 488 31.21 -5.96 40.94
C LEU D 488 30.26 -4.83 41.33
N ALA D 489 30.69 -4.01 42.31
CA ALA D 489 29.85 -2.91 42.75
C ALA D 489 29.59 -1.91 41.63
N ALA D 490 30.63 -1.60 40.86
CA ALA D 490 30.45 -0.68 39.73
C ALA D 490 29.59 -1.32 38.64
N LYS D 491 29.73 -2.63 38.44
CA LYS D 491 28.95 -3.33 37.42
C LYS D 491 27.47 -3.30 37.76
N ASN D 492 27.11 -3.50 39.03
CA ASN D 492 25.71 -3.48 39.42
C ASN D 492 25.23 -2.10 39.83
N GLY D 493 26.09 -1.08 39.80
CA GLY D 493 25.69 0.28 40.05
C GLY D 493 25.22 0.55 41.46
N HIS D 494 26.10 0.34 42.43
CA HIS D 494 25.81 0.57 43.84
C HIS D 494 26.74 1.67 44.33
N ASP D 495 26.23 2.90 44.42
CA ASP D 495 27.06 4.05 44.72
C ASP D 495 27.62 4.00 46.14
N LYS D 496 26.78 3.65 47.11
CA LYS D 496 27.19 3.74 48.51
C LYS D 496 28.30 2.75 48.84
N VAL D 497 28.19 1.51 48.35
CA VAL D 497 29.24 0.54 48.63
C VAL D 497 30.52 0.91 47.88
N VAL D 498 30.40 1.52 46.71
CA VAL D 498 31.59 2.02 46.00
C VAL D 498 32.28 3.09 46.83
N GLN D 499 31.50 4.02 47.39
CA GLN D 499 32.06 5.05 48.25
C GLN D 499 32.72 4.45 49.48
N LEU D 500 32.08 3.45 50.09
CA LEU D 500 32.64 2.80 51.27
C LEU D 500 33.96 2.12 50.94
N LEU D 501 34.02 1.44 49.80
CA LEU D 501 35.27 0.79 49.40
C LEU D 501 36.36 1.82 49.13
N LEU D 502 36.05 2.85 48.34
CA LEU D 502 37.06 3.84 47.97
C LEU D 502 37.58 4.59 49.20
N LYS D 503 36.69 4.90 50.13
CA LYS D 503 37.11 5.62 51.34
C LYS D 503 38.09 4.79 52.17
N LYS D 504 37.82 3.50 52.32
CA LYS D 504 38.65 2.64 53.18
C LYS D 504 39.72 1.92 52.36
N GLY D 505 40.58 2.71 51.73
CA GLY D 505 41.77 2.19 51.09
C GLY D 505 41.57 1.22 49.94
N ALA D 506 40.69 1.55 49.02
CA ALA D 506 40.56 0.75 47.81
C ALA D 506 41.65 1.12 46.80
N LEU D 507 41.91 0.20 45.88
CA LEU D 507 42.92 0.40 44.85
C LEU D 507 42.32 0.12 43.48
N PHE D 508 42.80 0.84 42.47
CA PHE D 508 42.34 0.68 41.10
C PHE D 508 43.19 -0.37 40.41
N LEU D 509 42.59 -1.52 40.12
CA LEU D 509 43.27 -2.61 39.44
C LEU D 509 42.55 -2.90 38.12
N SER D 510 43.07 -3.87 37.38
CA SER D 510 42.49 -4.30 36.11
C SER D 510 42.22 -5.79 36.17
N ASP D 511 41.00 -6.17 35.80
CA ASP D 511 40.60 -7.57 35.77
C ASP D 511 41.02 -8.21 34.46
N HIS D 512 40.53 -9.42 34.19
CA HIS D 512 40.77 -10.05 32.90
C HIS D 512 40.10 -9.25 31.79
N ASN D 513 40.70 -9.30 30.60
CA ASN D 513 40.35 -8.49 29.44
C ASN D 513 40.65 -7.01 29.65
N GLY D 514 41.36 -6.66 30.71
CA GLY D 514 41.83 -5.30 30.91
C GLY D 514 40.79 -4.30 31.37
N TRP D 515 39.59 -4.75 31.73
CA TRP D 515 38.54 -3.83 32.14
C TRP D 515 38.85 -3.25 33.52
N THR D 516 37.98 -2.36 33.98
CA THR D 516 38.11 -1.75 35.29
C THR D 516 36.72 -1.40 35.80
N ALA D 517 36.67 -0.70 36.94
CA ALA D 517 35.39 -0.28 37.50
C ALA D 517 34.69 0.72 36.59
N LEU D 518 35.46 1.64 36.00
CA LEU D 518 34.86 2.65 35.12
C LEU D 518 34.26 1.99 33.88
N HIS D 519 34.90 0.94 33.36
CA HIS D 519 34.36 0.23 32.20
C HIS D 519 33.02 -0.40 32.53
N HIS D 520 32.91 -1.04 33.71
CA HIS D 520 31.65 -1.64 34.11
C HIS D 520 30.57 -0.59 34.35
N ALA D 521 30.95 0.54 34.95
CA ALA D 521 29.99 1.62 35.14
C ALA D 521 29.51 2.16 33.80
N SER D 522 30.40 2.25 32.81
CA SER D 522 29.99 2.67 31.48
C SER D 522 29.04 1.66 30.84
N MET D 523 29.35 0.37 31.00
CA MET D 523 28.47 -0.66 30.44
C MET D 523 27.09 -0.63 31.07
N GLY D 524 27.01 -0.44 32.39
CA GLY D 524 25.72 -0.35 33.05
C GLY D 524 25.06 1.01 32.96
N GLY D 525 25.79 2.05 32.58
CA GLY D 525 25.21 3.38 32.47
C GLY D 525 24.79 3.99 33.78
N TYR D 526 25.53 3.72 34.85
CA TYR D 526 25.21 4.28 36.18
C TYR D 526 25.98 5.58 36.34
N THR D 527 25.31 6.70 36.04
CA THR D 527 25.99 8.00 36.05
C THR D 527 26.44 8.39 37.45
N GLN D 528 25.66 8.02 38.47
CA GLN D 528 26.03 8.37 39.84
C GLN D 528 27.33 7.69 40.25
N THR D 529 27.49 6.42 39.89
CA THR D 529 28.75 5.72 40.18
C THR D 529 29.91 6.37 39.46
N MET D 530 29.70 6.78 38.20
CA MET D 530 30.74 7.48 37.46
C MET D 530 31.14 8.78 38.17
N LYS D 531 30.15 9.57 38.58
CA LYS D 531 30.47 10.86 39.18
C LYS D 531 31.12 10.68 40.54
N VAL D 532 30.84 9.56 41.21
CA VAL D 532 31.47 9.31 42.51
C VAL D 532 32.87 8.74 42.37
N ILE D 533 33.13 7.97 41.32
CA ILE D 533 34.44 7.33 41.16
C ILE D 533 35.41 8.20 40.37
N LEU D 534 34.92 9.20 39.65
CA LEU D 534 35.78 10.00 38.79
C LEU D 534 36.61 11.03 39.54
N ASP D 535 36.14 11.51 40.70
CA ASP D 535 36.79 12.61 41.41
C ASP D 535 37.64 12.13 42.58
N THR D 536 38.29 10.98 42.45
CA THR D 536 39.18 10.49 43.50
C THR D 536 40.65 10.52 43.11
N ASN D 537 40.98 10.23 41.85
CA ASN D 537 42.37 10.24 41.41
C ASN D 537 42.54 11.00 40.09
N LEU D 538 41.47 11.06 39.30
CA LEU D 538 41.51 11.62 37.94
C LEU D 538 42.58 10.95 37.09
N LYS D 539 42.75 9.64 37.27
CA LYS D 539 43.72 8.86 36.50
C LYS D 539 43.15 7.65 35.82
N CYS D 540 41.94 7.22 36.15
CA CYS D 540 41.29 6.09 35.51
C CYS D 540 40.39 6.49 34.35
N THR D 541 40.34 7.78 34.02
CA THR D 541 39.48 8.23 32.92
C THR D 541 39.91 7.62 31.60
N ASP D 542 41.21 7.61 31.33
CA ASP D 542 41.75 7.12 30.06
C ASP D 542 42.57 5.86 30.35
N ARG D 543 41.90 4.72 30.35
CA ARG D 543 42.52 3.42 30.53
C ARG D 543 42.11 2.52 29.37
N LEU D 544 43.05 1.73 28.87
CA LEU D 544 42.82 0.84 27.74
C LEU D 544 42.70 -0.60 28.23
N ASP D 545 41.65 -1.28 27.78
CA ASP D 545 41.45 -2.69 28.10
C ASP D 545 42.32 -3.53 27.17
N GLU D 546 42.10 -4.85 27.18
CA GLU D 546 42.88 -5.73 26.30
C GLU D 546 42.58 -5.47 24.83
N ASP D 547 41.45 -4.85 24.52
CA ASP D 547 41.11 -4.50 23.14
C ASP D 547 41.34 -3.02 22.84
N GLY D 548 41.68 -2.21 23.83
CA GLY D 548 41.94 -0.80 23.64
C GLY D 548 40.75 0.10 23.84
N ASN D 549 39.55 -0.45 24.05
CA ASN D 549 38.38 0.38 24.29
C ASN D 549 38.46 1.05 25.66
N THR D 550 37.96 2.28 25.73
CA THR D 550 37.91 3.05 26.96
C THR D 550 36.51 3.03 27.53
N ALA D 551 36.31 3.82 28.59
CA ALA D 551 34.98 3.97 29.16
C ALA D 551 34.03 4.67 28.20
N LEU D 552 34.54 5.65 27.45
CA LEU D 552 33.70 6.38 26.51
C LEU D 552 33.15 5.46 25.42
N HIS D 553 33.97 4.52 24.94
CA HIS D 553 33.50 3.61 23.90
C HIS D 553 32.32 2.78 24.38
N PHE D 554 32.43 2.19 25.57
CA PHE D 554 31.34 1.39 26.11
C PHE D 554 30.11 2.26 26.38
N ALA D 555 30.32 3.45 26.95
CA ALA D 555 29.18 4.32 27.26
C ALA D 555 28.43 4.72 25.99
N ALA D 556 29.17 5.03 24.92
CA ALA D 556 28.51 5.40 23.66
C ALA D 556 27.86 4.19 22.99
N ARG D 557 28.49 3.01 23.07
CA ARG D 557 27.94 1.84 22.42
C ARG D 557 26.67 1.34 23.09
N GLU D 558 26.60 1.40 24.43
CA GLU D 558 25.42 0.90 25.13
C GLU D 558 24.23 1.85 25.06
N GLY D 559 24.42 3.07 24.57
CA GLY D 559 23.31 3.98 24.41
C GLY D 559 23.05 4.91 25.58
N HIS D 560 23.99 5.04 26.50
CA HIS D 560 23.81 5.89 27.68
C HIS D 560 24.27 7.30 27.34
N ALA D 561 23.33 8.12 26.88
CA ALA D 561 23.67 9.48 26.46
C ALA D 561 24.10 10.34 27.65
N LYS D 562 23.40 10.22 28.78
CA LYS D 562 23.73 11.04 29.94
C LYS D 562 25.10 10.68 30.50
N ALA D 563 25.43 9.38 30.54
CA ALA D 563 26.76 8.97 30.96
C ALA D 563 27.82 9.49 29.99
N VAL D 564 27.52 9.48 28.69
CA VAL D 564 28.45 10.00 27.71
C VAL D 564 28.69 11.49 27.93
N ALA D 565 27.63 12.25 28.20
CA ALA D 565 27.78 13.67 28.48
C ALA D 565 28.60 13.91 29.74
N LEU D 566 28.34 13.13 30.79
CA LEU D 566 29.09 13.28 32.03
C LEU D 566 30.57 12.98 31.82
N LEU D 567 30.88 11.93 31.04
CA LEU D 567 32.26 11.61 30.75
C LEU D 567 32.94 12.71 29.93
N LEU D 568 32.26 13.17 28.87
CA LEU D 568 32.85 14.19 28.00
C LEU D 568 33.09 15.49 28.74
N SER D 569 32.15 15.89 29.60
CA SER D 569 32.34 17.11 30.37
C SER D 569 33.54 17.01 31.31
N HIS D 570 33.82 15.81 31.80
CA HIS D 570 34.94 15.63 32.73
C HIS D 570 36.22 15.29 31.99
N ASN D 571 36.55 16.09 30.97
CA ASN D 571 37.82 16.03 30.24
C ASN D 571 38.15 14.60 29.79
N ALA D 572 37.18 13.96 29.16
CA ALA D 572 37.40 12.64 28.59
C ALA D 572 38.35 12.74 27.41
N ASP D 573 39.14 11.68 27.22
CA ASP D 573 40.14 11.62 26.16
C ASP D 573 39.65 10.68 25.07
N ILE D 574 39.70 11.14 23.82
CA ILE D 574 39.26 10.35 22.68
C ILE D 574 40.45 9.62 22.09
N VAL D 575 40.40 8.29 22.09
CA VAL D 575 41.46 7.45 21.57
C VAL D 575 40.84 6.42 20.63
N LEU D 576 41.43 6.28 19.45
CA LEU D 576 40.95 5.28 18.51
C LEU D 576 41.17 3.87 19.05
N ASN D 577 40.20 3.00 18.79
CA ASN D 577 40.28 1.61 19.20
C ASN D 577 41.35 0.90 18.37
N LYS D 578 41.82 -0.25 18.87
CA LYS D 578 42.75 -1.07 18.11
C LYS D 578 42.18 -1.48 16.76
N GLN D 579 40.87 -1.58 16.64
CA GLN D 579 40.18 -1.78 15.38
C GLN D 579 40.12 -0.49 14.56
N GLN D 580 40.41 0.64 15.20
CA GLN D 580 40.25 1.99 14.62
C GLN D 580 38.76 2.33 14.50
N ALA D 581 38.03 2.11 15.58
CA ALA D 581 36.61 2.46 15.69
C ALA D 581 36.45 3.37 16.91
N SER D 582 36.23 4.65 16.67
CA SER D 582 36.06 5.60 17.75
C SER D 582 34.71 5.41 18.44
N PHE D 583 34.53 6.12 19.55
CA PHE D 583 33.28 6.00 20.30
C PHE D 583 32.10 6.54 19.51
N LEU D 584 32.29 7.62 18.75
CA LEU D 584 31.24 8.12 17.89
C LEU D 584 30.89 7.10 16.82
N HIS D 585 31.90 6.43 16.26
CA HIS D 585 31.64 5.40 15.26
C HIS D 585 30.85 4.25 15.86
N LEU D 586 31.18 3.83 17.08
CA LEU D 586 30.42 2.77 17.74
C LEU D 586 28.99 3.19 18.00
N ALA D 587 28.79 4.45 18.40
CA ALA D 587 27.43 4.94 18.60
C ALA D 587 26.64 4.94 17.30
N LEU D 588 27.29 5.35 16.20
CA LEU D 588 26.60 5.38 14.90
C LEU D 588 26.28 3.97 14.40
N HIS D 589 27.20 3.03 14.55
CA HIS D 589 26.97 1.67 14.05
C HIS D 589 25.86 0.95 14.82
N ASN D 590 25.63 1.32 16.07
CA ASN D 590 24.56 0.72 16.87
C ASN D 590 23.27 1.52 16.79
N LYS D 591 23.28 2.62 16.05
CA LYS D 591 22.10 3.44 15.80
C LYS D 591 21.49 3.96 17.11
N ARG D 592 22.29 4.76 17.82
CA ARG D 592 21.86 5.43 19.04
C ARG D 592 21.69 6.91 18.74
N LYS D 593 20.45 7.34 18.57
CA LYS D 593 20.15 8.71 18.16
C LYS D 593 20.46 9.72 19.26
N GLU D 594 20.03 9.44 20.49
CA GLU D 594 20.22 10.42 21.57
C GLU D 594 21.69 10.55 21.95
N VAL D 595 22.46 9.46 21.86
CA VAL D 595 23.90 9.55 22.13
C VAL D 595 24.58 10.44 21.09
N VAL D 596 24.23 10.26 19.81
CA VAL D 596 24.81 11.07 18.76
C VAL D 596 24.41 12.53 18.93
N LEU D 597 23.16 12.78 19.28
CA LEU D 597 22.71 14.16 19.50
C LEU D 597 23.47 14.80 20.66
N THR D 598 23.66 14.06 21.75
CA THR D 598 24.41 14.59 22.88
C THR D 598 25.86 14.86 22.50
N ILE D 599 26.45 13.97 21.69
CA ILE D 599 27.82 14.18 21.22
C ILE D 599 27.91 15.45 20.38
N ILE D 600 26.93 15.66 19.49
CA ILE D 600 26.92 16.84 18.64
C ILE D 600 26.78 18.11 19.48
N ARG D 601 25.86 18.10 20.45
CA ARG D 601 25.66 19.25 21.31
C ARG D 601 26.82 19.49 22.26
N SER D 602 27.75 18.54 22.39
CA SER D 602 28.90 18.72 23.27
C SER D 602 29.82 19.81 22.72
N LYS D 603 30.54 20.47 23.65
CA LYS D 603 31.47 21.52 23.26
C LYS D 603 32.66 20.98 22.47
N ARG D 604 32.91 19.68 22.51
CA ARG D 604 34.02 19.06 21.82
C ARG D 604 33.59 18.30 20.57
N TRP D 605 32.51 18.74 19.93
CA TRP D 605 32.01 18.03 18.76
C TRP D 605 33.02 18.05 17.61
N ASP D 606 33.64 19.21 17.37
CA ASP D 606 34.60 19.32 16.28
C ASP D 606 35.80 18.40 16.52
N GLU D 607 36.33 18.37 17.75
CA GLU D 607 37.43 17.48 18.06
C GLU D 607 37.06 16.03 17.80
N CYS D 608 35.92 15.58 18.34
CA CYS D 608 35.48 14.21 18.12
C CYS D 608 35.28 13.91 16.63
N LEU D 609 34.94 14.94 15.85
CA LEU D 609 34.83 14.74 14.40
C LEU D 609 36.21 14.59 13.76
N LYS D 610 37.23 15.26 14.31
CA LYS D 610 38.54 15.25 13.67
C LYS D 610 39.17 13.86 13.64
N ILE D 611 39.16 13.15 14.77
CA ILE D 611 39.84 11.86 14.86
C ILE D 611 38.96 10.79 14.22
N PHE D 612 39.44 10.21 13.12
CA PHE D 612 38.84 9.03 12.52
C PHE D 612 39.86 8.41 11.58
N SER D 613 39.65 7.15 11.26
CA SER D 613 40.58 6.41 10.41
C SER D 613 40.44 6.86 8.96
N HIS D 614 41.56 7.18 8.32
CA HIS D 614 41.57 7.61 6.92
C HIS D 614 41.84 6.48 5.94
N ASN D 615 42.19 5.29 6.42
CA ASN D 615 42.55 4.18 5.54
C ASN D 615 41.92 2.85 5.90
N SER D 616 41.20 2.75 7.02
CA SER D 616 40.61 1.48 7.41
C SER D 616 39.55 1.04 6.41
N PRO D 617 39.43 -0.25 6.13
CA PRO D 617 38.39 -0.70 5.19
C PRO D 617 36.99 -0.31 5.62
N GLY D 618 36.72 -0.36 6.92
CA GLY D 618 35.48 0.16 7.48
C GLY D 618 35.74 1.38 8.33
N ASN D 619 34.72 1.76 9.09
CA ASN D 619 34.80 2.86 10.07
C ASN D 619 35.21 4.16 9.38
N LYS D 620 34.36 4.60 8.46
CA LYS D 620 34.67 5.72 7.58
C LYS D 620 34.46 7.05 8.32
N CYS D 621 34.45 8.14 7.56
CA CYS D 621 34.28 9.46 8.15
C CYS D 621 32.94 9.54 8.89
N PRO D 622 32.88 10.22 10.03
CA PRO D 622 31.63 10.26 10.81
C PRO D 622 30.43 10.79 10.04
N ILE D 623 30.63 11.78 9.18
CA ILE D 623 29.51 12.37 8.44
C ILE D 623 28.87 11.33 7.53
N THR D 624 29.70 10.57 6.81
CA THR D 624 29.19 9.49 5.97
C THR D 624 28.48 8.44 6.82
N GLU D 625 29.00 8.13 8.00
CA GLU D 625 28.38 7.14 8.86
C GLU D 625 27.00 7.59 9.32
N MET D 626 26.84 8.84 9.71
CA MET D 626 25.53 9.29 10.14
C MET D 626 24.58 9.45 8.96
N ILE D 627 25.10 9.78 7.78
CA ILE D 627 24.25 9.80 6.58
C ILE D 627 23.71 8.40 6.30
N GLU D 628 24.57 7.38 6.42
CA GLU D 628 24.15 6.02 6.13
C GLU D 628 23.21 5.48 7.19
N TYR D 629 23.48 5.76 8.47
CA TYR D 629 22.81 5.05 9.56
C TYR D 629 21.67 5.86 10.17
N LEU D 630 21.94 7.08 10.60
CA LEU D 630 20.92 7.91 11.27
C LEU D 630 20.67 9.19 10.49
N PRO D 631 19.73 9.20 9.54
CA PRO D 631 19.45 10.44 8.82
C PRO D 631 18.93 11.56 9.69
N GLU D 632 18.17 11.23 10.76
CA GLU D 632 17.63 12.25 11.64
C GLU D 632 18.71 13.02 12.38
N CYS D 633 19.76 12.33 12.84
CA CYS D 633 20.86 13.00 13.50
C CYS D 633 21.55 13.98 12.56
N MET D 634 21.73 13.56 11.30
CA MET D 634 22.33 14.46 10.31
C MET D 634 21.41 15.64 10.00
N LYS D 635 20.11 15.41 9.97
CA LYS D 635 19.17 16.51 9.78
C LYS D 635 19.27 17.52 10.92
N VAL D 636 19.35 17.04 12.15
CA VAL D 636 19.52 17.92 13.30
C VAL D 636 20.84 18.68 13.21
N LEU D 637 21.90 17.99 12.79
CA LEU D 637 23.20 18.64 12.66
C LEU D 637 23.16 19.73 11.59
N LEU D 638 22.49 19.47 10.47
CA LEU D 638 22.36 20.48 9.42
C LEU D 638 21.52 21.65 9.88
N ASP D 639 20.44 21.40 10.63
CA ASP D 639 19.67 22.50 11.21
C ASP D 639 20.51 23.31 12.19
N PHE D 640 21.45 22.66 12.88
CA PHE D 640 22.43 23.40 13.66
C PHE D 640 23.34 24.23 12.76
N CYS D 641 23.61 23.73 11.55
CA CYS D 641 24.40 24.45 10.56
C CYS D 641 23.54 25.39 9.71
N MET D 642 22.23 25.42 9.94
CA MET D 642 21.35 26.31 9.19
C MET D 642 21.74 27.76 9.38
N LEU D 643 22.01 28.16 10.62
CA LEU D 643 22.40 29.53 10.99
C LEU D 643 21.32 30.52 10.53
N HIS D 644 20.14 30.35 11.14
CA HIS D 644 19.01 31.26 10.91
C HIS D 644 19.10 32.38 11.94
N SER D 645 19.57 33.54 11.51
CA SER D 645 19.74 34.70 12.39
C SER D 645 18.81 35.83 11.95
N THR D 646 18.83 36.91 12.75
CA THR D 646 18.00 38.09 12.51
C THR D 646 16.53 37.74 12.44
N GLU D 647 16.07 36.93 13.41
CA GLU D 647 14.67 36.50 13.47
C GLU D 647 13.84 37.58 14.18
N ASP D 648 13.80 38.76 13.55
CA ASP D 648 13.04 39.91 14.06
C ASP D 648 12.12 40.40 12.93
N LYS D 649 10.93 39.81 12.85
CA LYS D 649 9.90 40.17 11.89
C LYS D 649 10.34 39.94 10.44
N SER D 650 9.39 39.97 9.52
CA SER D 650 9.69 39.82 8.10
C SER D 650 9.72 41.21 7.44
N CYS D 651 10.70 42.01 7.88
CA CYS D 651 10.85 43.38 7.44
C CYS D 651 12.13 43.56 6.62
N ARG D 652 12.45 42.59 5.78
CA ARG D 652 13.62 42.62 4.91
C ARG D 652 14.91 42.81 5.71
N ASP D 653 14.95 42.22 6.90
CA ASP D 653 16.13 42.28 7.76
C ASP D 653 16.84 40.95 7.87
N TYR D 654 16.47 39.97 7.04
CA TYR D 654 17.09 38.65 7.09
C TYR D 654 18.47 38.69 6.45
N TYR D 655 19.45 38.09 7.12
CA TYR D 655 20.77 37.92 6.56
C TYR D 655 21.21 36.46 6.75
N ILE D 656 20.25 35.54 6.56
CA ILE D 656 20.49 34.13 6.81
C ILE D 656 21.69 33.64 6.01
N GLU D 657 22.56 32.90 6.67
CA GLU D 657 23.84 32.47 6.11
C GLU D 657 23.91 30.96 6.10
N TYR D 658 24.44 30.40 5.02
CA TYR D 658 24.58 28.96 4.87
C TYR D 658 26.04 28.57 5.03
N ASN D 659 26.31 27.57 5.87
CA ASN D 659 27.65 27.07 6.06
C ASN D 659 27.79 25.67 5.47
N PHE D 660 28.94 25.40 4.87
CA PHE D 660 29.15 24.18 4.10
C PHE D 660 30.31 23.36 4.67
N LYS D 661 30.61 23.54 5.95
CA LYS D 661 31.74 22.82 6.54
C LYS D 661 31.48 21.32 6.63
N TYR D 662 30.27 20.92 7.01
CA TYR D 662 29.96 19.52 7.21
C TYR D 662 29.68 18.77 5.93
N LEU D 663 29.47 19.46 4.81
CA LEU D 663 29.25 18.82 3.53
C LEU D 663 30.54 18.46 2.82
N GLN D 664 31.69 18.85 3.37
CA GLN D 664 32.99 18.54 2.80
C GLN D 664 33.71 17.62 3.78
N CYS D 665 34.31 16.54 3.26
CA CYS D 665 34.96 15.57 4.11
C CYS D 665 36.11 16.22 4.88
N PRO D 666 36.18 16.06 6.20
CA PRO D 666 37.16 16.81 7.00
C PRO D 666 38.54 16.18 7.13
N LEU D 667 38.79 15.04 6.48
CA LEU D 667 40.12 14.43 6.58
C LEU D 667 41.19 15.33 5.97
N GLU D 668 40.91 15.92 4.81
CA GLU D 668 41.87 16.79 4.13
C GLU D 668 41.14 17.81 3.26
N VAL D 678 45.17 8.32 -0.97
CA VAL D 678 43.95 8.05 -1.71
C VAL D 678 43.69 9.18 -2.70
N ILE D 679 42.42 9.34 -3.09
CA ILE D 679 42.02 10.36 -4.05
C ILE D 679 41.04 11.32 -3.36
N TYR D 680 40.83 12.47 -3.98
CA TYR D 680 39.93 13.50 -3.48
C TYR D 680 38.58 13.34 -4.16
N GLU D 681 37.62 12.81 -3.44
CA GLU D 681 36.27 12.67 -3.98
C GLU D 681 35.59 14.03 -4.02
N PRO D 682 34.95 14.41 -5.14
CA PRO D 682 34.40 15.77 -5.26
C PRO D 682 33.35 16.11 -4.21
N LEU D 683 32.26 15.33 -4.15
CA LEU D 683 31.15 15.59 -3.23
C LEU D 683 30.89 14.32 -2.44
N THR D 684 31.60 14.16 -1.32
CA THR D 684 31.44 12.97 -0.49
C THR D 684 30.07 12.91 0.16
N ALA D 685 29.65 14.02 0.77
CA ALA D 685 28.38 14.03 1.48
C ALA D 685 27.20 13.82 0.54
N LEU D 686 27.20 14.51 -0.61
CA LEU D 686 26.09 14.37 -1.55
C LEU D 686 26.04 12.98 -2.15
N ASN D 687 27.20 12.41 -2.46
CA ASN D 687 27.23 11.04 -2.97
C ASN D 687 26.72 10.06 -1.93
N ALA D 688 27.09 10.25 -0.66
CA ALA D 688 26.58 9.39 0.39
C ALA D 688 25.07 9.51 0.54
N MET D 689 24.55 10.74 0.45
CA MET D 689 23.11 10.94 0.56
C MET D 689 22.35 10.29 -0.59
N VAL D 690 22.85 10.44 -1.82
CA VAL D 690 22.16 9.90 -2.97
C VAL D 690 22.28 8.38 -3.00
N GLN D 691 23.40 7.83 -2.53
CA GLN D 691 23.57 6.38 -2.56
C GLN D 691 22.61 5.69 -1.60
N ASN D 692 22.35 6.28 -0.44
CA ASN D 692 21.48 5.69 0.56
C ASN D 692 20.04 6.17 0.46
N ASN D 693 19.66 6.79 -0.67
CA ASN D 693 18.29 7.24 -0.92
C ASN D 693 17.80 8.18 0.19
N ARG D 694 18.67 9.10 0.62
CA ARG D 694 18.33 10.09 1.64
C ARG D 694 17.60 11.26 0.97
N ILE D 695 16.38 10.98 0.50
CA ILE D 695 15.62 11.99 -0.20
C ILE D 695 15.18 13.10 0.76
N GLU D 696 14.83 12.73 2.00
CA GLU D 696 14.48 13.74 3.00
C GLU D 696 15.70 14.57 3.38
N LEU D 697 16.87 13.94 3.44
CA LEU D 697 18.09 14.67 3.76
C LEU D 697 18.57 15.51 2.57
N LEU D 698 18.42 14.99 1.36
CA LEU D 698 18.84 15.72 0.17
C LEU D 698 17.98 16.95 -0.09
N ASN D 699 16.74 16.95 0.42
CA ASN D 699 15.83 18.06 0.21
C ASN D 699 16.00 19.17 1.24
N HIS D 700 16.96 19.03 2.15
CA HIS D 700 17.18 20.06 3.17
C HIS D 700 17.65 21.35 2.50
N PRO D 701 17.29 22.52 3.05
CA PRO D 701 17.74 23.78 2.43
C PRO D 701 19.25 23.91 2.30
N VAL D 702 20.02 23.36 3.24
CA VAL D 702 21.47 23.46 3.17
C VAL D 702 22.00 22.72 1.93
N CYS D 703 21.53 21.49 1.73
CA CYS D 703 21.96 20.71 0.57
C CYS D 703 21.50 21.34 -0.73
N LYS D 704 20.25 21.83 -0.76
CA LYS D 704 19.73 22.49 -1.96
C LYS D 704 20.55 23.72 -2.30
N GLU D 705 20.90 24.51 -1.30
CA GLU D 705 21.68 25.72 -1.54
C GLU D 705 23.12 25.38 -1.92
N TYR D 706 23.67 24.30 -1.37
CA TYR D 706 24.99 23.85 -1.79
C TYR D 706 24.99 23.49 -3.27
N LEU D 707 23.96 22.74 -3.70
CA LEU D 707 23.86 22.39 -5.12
C LEU D 707 23.69 23.63 -5.99
N LEU D 708 22.87 24.58 -5.52
CA LEU D 708 22.66 25.82 -6.28
C LEU D 708 23.95 26.63 -6.40
N MET D 709 24.72 26.71 -5.31
CA MET D 709 25.99 27.43 -5.33
C MET D 709 26.98 26.77 -6.27
N LYS D 710 27.06 25.44 -6.25
CA LYS D 710 27.93 24.74 -7.19
C LYS D 710 27.49 24.98 -8.63
N TRP D 711 26.18 24.98 -8.86
CA TRP D 711 25.62 25.33 -10.16
C TRP D 711 26.16 26.68 -10.62
N LEU D 712 25.84 27.75 -9.89
CA LEU D 712 26.28 29.09 -10.29
C LEU D 712 27.80 29.23 -10.32
N ALA D 713 28.52 28.36 -9.61
CA ALA D 713 29.98 28.42 -9.64
C ALA D 713 30.52 27.92 -10.97
N TYR D 714 30.23 26.67 -11.32
CA TYR D 714 30.79 26.09 -12.54
C TYR D 714 29.81 25.33 -13.41
N GLY D 715 28.70 24.84 -12.86
CA GLY D 715 27.83 23.97 -13.63
C GLY D 715 27.14 24.70 -14.77
N PHE D 716 26.64 25.92 -14.50
CA PHE D 716 26.00 26.70 -15.55
C PHE D 716 27.00 27.06 -16.64
N ARG D 717 28.25 27.40 -16.24
CA ARG D 717 29.27 27.73 -17.23
C ARG D 717 29.56 26.54 -18.13
N ALA D 718 29.76 25.36 -17.55
CA ALA D 718 30.04 24.18 -18.36
C ALA D 718 28.84 23.81 -19.23
N HIS D 719 27.63 23.91 -18.69
CA HIS D 719 26.42 23.60 -19.44
C HIS D 719 26.27 24.54 -20.65
N MET D 720 26.50 25.84 -20.43
CA MET D 720 26.42 26.81 -21.51
C MET D 720 27.51 26.56 -22.55
N MET D 721 28.71 26.20 -22.11
CA MET D 721 29.78 25.90 -23.06
C MET D 721 29.41 24.71 -23.94
N ASN D 722 28.89 23.64 -23.33
CA ASN D 722 28.50 22.46 -24.10
C ASN D 722 27.38 22.78 -25.08
N LEU D 723 26.34 23.49 -24.60
CA LEU D 723 25.23 23.82 -25.49
C LEU D 723 25.65 24.76 -26.60
N GLY D 724 26.54 25.71 -26.34
CA GLY D 724 27.04 26.57 -27.40
C GLY D 724 27.86 25.80 -28.42
N SER D 725 28.70 24.87 -27.95
CA SER D 725 29.48 24.06 -28.86
C SER D 725 28.59 23.23 -29.77
N TYR D 726 27.49 22.68 -29.23
CA TYR D 726 26.58 21.92 -30.07
C TYR D 726 25.75 22.83 -30.98
N CYS D 727 25.30 23.97 -30.46
CA CYS D 727 24.46 24.87 -31.25
C CYS D 727 25.22 25.49 -32.41
N LEU D 728 26.54 25.64 -32.27
CA LEU D 728 27.34 26.21 -33.36
C LEU D 728 27.22 25.39 -34.64
N GLY D 729 26.83 24.12 -34.55
CA GLY D 729 26.56 23.33 -35.72
C GLY D 729 25.08 23.02 -35.89
N LEU D 730 24.33 23.05 -34.79
CA LEU D 730 22.90 22.75 -34.87
C LEU D 730 22.13 23.87 -35.55
N ILE D 731 22.46 25.13 -35.23
CA ILE D 731 21.69 26.28 -35.70
C ILE D 731 21.98 26.57 -37.17
N PRO D 732 23.25 26.72 -37.59
CA PRO D 732 23.50 27.03 -39.01
C PRO D 732 22.93 26.00 -39.96
N MET D 733 22.87 24.73 -39.56
CA MET D 733 22.18 23.74 -40.38
C MET D 733 20.70 24.07 -40.52
N THR D 734 20.07 24.55 -39.45
CA THR D 734 18.66 24.92 -39.51
C THR D 734 18.44 26.10 -40.46
N ILE D 735 19.30 27.12 -40.38
CA ILE D 735 19.19 28.22 -41.35
C ILE D 735 19.42 27.72 -42.77
N LEU D 736 20.38 26.83 -42.97
CA LEU D 736 20.64 26.30 -44.31
C LEU D 736 19.43 25.56 -44.85
N VAL D 737 18.76 24.78 -44.00
CA VAL D 737 17.59 24.02 -44.45
C VAL D 737 16.43 24.96 -44.74
N VAL D 738 16.18 25.92 -43.83
CA VAL D 738 15.00 26.77 -43.97
C VAL D 738 15.13 27.72 -45.15
N ASN D 739 16.33 28.29 -45.35
CA ASN D 739 16.51 29.33 -46.34
C ASN D 739 16.80 28.80 -47.75
N ILE D 740 16.94 27.49 -47.92
CA ILE D 740 17.20 26.88 -49.20
C ILE D 740 16.09 25.88 -49.50
N LYS D 741 15.53 25.96 -50.70
CA LYS D 741 14.49 25.02 -51.09
C LYS D 741 15.09 23.62 -51.25
N PRO D 742 14.52 22.62 -50.59
CA PRO D 742 15.10 21.27 -50.66
C PRO D 742 15.12 20.72 -52.08
N GLY D 743 16.10 19.86 -52.34
CA GLY D 743 16.27 19.29 -53.66
C GLY D 743 16.99 20.19 -54.65
N MET D 744 17.60 21.26 -54.19
CA MET D 744 18.23 22.26 -55.04
C MET D 744 19.68 22.43 -54.64
N ALA D 745 20.59 22.33 -55.61
CA ALA D 745 22.01 22.38 -55.34
C ALA D 745 22.47 23.79 -54.97
N PHE D 746 23.48 23.87 -54.11
CA PHE D 746 24.01 25.15 -53.67
C PHE D 746 25.46 24.98 -53.25
N ASN D 747 26.20 26.09 -53.30
CA ASN D 747 27.60 26.10 -52.89
C ASN D 747 27.89 27.46 -52.24
N SER D 748 29.18 27.76 -52.08
CA SER D 748 29.57 28.99 -51.39
C SER D 748 29.09 30.23 -52.13
N THR D 749 29.21 30.25 -53.47
CA THR D 749 28.77 31.39 -54.23
C THR D 749 27.27 31.62 -54.09
N GLY D 750 26.49 30.55 -54.10
CA GLY D 750 25.06 30.66 -53.95
C GLY D 750 24.30 29.50 -54.59
N ILE D 751 23.02 29.73 -54.90
CA ILE D 751 22.22 28.72 -55.57
C ILE D 751 22.72 28.54 -56.99
N ILE D 752 22.98 27.30 -57.39
CA ILE D 752 23.49 27.00 -58.71
C ILE D 752 22.48 26.28 -59.60
N ASN D 753 21.35 25.85 -59.08
CA ASN D 753 20.36 25.14 -59.88
C ASN D 753 19.32 26.10 -60.43
N ILE D 761 21.35 30.11 -63.84
CA ILE D 761 21.07 31.30 -63.05
C ILE D 761 21.51 31.10 -61.61
N LEU D 762 22.21 32.10 -61.07
CA LEU D 762 22.69 32.07 -59.71
C LEU D 762 21.97 33.14 -58.89
N ASP D 763 21.51 32.77 -57.69
CA ASP D 763 20.75 33.69 -56.86
C ASP D 763 21.64 34.82 -56.35
N THR D 764 22.68 34.47 -55.58
CA THR D 764 23.62 35.46 -55.02
C THR D 764 22.89 36.52 -54.19
N THR D 765 21.86 36.09 -53.46
CA THR D 765 21.10 36.97 -52.58
C THR D 765 21.41 36.72 -51.10
N ASN D 766 21.49 35.46 -50.70
CA ASN D 766 21.86 35.08 -49.34
C ASN D 766 23.24 34.42 -49.33
N SER D 767 24.12 34.87 -50.24
CA SER D 767 25.41 34.21 -50.42
C SER D 767 26.26 34.28 -49.17
N TYR D 768 26.33 35.45 -48.53
CA TYR D 768 27.13 35.58 -47.32
C TYR D 768 26.59 34.69 -46.20
N LEU D 769 25.27 34.68 -46.02
CA LEU D 769 24.67 33.85 -44.98
C LEU D 769 24.92 32.37 -45.25
N ILE D 770 24.76 31.94 -46.51
CA ILE D 770 24.99 30.54 -46.85
C ILE D 770 26.44 30.15 -46.60
N LYS D 771 27.38 30.99 -47.03
CA LYS D 771 28.79 30.68 -46.84
C LYS D 771 29.14 30.61 -45.36
N THR D 772 28.65 31.57 -44.57
CA THR D 772 28.90 31.55 -43.13
C THR D 772 28.32 30.31 -42.48
N CYS D 773 27.10 29.94 -42.87
CA CYS D 773 26.45 28.77 -42.27
C CYS D 773 27.19 27.48 -42.59
N MET D 774 27.62 27.30 -43.85
CA MET D 774 28.35 26.08 -44.17
C MET D 774 29.73 26.07 -43.53
N ILE D 775 30.39 27.22 -43.43
CA ILE D 775 31.66 27.28 -42.72
C ILE D 775 31.48 26.87 -41.27
N LEU D 776 30.44 27.39 -40.62
CA LEU D 776 30.19 27.04 -39.23
C LEU D 776 29.87 25.55 -39.08
N VAL D 777 29.07 24.99 -40.00
CA VAL D 777 28.73 23.58 -39.93
C VAL D 777 29.97 22.72 -40.10
N PHE D 778 30.82 23.06 -41.07
CA PHE D 778 32.05 22.31 -41.28
C PHE D 778 32.96 22.37 -40.05
N LEU D 779 33.13 23.57 -39.49
CA LEU D 779 34.00 23.72 -38.32
C LEU D 779 33.46 22.95 -37.12
N SER D 780 32.14 23.03 -36.89
CA SER D 780 31.55 22.31 -35.77
C SER D 780 31.66 20.80 -35.95
N SER D 781 31.47 20.31 -37.18
CA SER D 781 31.61 18.88 -37.43
C SER D 781 33.04 18.42 -37.23
N ILE D 782 34.02 19.22 -37.68
CA ILE D 782 35.42 18.86 -37.47
C ILE D 782 35.76 18.88 -35.99
N PHE D 783 35.24 19.86 -35.26
CA PHE D 783 35.46 19.93 -33.81
C PHE D 783 34.85 18.70 -33.13
N GLY D 784 33.66 18.29 -33.55
CA GLY D 784 33.06 17.09 -32.98
C GLY D 784 33.86 15.84 -33.28
N TYR D 785 34.37 15.72 -34.51
CA TYR D 785 35.24 14.59 -34.84
C TYR D 785 36.50 14.59 -33.97
N CYS D 786 37.10 15.75 -33.77
CA CYS D 786 38.29 15.84 -32.93
C CYS D 786 37.99 15.46 -31.48
N LYS D 787 36.86 15.94 -30.96
CA LYS D 787 36.47 15.59 -29.60
C LYS D 787 36.14 14.10 -29.48
N GLU D 788 35.65 13.49 -30.55
CA GLU D 788 35.46 12.05 -30.57
C GLU D 788 36.80 11.33 -30.53
N ALA D 789 37.79 11.83 -31.27
CA ALA D 789 39.12 11.22 -31.25
C ALA D 789 39.76 11.34 -29.88
N GLY D 790 39.62 12.48 -29.22
CA GLY D 790 40.19 12.69 -27.91
C GLY D 790 39.16 12.70 -26.80
N ASP D 802 27.70 3.20 -27.45
CA ASP D 802 26.63 4.01 -26.88
C ASP D 802 25.79 4.64 -27.98
N ILE D 803 24.51 4.91 -27.68
CA ILE D 803 23.62 5.50 -28.67
C ILE D 803 24.07 6.92 -29.01
N SER D 804 24.61 7.64 -28.02
CA SER D 804 25.04 9.02 -28.27
C SER D 804 26.20 9.05 -29.27
N ASN D 805 27.14 8.12 -29.15
CA ASN D 805 28.28 8.09 -30.05
C ASN D 805 27.84 7.83 -31.50
N VAL D 806 26.93 6.87 -31.68
CA VAL D 806 26.43 6.58 -33.02
C VAL D 806 25.67 7.78 -33.57
N LEU D 807 24.83 8.40 -32.74
CA LEU D 807 24.09 9.58 -33.16
C LEU D 807 25.04 10.69 -33.62
N GLU D 808 26.07 10.97 -32.82
CA GLU D 808 27.00 12.03 -33.17
C GLU D 808 27.79 11.69 -34.42
N TRP D 809 28.19 10.42 -34.59
CA TRP D 809 28.92 10.03 -35.78
C TRP D 809 28.09 10.20 -37.04
N ILE D 810 26.82 9.78 -36.98
CA ILE D 810 25.93 9.98 -38.13
C ILE D 810 25.75 11.48 -38.40
N ILE D 811 25.58 12.26 -37.35
CA ILE D 811 25.40 13.71 -37.52
C ILE D 811 26.61 14.32 -38.21
N TYR D 812 27.81 13.96 -37.76
CA TYR D 812 29.02 14.56 -38.33
C TYR D 812 29.23 14.12 -39.77
N THR D 813 29.03 12.84 -40.06
CA THR D 813 29.21 12.38 -41.44
C THR D 813 28.24 13.06 -42.39
N THR D 814 26.96 13.13 -42.00
CA THR D 814 25.97 13.75 -42.87
C THR D 814 26.19 15.26 -42.96
N GLY D 815 26.75 15.87 -41.92
CA GLY D 815 27.10 17.28 -42.00
C GLY D 815 28.23 17.53 -42.97
N ILE D 816 29.25 16.66 -42.97
CA ILE D 816 30.32 16.78 -43.95
C ILE D 816 29.77 16.64 -45.36
N ILE D 817 28.92 15.64 -45.58
CA ILE D 817 28.41 15.42 -46.94
C ILE D 817 27.50 16.57 -47.37
N PHE D 818 26.72 17.13 -46.44
CA PHE D 818 25.78 18.18 -46.81
C PHE D 818 26.50 19.44 -47.27
N VAL D 819 27.55 19.86 -46.57
CA VAL D 819 28.24 21.10 -46.89
C VAL D 819 29.51 20.79 -47.68
N LEU D 820 29.60 19.58 -48.22
CA LEU D 820 30.74 19.20 -49.05
C LEU D 820 30.97 20.12 -50.25
N PRO D 821 29.93 20.66 -50.95
CA PRO D 821 30.21 21.53 -52.10
C PRO D 821 31.07 22.74 -51.79
N LEU D 822 31.47 22.92 -50.53
CA LEU D 822 32.43 23.98 -50.21
C LEU D 822 33.73 23.79 -50.98
N PHE D 823 34.17 22.54 -51.13
CA PHE D 823 35.37 22.22 -51.90
C PHE D 823 35.08 21.44 -53.17
N VAL D 824 34.40 20.31 -53.06
CA VAL D 824 34.14 19.42 -54.20
C VAL D 824 32.63 19.36 -54.44
N GLU D 825 32.22 19.60 -55.67
CA GLU D 825 30.81 19.56 -56.01
C GLU D 825 30.28 18.14 -55.96
N ILE D 826 29.01 18.01 -55.57
CA ILE D 826 28.33 16.71 -55.49
C ILE D 826 26.92 16.87 -56.02
N PRO D 827 26.31 15.76 -56.46
CA PRO D 827 24.91 15.83 -56.90
C PRO D 827 24.00 16.28 -55.76
N ALA D 828 22.99 17.07 -56.13
CA ALA D 828 22.09 17.63 -55.13
C ALA D 828 21.27 16.55 -54.42
N HIS D 829 21.04 15.42 -55.09
CA HIS D 829 20.23 14.35 -54.49
C HIS D 829 20.88 13.81 -53.22
N LEU D 830 22.15 13.40 -53.31
CA LEU D 830 22.85 12.89 -52.14
C LEU D 830 23.01 13.97 -51.08
N GLN D 831 23.29 15.20 -51.52
CA GLN D 831 23.45 16.31 -50.59
C GLN D 831 22.20 16.50 -49.74
N TRP D 832 21.02 16.48 -50.38
CA TRP D 832 19.81 16.75 -49.63
C TRP D 832 19.34 15.54 -48.83
N GLN D 833 19.61 14.33 -49.30
CA GLN D 833 19.37 13.16 -48.44
C GLN D 833 20.18 13.26 -47.15
N CYS D 834 21.47 13.59 -47.29
CA CYS D 834 22.32 13.73 -46.11
C CYS D 834 21.87 14.91 -45.25
N GLY D 835 21.36 15.97 -45.88
CA GLY D 835 20.86 17.09 -45.11
C GLY D 835 19.65 16.73 -44.27
N ALA D 836 18.70 15.99 -44.85
CA ALA D 836 17.54 15.54 -44.09
C ALA D 836 17.96 14.64 -42.93
N ILE D 837 18.84 13.68 -43.22
CA ILE D 837 19.33 12.79 -42.16
C ILE D 837 20.00 13.59 -41.06
N ALA D 838 20.84 14.57 -41.45
CA ALA D 838 21.60 15.34 -40.49
C ALA D 838 20.71 16.19 -39.61
N VAL D 839 19.70 16.84 -40.18
CA VAL D 839 18.85 17.70 -39.36
C VAL D 839 17.98 16.87 -38.43
N TYR D 840 17.44 15.74 -38.93
CA TYR D 840 16.64 14.86 -38.08
C TYR D 840 17.45 14.39 -36.89
N PHE D 841 18.66 13.86 -37.15
CA PHE D 841 19.46 13.34 -36.05
C PHE D 841 20.05 14.46 -35.19
N TYR D 842 20.24 15.65 -35.75
CA TYR D 842 20.68 16.79 -34.96
C TYR D 842 19.69 17.12 -33.87
N TRP D 843 18.41 17.21 -34.23
CA TRP D 843 17.42 17.53 -33.19
C TRP D 843 17.15 16.33 -32.28
N MET D 844 17.22 15.11 -32.81
CA MET D 844 17.12 13.93 -31.94
C MET D 844 18.24 13.91 -30.90
N ASN D 845 19.45 14.33 -31.28
CA ASN D 845 20.55 14.38 -30.32
C ASN D 845 20.45 15.57 -29.39
N PHE D 846 19.88 16.69 -29.85
CA PHE D 846 19.61 17.79 -28.94
C PHE D 846 18.63 17.37 -27.86
N LEU D 847 17.71 16.45 -28.19
CA LEU D 847 16.85 15.88 -27.16
C LEU D 847 17.65 15.26 -26.03
N LEU D 848 18.68 14.48 -26.36
CA LEU D 848 19.54 13.91 -25.31
C LEU D 848 20.38 14.98 -24.64
N TYR D 849 20.77 16.03 -25.38
CA TYR D 849 21.50 17.13 -24.77
C TYR D 849 20.67 17.85 -23.71
N LEU D 850 19.34 17.85 -23.86
CA LEU D 850 18.48 18.47 -22.87
C LEU D 850 18.35 17.66 -21.58
N GLN D 851 18.85 16.43 -21.55
CA GLN D 851 18.64 15.56 -20.39
C GLN D 851 19.29 16.12 -19.13
N ARG D 852 20.38 16.86 -19.25
CA ARG D 852 21.09 17.40 -18.10
C ARG D 852 20.45 18.72 -17.63
N PHE D 853 19.16 18.62 -17.29
CA PHE D 853 18.39 19.75 -16.78
C PHE D 853 17.45 19.23 -15.69
N GLU D 854 17.03 20.14 -14.82
CA GLU D 854 16.14 19.77 -13.72
C GLU D 854 14.67 19.79 -14.09
N ASN D 855 14.32 20.28 -15.28
CA ASN D 855 12.93 20.35 -15.71
C ASN D 855 12.59 19.41 -16.86
N CYS D 856 13.60 18.96 -17.61
CA CYS D 856 13.37 18.14 -18.79
C CYS D 856 13.97 16.75 -18.68
N GLY D 857 14.78 16.48 -17.64
CA GLY D 857 15.43 15.18 -17.55
C GLY D 857 14.48 14.03 -17.32
N ILE D 858 13.46 14.23 -16.48
CA ILE D 858 12.56 13.14 -16.16
C ILE D 858 11.74 12.74 -17.39
N PHE D 859 11.40 13.70 -18.25
CA PHE D 859 10.68 13.36 -19.47
C PHE D 859 11.54 12.53 -20.41
N ILE D 860 12.84 12.84 -20.49
CA ILE D 860 13.74 12.03 -21.29
C ILE D 860 13.88 10.63 -20.71
N VAL D 861 13.91 10.52 -19.39
CA VAL D 861 13.98 9.20 -18.75
C VAL D 861 12.74 8.38 -19.08
N MET D 862 11.57 9.02 -19.00
CA MET D 862 10.31 8.34 -19.33
C MET D 862 10.28 7.91 -20.79
N LEU D 863 10.75 8.78 -21.69
CA LEU D 863 10.84 8.42 -23.10
C LEU D 863 11.75 7.23 -23.30
N GLU D 864 12.89 7.19 -22.61
CA GLU D 864 13.82 6.09 -22.75
C GLU D 864 13.22 4.78 -22.27
N VAL D 865 12.53 4.79 -21.13
CA VAL D 865 11.97 3.54 -20.62
C VAL D 865 10.83 3.05 -21.52
N ILE D 866 10.00 3.97 -22.03
CA ILE D 866 8.92 3.55 -22.93
C ILE D 866 9.50 2.99 -24.22
N LEU D 867 10.54 3.62 -24.75
CA LEU D 867 11.18 3.12 -25.96
C LEU D 867 11.79 1.74 -25.73
N LYS D 868 12.40 1.53 -24.57
CA LYS D 868 12.99 0.22 -24.27
C LYS D 868 11.91 -0.84 -24.20
N THR D 869 10.77 -0.54 -23.57
CA THR D 869 9.68 -1.51 -23.53
C THR D 869 9.15 -1.82 -24.93
N LEU D 870 9.03 -0.80 -25.78
CA LEU D 870 8.58 -1.02 -27.15
C LEU D 870 9.56 -1.91 -27.91
N LEU D 871 10.86 -1.66 -27.76
CA LEU D 871 11.84 -2.52 -28.42
C LEU D 871 11.82 -3.94 -27.87
N ARG D 872 11.48 -4.10 -26.59
CA ARG D 872 11.31 -5.45 -26.05
C ARG D 872 10.14 -6.17 -26.70
N SER D 873 9.02 -5.47 -26.90
CA SER D 873 7.83 -6.07 -27.46
C SER D 873 7.84 -6.14 -28.99
N THR D 874 8.84 -5.56 -29.64
CA THR D 874 8.85 -5.50 -31.09
C THR D 874 8.86 -6.88 -31.76
N VAL D 875 9.35 -7.92 -31.11
CA VAL D 875 9.36 -9.24 -31.74
C VAL D 875 7.93 -9.75 -31.94
N VAL D 876 7.14 -9.72 -30.87
CA VAL D 876 5.73 -10.08 -30.97
C VAL D 876 5.01 -9.15 -31.93
N PHE D 877 5.36 -7.86 -31.90
CA PHE D 877 4.75 -6.90 -32.82
C PHE D 877 4.98 -7.31 -34.27
N ILE D 878 6.23 -7.60 -34.63
CA ILE D 878 6.53 -7.88 -36.02
C ILE D 878 5.95 -9.23 -36.44
N PHE D 879 5.84 -10.18 -35.51
CA PHE D 879 5.21 -11.46 -35.88
C PHE D 879 3.71 -11.26 -36.15
N LEU D 880 3.03 -10.49 -35.31
CA LEU D 880 1.62 -10.18 -35.56
C LEU D 880 1.46 -9.42 -36.87
N LEU D 881 2.34 -8.45 -37.14
CA LEU D 881 2.26 -7.69 -38.37
C LEU D 881 2.51 -8.57 -39.58
N LEU D 882 3.46 -9.52 -39.48
CA LEU D 882 3.71 -10.43 -40.59
C LEU D 882 2.49 -11.28 -40.89
N ALA D 883 1.87 -11.84 -39.83
CA ALA D 883 0.68 -12.65 -40.04
C ALA D 883 -0.42 -11.85 -40.74
N PHE D 884 -0.76 -10.69 -40.18
CA PHE D 884 -1.87 -9.92 -40.73
C PHE D 884 -1.53 -9.36 -42.10
N GLY D 885 -0.28 -8.97 -42.33
CA GLY D 885 0.11 -8.44 -43.61
C GLY D 885 0.07 -9.48 -44.72
N LEU D 886 0.57 -10.69 -44.44
CA LEU D 886 0.48 -11.74 -45.45
C LEU D 886 -0.97 -12.12 -45.71
N SER D 887 -1.79 -12.18 -44.66
CA SER D 887 -3.21 -12.48 -44.86
C SER D 887 -3.87 -11.42 -45.73
N PHE D 888 -3.62 -10.14 -45.44
CA PHE D 888 -4.23 -9.06 -46.22
C PHE D 888 -3.67 -9.01 -47.63
N TYR D 889 -2.41 -9.43 -47.81
CA TYR D 889 -1.81 -9.44 -49.13
C TYR D 889 -2.44 -10.50 -50.02
N ILE D 890 -2.71 -11.68 -49.45
CA ILE D 890 -3.40 -12.70 -50.24
C ILE D 890 -4.86 -12.31 -50.47
N LEU D 891 -5.53 -11.82 -49.43
CA LEU D 891 -6.97 -11.55 -49.52
C LEU D 891 -7.26 -10.32 -50.37
N LEU D 892 -6.47 -9.27 -50.23
CA LEU D 892 -6.74 -8.02 -50.94
C LEU D 892 -5.62 -7.72 -51.95
N ASN D 893 -5.21 -8.73 -52.70
CA ASN D 893 -4.09 -8.57 -53.64
C ASN D 893 -4.42 -7.60 -54.77
N LEU D 894 -5.70 -7.44 -55.09
CA LEU D 894 -6.10 -6.61 -56.22
C LEU D 894 -6.21 -5.13 -55.87
N GLN D 895 -5.74 -4.73 -54.69
CA GLN D 895 -5.77 -3.34 -54.27
C GLN D 895 -4.35 -2.80 -54.15
N ASP D 896 -4.21 -1.52 -54.48
CA ASP D 896 -2.88 -0.90 -54.49
C ASP D 896 -2.16 -0.97 -53.15
N PRO D 897 -2.78 -0.68 -52.00
CA PRO D 897 -2.04 -0.77 -50.73
C PRO D 897 -1.49 -2.15 -50.44
N PHE D 898 -2.17 -3.22 -50.87
CA PHE D 898 -1.77 -4.59 -50.58
C PHE D 898 -1.26 -5.29 -51.84
N SER D 899 -0.72 -4.54 -52.80
CA SER D 899 -0.25 -5.13 -54.04
C SER D 899 1.11 -5.80 -53.92
N SER D 900 1.86 -5.50 -52.86
CA SER D 900 3.17 -6.07 -52.61
C SER D 900 3.27 -6.49 -51.16
N PRO D 901 4.08 -7.52 -50.85
CA PRO D 901 4.18 -7.93 -49.44
C PRO D 901 4.72 -6.83 -48.53
N LEU D 902 5.76 -6.11 -48.96
CA LEU D 902 6.30 -5.04 -48.14
C LEU D 902 5.29 -3.93 -47.95
N LEU D 903 4.60 -3.54 -49.02
CA LEU D 903 3.55 -2.54 -48.91
C LEU D 903 2.43 -3.04 -48.02
N SER D 904 2.15 -4.35 -48.03
CA SER D 904 1.10 -4.90 -47.20
C SER D 904 1.46 -4.79 -45.72
N ILE D 905 2.70 -5.15 -45.35
CA ILE D 905 3.10 -5.01 -43.94
C ILE D 905 3.15 -3.55 -43.53
N ILE D 906 3.59 -2.67 -44.42
CA ILE D 906 3.62 -1.25 -44.09
C ILE D 906 2.20 -0.71 -43.88
N GLN D 907 1.25 -1.13 -44.72
CA GLN D 907 -0.13 -0.70 -44.56
C GLN D 907 -0.74 -1.25 -43.28
N THR D 908 -0.43 -2.51 -42.94
CA THR D 908 -0.89 -3.07 -41.67
C THR D 908 -0.34 -2.29 -40.48
N PHE D 909 0.95 -1.93 -40.56
CA PHE D 909 1.56 -1.09 -39.53
C PHE D 909 0.83 0.25 -39.43
N SER D 910 0.46 0.83 -40.56
CA SER D 910 -0.25 2.11 -40.54
C SER D 910 -1.63 1.98 -39.91
N MET D 911 -2.37 0.91 -40.26
CA MET D 911 -3.72 0.78 -39.73
C MET D 911 -3.76 0.21 -38.33
N MET D 912 -2.61 -0.18 -37.76
CA MET D 912 -2.59 -0.59 -36.36
C MET D 912 -3.16 0.49 -35.45
N LEU D 913 -2.91 1.76 -35.76
CA LEU D 913 -3.31 2.86 -34.90
C LEU D 913 -4.81 3.15 -34.95
N GLY D 914 -5.60 2.28 -35.56
CA GLY D 914 -7.03 2.49 -35.66
C GLY D 914 -7.49 3.12 -36.96
N ASP D 915 -6.62 3.37 -37.90
CA ASP D 915 -6.99 3.99 -39.20
C ASP D 915 -7.24 2.93 -40.23
N ILE D 916 -8.11 2.04 -39.86
CA ILE D 916 -8.55 1.03 -40.81
C ILE D 916 -9.43 1.69 -41.84
N ASN D 917 -9.07 1.54 -43.12
CA ASN D 917 -9.87 2.12 -44.20
C ASN D 917 -10.99 1.14 -44.54
N TYR D 918 -11.91 0.99 -43.60
CA TYR D 918 -12.96 -0.02 -43.73
C TYR D 918 -13.78 0.19 -45.00
N ARG D 919 -14.25 1.41 -45.22
CA ARG D 919 -15.11 1.68 -46.37
C ARG D 919 -14.37 1.40 -47.66
N GLU D 920 -13.31 2.18 -47.94
CA GLU D 920 -12.62 2.10 -49.22
C GLU D 920 -12.03 0.72 -49.48
N SER D 921 -11.50 0.05 -48.45
CA SER D 921 -10.82 -1.21 -48.67
C SER D 921 -11.75 -2.42 -48.66
N PHE D 922 -12.87 -2.37 -47.93
CA PHE D 922 -13.73 -3.53 -47.78
C PHE D 922 -15.13 -3.32 -48.35
N LEU D 923 -15.79 -2.22 -48.00
CA LEU D 923 -17.21 -2.08 -48.33
C LEU D 923 -17.40 -1.74 -49.79
N GLU D 924 -16.63 -0.77 -50.30
CA GLU D 924 -16.76 -0.40 -51.71
C GLU D 924 -16.39 -1.54 -52.65
N PRO D 925 -15.28 -2.26 -52.47
CA PRO D 925 -15.05 -3.44 -53.32
C PRO D 925 -16.11 -4.51 -53.18
N TYR D 926 -16.67 -4.70 -51.97
CA TYR D 926 -17.69 -5.71 -51.78
C TYR D 926 -18.96 -5.40 -52.55
N LEU D 927 -19.41 -4.14 -52.48
CA LEU D 927 -20.63 -3.77 -53.20
C LEU D 927 -20.42 -3.74 -54.70
N ARG D 928 -19.17 -3.57 -55.14
CA ARG D 928 -18.82 -3.62 -56.55
C ARG D 928 -18.38 -5.00 -57.01
N ASN D 929 -18.44 -6.00 -56.13
CA ASN D 929 -18.05 -7.38 -56.45
C ASN D 929 -16.57 -7.45 -56.86
N GLU D 930 -15.70 -6.85 -56.05
CA GLU D 930 -14.27 -6.87 -56.31
C GLU D 930 -13.49 -7.72 -55.31
N LEU D 931 -14.09 -8.09 -54.18
CA LEU D 931 -13.40 -8.92 -53.20
C LEU D 931 -13.39 -10.37 -53.68
N ALA D 932 -12.20 -10.98 -53.67
CA ALA D 932 -12.11 -12.38 -54.06
C ALA D 932 -12.72 -13.29 -53.02
N HIS D 933 -12.48 -13.01 -51.74
CA HIS D 933 -13.00 -13.82 -50.63
C HIS D 933 -13.71 -12.90 -49.66
N PRO D 934 -15.00 -12.61 -49.89
CA PRO D 934 -15.69 -11.62 -49.05
C PRO D 934 -15.82 -12.04 -47.59
N VAL D 935 -16.31 -13.25 -47.33
CA VAL D 935 -16.49 -13.70 -45.95
C VAL D 935 -15.16 -13.78 -45.23
N LEU D 936 -14.15 -14.34 -45.91
CA LEU D 936 -12.82 -14.43 -45.30
C LEU D 936 -12.24 -13.06 -45.03
N SER D 937 -12.40 -12.12 -45.97
CA SER D 937 -11.87 -10.78 -45.78
C SER D 937 -12.55 -10.08 -44.62
N PHE D 938 -13.87 -10.23 -44.49
CA PHE D 938 -14.58 -9.56 -43.40
C PHE D 938 -14.24 -10.19 -42.05
N ALA D 939 -14.11 -11.52 -42.00
CA ALA D 939 -13.69 -12.16 -40.77
C ALA D 939 -12.29 -11.73 -40.37
N GLN D 940 -11.39 -11.61 -41.34
CA GLN D 940 -10.04 -11.15 -41.06
C GLN D 940 -10.03 -9.69 -40.62
N LEU D 941 -10.91 -8.87 -41.19
CA LEU D 941 -11.02 -7.48 -40.74
C LEU D 941 -11.48 -7.39 -39.30
N VAL D 942 -12.49 -8.19 -38.93
CA VAL D 942 -12.96 -8.20 -37.55
C VAL D 942 -11.87 -8.69 -36.61
N SER D 943 -11.16 -9.75 -37.00
CA SER D 943 -10.07 -10.28 -36.18
C SER D 943 -8.96 -9.25 -36.02
N PHE D 944 -8.59 -8.56 -37.09
CA PHE D 944 -7.55 -7.54 -37.02
C PHE D 944 -7.97 -6.40 -36.10
N THR D 945 -9.21 -5.91 -36.24
CA THR D 945 -9.68 -4.82 -35.41
C THR D 945 -9.73 -5.22 -33.94
N ILE D 946 -10.13 -6.45 -33.65
CA ILE D 946 -10.12 -6.92 -32.26
C ILE D 946 -8.69 -7.05 -31.74
N PHE D 947 -7.78 -7.53 -32.57
CA PHE D 947 -6.44 -7.87 -32.09
C PHE D 947 -5.54 -6.66 -31.99
N VAL D 948 -5.20 -6.04 -33.13
CA VAL D 948 -4.15 -5.02 -33.11
C VAL D 948 -4.64 -3.72 -32.46
N PRO D 949 -5.59 -2.98 -33.05
CA PRO D 949 -5.85 -1.63 -32.53
C PRO D 949 -6.46 -1.62 -31.15
N ILE D 950 -7.12 -2.70 -30.73
CA ILE D 950 -7.72 -2.74 -29.40
C ILE D 950 -6.73 -3.38 -28.44
N VAL D 951 -6.42 -4.66 -28.66
CA VAL D 951 -5.65 -5.41 -27.68
C VAL D 951 -4.21 -4.91 -27.62
N LEU D 952 -3.56 -4.75 -28.78
CA LEU D 952 -2.16 -4.34 -28.76
C LEU D 952 -2.00 -2.92 -28.21
N MET D 953 -2.87 -2.00 -28.62
CA MET D 953 -2.77 -0.64 -28.11
C MET D 953 -3.10 -0.57 -26.63
N ASN D 954 -4.06 -1.36 -26.15
CA ASN D 954 -4.36 -1.40 -24.73
C ASN D 954 -3.18 -1.96 -23.94
N LEU D 955 -2.53 -2.99 -24.48
CA LEU D 955 -1.33 -3.54 -23.85
C LEU D 955 -0.24 -2.49 -23.76
N LEU D 956 -0.01 -1.75 -24.84
CA LEU D 956 1.01 -0.71 -24.84
C LEU D 956 0.67 0.38 -23.83
N ILE D 957 -0.56 0.85 -23.79
CA ILE D 957 -1.00 1.89 -22.85
C ILE D 957 -0.88 1.36 -21.43
N GLY D 958 -1.17 0.11 -21.09
CA GLY D 958 -0.96 -0.39 -19.74
C GLY D 958 0.51 -0.47 -19.37
N LEU D 959 1.34 -0.95 -20.29
CA LEU D 959 2.77 -0.99 -20.04
C LEU D 959 3.33 0.41 -19.80
N ALA D 960 2.88 1.38 -20.60
CA ALA D 960 3.36 2.74 -20.43
C ALA D 960 2.92 3.33 -19.11
N VAL D 961 1.69 3.09 -18.66
CA VAL D 961 1.14 3.60 -17.37
C VAL D 961 1.91 2.92 -16.25
N GLY D 962 2.34 1.66 -16.34
CA GLY D 962 3.20 1.07 -15.33
C GLY D 962 4.59 1.68 -15.32
N ASP D 963 5.16 1.89 -16.51
CA ASP D 963 6.50 2.48 -16.60
C ASP D 963 6.52 3.89 -16.04
N ILE D 964 5.52 4.71 -16.36
CA ILE D 964 5.46 6.07 -15.86
C ILE D 964 5.31 6.08 -14.35
N ALA D 965 4.48 5.19 -13.81
CA ALA D 965 4.33 5.13 -12.36
C ALA D 965 5.65 4.73 -11.69
N GLU D 966 6.34 3.75 -12.26
CA GLU D 966 7.62 3.32 -11.69
C GLU D 966 8.65 4.45 -11.73
N VAL D 967 8.68 5.21 -12.83
CA VAL D 967 9.62 6.32 -12.94
C VAL D 967 9.26 7.41 -11.94
N GLN D 968 7.96 7.70 -11.78
CA GLN D 968 7.51 8.74 -10.86
C GLN D 968 7.67 8.34 -9.40
N LYS D 969 7.86 7.04 -9.11
CA LYS D 969 8.15 6.63 -7.75
C LYS D 969 9.41 7.31 -7.21
N HIS D 970 10.43 7.46 -8.06
CA HIS D 970 11.73 8.00 -7.69
C HIS D 970 12.09 9.23 -8.50
N ALA D 971 11.15 10.17 -8.62
CA ALA D 971 11.37 11.35 -9.46
C ALA D 971 12.42 12.28 -8.86
N SER D 972 12.16 12.79 -7.65
CA SER D 972 13.05 13.76 -7.03
C SER D 972 14.44 13.16 -6.79
N LEU D 973 14.49 11.91 -6.33
CA LEU D 973 15.76 11.24 -6.11
C LEU D 973 16.55 11.15 -7.40
N LYS D 974 15.88 10.81 -8.50
CA LYS D 974 16.57 10.72 -9.79
C LYS D 974 17.07 12.10 -10.23
N ARG D 975 16.26 13.14 -10.06
CA ARG D 975 16.68 14.47 -10.47
C ARG D 975 17.93 14.91 -9.71
N ILE D 976 17.91 14.76 -8.39
CA ILE D 976 19.07 15.14 -7.59
C ILE D 976 20.26 14.25 -7.92
N ALA D 977 20.02 12.98 -8.23
CA ALA D 977 21.11 12.08 -8.60
C ALA D 977 21.80 12.55 -9.88
N MET D 978 21.01 12.93 -10.89
CA MET D 978 21.62 13.45 -12.12
C MET D 978 22.38 14.74 -11.87
N GLN D 979 21.82 15.65 -11.07
CA GLN D 979 22.53 16.89 -10.76
C GLN D 979 23.85 16.60 -10.05
N VAL D 980 23.82 15.72 -9.06
CA VAL D 980 25.01 15.38 -8.29
C VAL D 980 26.06 14.72 -9.18
N GLU D 981 25.64 13.80 -10.04
CA GLU D 981 26.59 13.13 -10.94
C GLU D 981 27.23 14.13 -11.89
N LEU D 982 26.42 15.04 -12.46
CA LEU D 982 26.98 16.05 -13.36
C LEU D 982 27.99 16.93 -12.63
N HIS D 983 27.66 17.39 -11.44
CA HIS D 983 28.59 18.24 -10.70
C HIS D 983 29.85 17.50 -10.31
N THR D 984 29.72 16.21 -9.93
CA THR D 984 30.88 15.42 -9.58
C THR D 984 31.81 15.24 -10.78
N SER D 985 31.24 14.96 -11.95
CA SER D 985 32.06 14.83 -13.16
C SER D 985 32.75 16.16 -13.47
N LEU D 986 32.03 17.27 -13.33
CA LEU D 986 32.63 18.58 -13.59
C LEU D 986 33.79 18.87 -12.63
N GLU D 987 33.62 18.53 -11.35
CA GLU D 987 34.69 18.71 -10.38
C GLU D 987 35.90 17.85 -10.74
N LYS D 988 35.66 16.60 -11.12
CA LYS D 988 36.78 15.74 -11.53
C LYS D 988 37.45 16.27 -12.79
N LYS D 989 36.72 17.01 -13.62
CA LYS D 989 37.32 17.56 -14.83
C LYS D 989 38.26 18.73 -14.52
N LEU D 990 37.84 19.63 -13.63
CA LEU D 990 38.64 20.81 -13.28
C LEU D 990 39.57 20.47 -12.13
N PRO D 991 40.86 20.24 -12.40
CA PRO D 991 41.72 19.63 -11.38
C PRO D 991 42.00 20.47 -10.14
N LEU D 992 42.60 21.65 -10.30
CA LEU D 992 43.19 22.35 -9.15
C LEU D 992 42.63 23.74 -8.91
N TRP D 993 42.68 24.63 -9.90
CA TRP D 993 42.58 26.06 -9.61
C TRP D 993 41.13 26.52 -9.51
N PHE D 994 40.29 26.09 -10.44
CA PHE D 994 38.91 26.58 -10.49
C PHE D 994 38.16 26.23 -9.21
N LEU D 995 38.47 25.08 -8.60
CA LEU D 995 37.80 24.68 -7.38
C LEU D 995 38.08 25.67 -6.25
N ARG D 996 39.35 25.96 -5.98
CA ARG D 996 39.69 26.92 -4.94
C ARG D 996 39.21 28.32 -5.29
N LYS D 997 39.11 28.62 -6.58
CA LYS D 997 38.57 29.92 -6.99
C LYS D 997 37.09 30.05 -6.67
N VAL D 998 36.32 28.96 -6.85
CA VAL D 998 34.87 29.04 -6.69
C VAL D 998 34.34 28.47 -5.38
N ASP D 999 35.16 27.72 -4.65
CA ASP D 999 34.72 27.22 -3.34
C ASP D 999 34.46 28.39 -2.40
N GLN D 1000 33.32 28.35 -1.71
CA GLN D 1000 32.88 29.45 -0.86
C GLN D 1000 32.79 29.08 0.60
N LYS D 1001 32.26 27.89 0.93
CA LYS D 1001 32.00 27.44 2.29
C LYS D 1001 30.96 28.30 3.01
N SER D 1002 30.40 29.31 2.33
CA SER D 1002 29.44 30.22 2.93
C SER D 1002 28.78 31.09 1.86
N THR D 1003 27.48 31.37 2.02
CA THR D 1003 26.75 32.27 1.13
C THR D 1003 25.58 32.87 1.90
N ILE D 1004 25.31 34.16 1.67
CA ILE D 1004 24.22 34.87 2.30
C ILE D 1004 23.08 34.97 1.30
N VAL D 1005 21.87 34.61 1.74
CA VAL D 1005 20.69 34.59 0.89
C VAL D 1005 19.65 35.52 1.50
N TYR D 1006 18.95 36.27 0.64
CA TYR D 1006 17.93 37.21 1.08
C TYR D 1006 16.56 36.73 0.64
N PRO D 1007 15.82 36.02 1.48
CA PRO D 1007 14.46 35.58 1.09
C PRO D 1007 13.52 36.74 0.79
N ASN D 1008 13.66 37.86 1.49
CA ASN D 1008 12.76 38.99 1.29
C ASN D 1008 13.00 39.70 -0.05
N LYS D 1009 14.16 39.47 -0.67
CA LYS D 1009 14.55 40.09 -1.94
C LYS D 1009 14.41 41.61 -1.86
N PRO D 1010 15.30 42.29 -1.12
CA PRO D 1010 15.21 43.75 -0.96
C PRO D 1010 15.85 44.50 -2.13
N SER D 1039 8.16 6.21 6.17
CA SER D 1039 8.14 6.50 7.61
C SER D 1039 7.58 5.32 8.39
N LEU D 1040 7.47 4.18 7.73
CA LEU D 1040 6.97 2.95 8.35
C LEU D 1040 8.08 2.04 8.83
N GLU D 1041 9.13 1.89 8.02
CA GLU D 1041 10.25 1.02 8.40
C GLU D 1041 10.94 1.54 9.66
N MET D 1042 11.12 2.86 9.75
CA MET D 1042 11.76 3.43 10.94
C MET D 1042 10.93 3.19 12.19
N GLU D 1043 9.61 3.39 12.10
CA GLU D 1043 8.75 3.16 13.26
C GLU D 1043 8.76 1.70 13.67
N ILE D 1044 8.70 0.78 12.69
CA ILE D 1044 8.72 -0.64 12.99
C ILE D 1044 10.05 -1.02 13.65
N LEU D 1045 11.15 -0.46 13.16
CA LEU D 1045 12.46 -0.76 13.72
C LEU D 1045 12.56 -0.23 15.15
N LYS D 1046 12.00 0.95 15.40
CA LYS D 1046 11.99 1.49 16.75
C LYS D 1046 11.19 0.59 17.69
N GLN D 1047 10.03 0.10 17.23
CA GLN D 1047 9.25 -0.81 18.05
C GLN D 1047 10.01 -2.10 18.31
N LYS D 1048 10.73 -2.61 17.31
CA LYS D 1048 11.51 -3.82 17.49
C LYS D 1048 12.63 -3.60 18.50
N TYR D 1049 13.31 -2.46 18.46
CA TYR D 1049 14.33 -2.17 19.47
C TYR D 1049 13.73 -2.03 20.86
N ARG D 1050 12.56 -1.41 20.98
CA ARG D 1050 11.90 -1.32 22.28
C ARG D 1050 11.58 -2.71 22.83
N LEU D 1051 11.08 -3.60 21.96
CA LEU D 1051 10.78 -4.95 22.39
C LEU D 1051 12.04 -5.72 22.75
N LYS D 1052 13.13 -5.52 22.03
CA LYS D 1052 14.39 -6.17 22.37
C LYS D 1052 14.90 -5.70 23.74
N ASP D 1053 14.81 -4.40 24.00
CA ASP D 1053 15.19 -3.89 25.31
C ASP D 1053 14.31 -4.45 26.41
N LEU D 1054 13.00 -4.56 26.16
CA LEU D 1054 12.10 -5.17 27.12
C LEU D 1054 12.50 -6.62 27.40
N THR D 1055 12.86 -7.36 26.34
CA THR D 1055 13.28 -8.74 26.51
C THR D 1055 14.53 -8.84 27.37
N PHE D 1056 15.53 -8.00 27.10
CA PHE D 1056 16.77 -8.04 27.87
C PHE D 1056 16.52 -7.70 29.34
N LEU D 1057 15.72 -6.65 29.59
CA LEU D 1057 15.41 -6.29 30.96
C LEU D 1057 14.60 -7.39 31.65
N LEU D 1058 13.77 -8.12 30.90
CA LEU D 1058 13.00 -9.21 31.50
C LEU D 1058 13.91 -10.38 31.86
N GLU D 1059 14.91 -10.68 31.03
CA GLU D 1059 15.90 -11.70 31.41
C GLU D 1059 16.62 -11.29 32.69
N LYS D 1060 17.06 -10.04 32.78
CA LYS D 1060 17.77 -9.61 33.99
C LYS D 1060 16.86 -9.68 35.22
N GLN D 1061 15.61 -9.27 35.07
CA GLN D 1061 14.66 -9.31 36.17
C GLN D 1061 14.37 -10.74 36.60
N HIS D 1062 14.21 -11.65 35.64
CA HIS D 1062 13.99 -13.05 35.97
C HIS D 1062 15.19 -13.64 36.71
N GLU D 1063 16.40 -13.31 36.28
CA GLU D 1063 17.59 -13.77 37.00
C GLU D 1063 17.60 -13.24 38.42
N LEU D 1064 17.26 -11.96 38.61
CA LEU D 1064 17.23 -11.39 39.95
C LEU D 1064 16.19 -12.08 40.84
N ILE D 1065 15.01 -12.37 40.29
CA ILE D 1065 13.98 -13.04 41.09
C ILE D 1065 14.39 -14.47 41.41
N LYS D 1066 15.03 -15.16 40.47
CA LYS D 1066 15.55 -16.50 40.77
C LYS D 1066 16.58 -16.43 41.88
N LEU D 1067 17.43 -15.40 41.88
CA LEU D 1067 18.38 -15.21 42.98
C LEU D 1067 17.65 -14.96 44.29
N ILE D 1068 16.56 -14.18 44.26
CA ILE D 1068 15.80 -13.91 45.47
C ILE D 1068 15.26 -15.21 46.05
N ILE D 1069 14.70 -16.07 45.19
CA ILE D 1069 14.19 -17.36 45.67
C ILE D 1069 15.33 -18.22 46.19
N GLN D 1070 16.49 -18.16 45.54
CA GLN D 1070 17.61 -19.01 45.92
C GLN D 1070 18.17 -18.61 47.28
N LYS D 1071 18.22 -17.31 47.56
CA LYS D 1071 18.93 -16.83 48.73
C LYS D 1071 18.03 -16.49 49.91
N MET D 1072 16.73 -16.33 49.70
CA MET D 1072 15.84 -16.03 50.81
C MET D 1072 15.76 -17.21 51.77
N GLU D 1073 15.51 -16.93 53.04
CA GLU D 1073 15.41 -17.96 54.06
C GLU D 1073 13.98 -18.10 54.55
N ILE D 1074 13.59 -19.34 54.83
CA ILE D 1074 12.24 -19.67 55.27
C ILE D 1074 12.33 -20.43 56.58
N ILE D 1075 11.70 -19.88 57.62
CA ILE D 1075 11.70 -20.51 58.93
C ILE D 1075 10.32 -20.97 59.37
N SER D 1076 9.23 -20.49 58.74
CA SER D 1076 7.88 -20.84 59.13
C SER D 1076 7.33 -22.00 58.32
N GLU D 1077 7.32 -21.88 56.99
CA GLU D 1077 6.78 -22.91 56.13
C GLU D 1077 7.90 -23.81 55.60
N THR D 1078 8.43 -24.62 56.50
CA THR D 1078 9.42 -25.63 56.15
C THR D 1078 8.79 -26.99 55.85
N GLU D 1079 7.46 -27.07 55.84
CA GLU D 1079 6.73 -28.31 55.59
C GLU D 1079 7.14 -29.40 56.58
#